data_8YTF
# 
_entry.id   8YTF 
# 
_audit_conform.dict_name       mmcif_pdbx.dic 
_audit_conform.dict_version    5.399 
_audit_conform.dict_location   http://mmcif.pdb.org/dictionaries/ascii/mmcif_pdbx.dic 
# 
loop_
_database_2.database_id 
_database_2.database_code 
_database_2.pdbx_database_accession 
_database_2.pdbx_DOI 
PDB   8YTF         pdb_00008ytf 10.2210/pdb8ytf/pdb 
WWPDB D_1300046332 ?            ?                   
# 
loop_
_pdbx_audit_revision_history.ordinal 
_pdbx_audit_revision_history.data_content_type 
_pdbx_audit_revision_history.major_revision 
_pdbx_audit_revision_history.minor_revision 
_pdbx_audit_revision_history.revision_date 
1 'Structure model' 1 0 2024-11-20 
2 'Structure model' 1 1 2024-12-18 
# 
_pdbx_audit_revision_details.ordinal             1 
_pdbx_audit_revision_details.revision_ordinal    1 
_pdbx_audit_revision_details.data_content_type   'Structure model' 
_pdbx_audit_revision_details.provider            repository 
_pdbx_audit_revision_details.type                'Initial release' 
_pdbx_audit_revision_details.description         ? 
_pdbx_audit_revision_details.details             ? 
# 
_pdbx_audit_revision_group.ordinal             1 
_pdbx_audit_revision_group.revision_ordinal    2 
_pdbx_audit_revision_group.data_content_type   'Structure model' 
_pdbx_audit_revision_group.group               'Database references' 
# 
loop_
_pdbx_audit_revision_category.ordinal 
_pdbx_audit_revision_category.revision_ordinal 
_pdbx_audit_revision_category.data_content_type 
_pdbx_audit_revision_category.category 
1 2 'Structure model' citation        
2 2 'Structure model' citation_author 
# 
loop_
_pdbx_audit_revision_item.ordinal 
_pdbx_audit_revision_item.revision_ordinal 
_pdbx_audit_revision_item.data_content_type 
_pdbx_audit_revision_item.item 
1  2 'Structure model' '_citation.country'                 
2  2 'Structure model' '_citation.journal_abbrev'          
3  2 'Structure model' '_citation.journal_id_CSD'          
4  2 'Structure model' '_citation.journal_id_ISSN'         
5  2 'Structure model' '_citation.journal_volume'          
6  2 'Structure model' '_citation.page_first'              
7  2 'Structure model' '_citation.page_last'               
8  2 'Structure model' '_citation.pdbx_database_id_DOI'    
9  2 'Structure model' '_citation.pdbx_database_id_PubMed' 
10 2 'Structure model' '_citation.title'                   
11 2 'Structure model' '_citation.year'                    
# 
_pdbx_database_status.status_code                     REL 
_pdbx_database_status.status_code_sf                  REL 
_pdbx_database_status.status_code_mr                  ? 
_pdbx_database_status.entry_id                        8YTF 
_pdbx_database_status.recvd_initial_deposition_date   2024-03-25 
_pdbx_database_status.SG_entry                        N 
_pdbx_database_status.deposit_site                    PDBJ 
_pdbx_database_status.process_site                    PDBC 
_pdbx_database_status.status_code_cs                  ? 
_pdbx_database_status.status_code_nmr_data            ? 
_pdbx_database_status.methods_development_category    ? 
_pdbx_database_status.pdb_format_compatible           Y 
# 
_pdbx_contact_author.id                 3 
_pdbx_contact_author.email              jpding@sibcb.ac.cn 
_pdbx_contact_author.name_first         Jianping 
_pdbx_contact_author.name_last          Ding 
_pdbx_contact_author.name_mi            ? 
_pdbx_contact_author.role               'principal investigator/group leader' 
_pdbx_contact_author.identifier_ORCID   0000-0001-7029-7346 
# 
loop_
_audit_author.name 
_audit_author.pdbx_ordinal 
_audit_author.identifier_ORCID 
'Wang, G.C.' 1 0009-0001-9825-3617 
'Ding, J.P.' 2 0000-0001-7029-7346 
# 
_citation.abstract                  ? 
_citation.abstract_id_CAS           ? 
_citation.book_id_ISBN              ? 
_citation.book_publisher            ? 
_citation.book_publisher_city       ? 
_citation.book_title                ? 
_citation.coordinate_linkage        ? 
_citation.country                   UK 
_citation.database_id_Medline       ? 
_citation.details                   ? 
_citation.id                        primary 
_citation.journal_abbrev            'Nat Commun' 
_citation.journal_id_ASTM           ? 
_citation.journal_id_CSD            ? 
_citation.journal_id_ISSN           2041-1723 
_citation.journal_full              ? 
_citation.journal_issue             ? 
_citation.journal_volume            15 
_citation.language                  ? 
_citation.page_first                10425 
_citation.page_last                 10425 
_citation.title                     
'IRF2BP2 binds to a conserved RxSVI motif of protein partners and regulates megakaryocytic differentiation.' 
_citation.year                      2024 
_citation.database_id_CSD           ? 
_citation.pdbx_database_id_DOI      10.1038/s41467-024-54889-5 
_citation.pdbx_database_id_PubMed   39616187 
_citation.pdbx_database_id_patent   ? 
_citation.unpublished_flag          ? 
# 
loop_
_citation_author.citation_id 
_citation_author.name 
_citation_author.ordinal 
_citation_author.identifier_ORCID 
primary 'Wang, G.'  1 0009-0001-9825-3617 
primary 'Lu, T.'    2 ?                   
primary 'Zhang, L.' 3 ?                   
primary 'Ding, J.'  4 0000-0001-7029-7346 
# 
loop_
_entity.id 
_entity.type 
_entity.src_method 
_entity.pdbx_description 
_entity.formula_weight 
_entity.pdbx_number_of_molecules 
_entity.pdbx_ec 
_entity.pdbx_mutation 
_entity.pdbx_fragment 
_entity.details 
1 polymer     man 'Interferon regulatory factor 2-binding protein 2' 8867.110 1   ? ? 'RING domain' ? 
2 polymer     syn 'Transcription cofactor vestigial-like protein 4'  847.015  1   ? ? ?             ? 
3 non-polymer syn 'ZINC ION'                                         65.409   3   ? ? ?             ? 
4 water       nat water                                              18.015   128 ? ? ?             ? 
# 
loop_
_entity_name_com.entity_id 
_entity_name_com.name 
1 'IRF-2-binding protein 2,IRF-2BP2' 
2 Vgl-4                              
# 
loop_
_entity_poly.entity_id 
_entity_poly.type 
_entity_poly.nstd_linkage 
_entity_poly.nstd_monomer 
_entity_poly.pdbx_seq_one_letter_code 
_entity_poly.pdbx_seq_one_letter_code_can 
_entity_poly.pdbx_strand_id 
_entity_poly.pdbx_target_identifier 
1 'polypeptide(L)' no no 
;GSLATSAPLCCTLCHERLEDTHFVQCPSVPSHKFCFPCSRQSIKQQGASGEVYCPSGEKCPLVGSNVPWAFMQGEIATIL
AGD
;
;GSLATSAPLCCTLCHERLEDTHFVQCPSVPSHKFCFPCSRQSIKQQGASGEVYCPSGEKCPLVGSNVPWAFMQGEIATIL
AGD
;
A ? 
2 'polypeptide(L)' no no RPSVITCA                                                                               RPSVITCA B ? 
# 
loop_
_pdbx_entity_nonpoly.entity_id 
_pdbx_entity_nonpoly.name 
_pdbx_entity_nonpoly.comp_id 
3 'ZINC ION' ZN  
4 water      HOH 
# 
loop_
_entity_poly_seq.entity_id 
_entity_poly_seq.num 
_entity_poly_seq.mon_id 
_entity_poly_seq.hetero 
1 1  GLY n 
1 2  SER n 
1 3  LEU n 
1 4  ALA n 
1 5  THR n 
1 6  SER n 
1 7  ALA n 
1 8  PRO n 
1 9  LEU n 
1 10 CYS n 
1 11 CYS n 
1 12 THR n 
1 13 LEU n 
1 14 CYS n 
1 15 HIS n 
1 16 GLU n 
1 17 ARG n 
1 18 LEU n 
1 19 GLU n 
1 20 ASP n 
1 21 THR n 
1 22 HIS n 
1 23 PHE n 
1 24 VAL n 
1 25 GLN n 
1 26 CYS n 
1 27 PRO n 
1 28 SER n 
1 29 VAL n 
1 30 PRO n 
1 31 SER n 
1 32 HIS n 
1 33 LYS n 
1 34 PHE n 
1 35 CYS n 
1 36 PHE n 
1 37 PRO n 
1 38 CYS n 
1 39 SER n 
1 40 ARG n 
1 41 GLN n 
1 42 SER n 
1 43 ILE n 
1 44 LYS n 
1 45 GLN n 
1 46 GLN n 
1 47 GLY n 
1 48 ALA n 
1 49 SER n 
1 50 GLY n 
1 51 GLU n 
1 52 VAL n 
1 53 TYR n 
1 54 CYS n 
1 55 PRO n 
1 56 SER n 
1 57 GLY n 
1 58 GLU n 
1 59 LYS n 
1 60 CYS n 
1 61 PRO n 
1 62 LEU n 
1 63 VAL n 
1 64 GLY n 
1 65 SER n 
1 66 ASN n 
1 67 VAL n 
1 68 PRO n 
1 69 TRP n 
1 70 ALA n 
1 71 PHE n 
1 72 MET n 
1 73 GLN n 
1 74 GLY n 
1 75 GLU n 
1 76 ILE n 
1 77 ALA n 
1 78 THR n 
1 79 ILE n 
1 80 LEU n 
1 81 ALA n 
1 82 GLY n 
1 83 ASP n 
2 1  ARG n 
2 2  PRO n 
2 3  SER n 
2 4  VAL n 
2 5  ILE n 
2 6  THR n 
2 7  CYS n 
2 8  ALA n 
# 
_entity_src_gen.entity_id                          1 
_entity_src_gen.pdbx_src_id                        1 
_entity_src_gen.pdbx_alt_source_flag               sample 
_entity_src_gen.pdbx_seq_type                      'Biological sequence' 
_entity_src_gen.pdbx_beg_seq_num                   1 
_entity_src_gen.pdbx_end_seq_num                   83 
_entity_src_gen.gene_src_common_name               human 
_entity_src_gen.gene_src_genus                     ? 
_entity_src_gen.pdbx_gene_src_gene                 IRF2BP2 
_entity_src_gen.gene_src_species                   ? 
_entity_src_gen.gene_src_strain                    ? 
_entity_src_gen.gene_src_tissue                    ? 
_entity_src_gen.gene_src_tissue_fraction           ? 
_entity_src_gen.gene_src_details                   ? 
_entity_src_gen.pdbx_gene_src_fragment             ? 
_entity_src_gen.pdbx_gene_src_scientific_name      'Homo sapiens' 
_entity_src_gen.pdbx_gene_src_ncbi_taxonomy_id     9606 
_entity_src_gen.pdbx_gene_src_variant              ? 
_entity_src_gen.pdbx_gene_src_cell_line            ? 
_entity_src_gen.pdbx_gene_src_atcc                 ? 
_entity_src_gen.pdbx_gene_src_organ                ? 
_entity_src_gen.pdbx_gene_src_organelle            ? 
_entity_src_gen.pdbx_gene_src_cell                 ? 
_entity_src_gen.pdbx_gene_src_cellular_location    ? 
_entity_src_gen.host_org_common_name               ? 
_entity_src_gen.pdbx_host_org_scientific_name      'Escherichia coli' 
_entity_src_gen.pdbx_host_org_ncbi_taxonomy_id     562 
_entity_src_gen.host_org_genus                     ? 
_entity_src_gen.pdbx_host_org_gene                 ? 
_entity_src_gen.pdbx_host_org_organ                ? 
_entity_src_gen.host_org_species                   ? 
_entity_src_gen.pdbx_host_org_tissue               ? 
_entity_src_gen.pdbx_host_org_tissue_fraction      ? 
_entity_src_gen.pdbx_host_org_strain               ? 
_entity_src_gen.pdbx_host_org_variant              ? 
_entity_src_gen.pdbx_host_org_cell_line            ? 
_entity_src_gen.pdbx_host_org_atcc                 ? 
_entity_src_gen.pdbx_host_org_culture_collection   ? 
_entity_src_gen.pdbx_host_org_cell                 ? 
_entity_src_gen.pdbx_host_org_organelle            ? 
_entity_src_gen.pdbx_host_org_cellular_location    ? 
_entity_src_gen.pdbx_host_org_vector_type          ? 
_entity_src_gen.pdbx_host_org_vector               ? 
_entity_src_gen.host_org_details                   ? 
_entity_src_gen.expression_system_id               ? 
_entity_src_gen.plasmid_name                       ? 
_entity_src_gen.plasmid_details                    ? 
_entity_src_gen.pdbx_description                   ? 
# 
_pdbx_entity_src_syn.entity_id              2 
_pdbx_entity_src_syn.pdbx_src_id            1 
_pdbx_entity_src_syn.pdbx_alt_source_flag   sample 
_pdbx_entity_src_syn.pdbx_beg_seq_num       1 
_pdbx_entity_src_syn.pdbx_end_seq_num       8 
_pdbx_entity_src_syn.organism_scientific    'Homo sapiens' 
_pdbx_entity_src_syn.organism_common_name   Human 
_pdbx_entity_src_syn.ncbi_taxonomy_id       9606 
_pdbx_entity_src_syn.details                ? 
# 
loop_
_chem_comp.id 
_chem_comp.type 
_chem_comp.mon_nstd_flag 
_chem_comp.name 
_chem_comp.pdbx_synonyms 
_chem_comp.formula 
_chem_comp.formula_weight 
ALA 'L-peptide linking' y ALANINE         ? 'C3 H7 N O2'     89.093  
ARG 'L-peptide linking' y ARGININE        ? 'C6 H15 N4 O2 1' 175.209 
ASN 'L-peptide linking' y ASPARAGINE      ? 'C4 H8 N2 O3'    132.118 
ASP 'L-peptide linking' y 'ASPARTIC ACID' ? 'C4 H7 N O4'     133.103 
CYS 'L-peptide linking' y CYSTEINE        ? 'C3 H7 N O2 S'   121.158 
GLN 'L-peptide linking' y GLUTAMINE       ? 'C5 H10 N2 O3'   146.144 
GLU 'L-peptide linking' y 'GLUTAMIC ACID' ? 'C5 H9 N O4'     147.129 
GLY 'peptide linking'   y GLYCINE         ? 'C2 H5 N O2'     75.067  
HIS 'L-peptide linking' y HISTIDINE       ? 'C6 H10 N3 O2 1' 156.162 
HOH non-polymer         . WATER           ? 'H2 O'           18.015  
ILE 'L-peptide linking' y ISOLEUCINE      ? 'C6 H13 N O2'    131.173 
LEU 'L-peptide linking' y LEUCINE         ? 'C6 H13 N O2'    131.173 
LYS 'L-peptide linking' y LYSINE          ? 'C6 H15 N2 O2 1' 147.195 
MET 'L-peptide linking' y METHIONINE      ? 'C5 H11 N O2 S'  149.211 
PHE 'L-peptide linking' y PHENYLALANINE   ? 'C9 H11 N O2'    165.189 
PRO 'L-peptide linking' y PROLINE         ? 'C5 H9 N O2'     115.130 
SER 'L-peptide linking' y SERINE          ? 'C3 H7 N O3'     105.093 
THR 'L-peptide linking' y THREONINE       ? 'C4 H9 N O3'     119.119 
TRP 'L-peptide linking' y TRYPTOPHAN      ? 'C11 H12 N2 O2'  204.225 
TYR 'L-peptide linking' y TYROSINE        ? 'C9 H11 N O3'    181.189 
VAL 'L-peptide linking' y VALINE          ? 'C5 H11 N O2'    117.146 
ZN  non-polymer         . 'ZINC ION'      ? 'Zn 2'           65.409  
# 
loop_
_pdbx_poly_seq_scheme.asym_id 
_pdbx_poly_seq_scheme.entity_id 
_pdbx_poly_seq_scheme.seq_id 
_pdbx_poly_seq_scheme.mon_id 
_pdbx_poly_seq_scheme.ndb_seq_num 
_pdbx_poly_seq_scheme.pdb_seq_num 
_pdbx_poly_seq_scheme.auth_seq_num 
_pdbx_poly_seq_scheme.pdb_mon_id 
_pdbx_poly_seq_scheme.auth_mon_id 
_pdbx_poly_seq_scheme.pdb_strand_id 
_pdbx_poly_seq_scheme.pdb_ins_code 
_pdbx_poly_seq_scheme.hetero 
A 1 1  GLY 1  496 ?   ?   ?   A . n 
A 1 2  SER 2  497 497 SER SER A . n 
A 1 3  LEU 3  498 498 LEU LEU A . n 
A 1 4  ALA 4  499 499 ALA ALA A . n 
A 1 5  THR 5  500 500 THR THR A . n 
A 1 6  SER 6  501 501 SER SER A . n 
A 1 7  ALA 7  502 502 ALA ALA A . n 
A 1 8  PRO 8  503 503 PRO PRO A . n 
A 1 9  LEU 9  504 504 LEU LEU A . n 
A 1 10 CYS 10 505 505 CYS CYS A . n 
A 1 11 CYS 11 506 506 CYS CYS A . n 
A 1 12 THR 12 507 507 THR THR A . n 
A 1 13 LEU 13 508 508 LEU LEU A . n 
A 1 14 CYS 14 509 509 CYS CYS A . n 
A 1 15 HIS 15 510 510 HIS HIS A . n 
A 1 16 GLU 16 511 511 GLU GLU A . n 
A 1 17 ARG 17 512 512 ARG ARG A . n 
A 1 18 LEU 18 513 513 LEU LEU A . n 
A 1 19 GLU 19 514 514 GLU GLU A . n 
A 1 20 ASP 20 515 515 ASP ASP A . n 
A 1 21 THR 21 516 516 THR THR A . n 
A 1 22 HIS 22 517 517 HIS HIS A . n 
A 1 23 PHE 23 518 518 PHE PHE A . n 
A 1 24 VAL 24 519 519 VAL VAL A . n 
A 1 25 GLN 25 520 520 GLN GLN A . n 
A 1 26 CYS 26 521 521 CYS CYS A . n 
A 1 27 PRO 27 522 522 PRO PRO A . n 
A 1 28 SER 28 523 523 SER SER A . n 
A 1 29 VAL 29 524 524 VAL VAL A . n 
A 1 30 PRO 30 525 525 PRO PRO A . n 
A 1 31 SER 31 526 526 SER SER A . n 
A 1 32 HIS 32 527 527 HIS HIS A . n 
A 1 33 LYS 33 528 528 LYS LYS A . n 
A 1 34 PHE 34 529 529 PHE PHE A . n 
A 1 35 CYS 35 530 530 CYS CYS A . n 
A 1 36 PHE 36 531 531 PHE PHE A . n 
A 1 37 PRO 37 532 532 PRO PRO A . n 
A 1 38 CYS 38 533 533 CYS CYS A . n 
A 1 39 SER 39 534 534 SER SER A . n 
A 1 40 ARG 40 535 535 ARG ARG A . n 
A 1 41 GLN 41 536 536 GLN GLN A . n 
A 1 42 SER 42 537 537 SER SER A . n 
A 1 43 ILE 43 538 538 ILE ILE A . n 
A 1 44 LYS 44 539 539 LYS LYS A . n 
A 1 45 GLN 45 540 540 GLN GLN A . n 
A 1 46 GLN 46 541 541 GLN GLN A . n 
A 1 47 GLY 47 542 542 GLY GLY A . n 
A 1 48 ALA 48 543 543 ALA ALA A . n 
A 1 49 SER 49 544 544 SER SER A . n 
A 1 50 GLY 50 545 545 GLY GLY A . n 
A 1 51 GLU 51 546 546 GLU GLU A . n 
A 1 52 VAL 52 547 547 VAL VAL A . n 
A 1 53 TYR 53 548 548 TYR TYR A . n 
A 1 54 CYS 54 549 549 CYS CYS A . n 
A 1 55 PRO 55 550 550 PRO PRO A . n 
A 1 56 SER 56 551 551 SER SER A . n 
A 1 57 GLY 57 552 552 GLY GLY A . n 
A 1 58 GLU 58 553 553 GLU GLU A . n 
A 1 59 LYS 59 554 554 LYS LYS A . n 
A 1 60 CYS 60 555 555 CYS CYS A . n 
A 1 61 PRO 61 556 556 PRO PRO A . n 
A 1 62 LEU 62 557 557 LEU LEU A . n 
A 1 63 VAL 63 558 558 VAL VAL A . n 
A 1 64 GLY 64 559 559 GLY GLY A . n 
A 1 65 SER 65 560 560 SER SER A . n 
A 1 66 ASN 66 561 561 ASN ASN A . n 
A 1 67 VAL 67 562 562 VAL VAL A . n 
A 1 68 PRO 68 563 563 PRO PRO A . n 
A 1 69 TRP 69 564 564 TRP TRP A . n 
A 1 70 ALA 70 565 565 ALA ALA A . n 
A 1 71 PHE 71 566 566 PHE PHE A . n 
A 1 72 MET 72 567 567 MET MET A . n 
A 1 73 GLN 73 568 568 GLN GLN A . n 
A 1 74 GLY 74 569 569 GLY GLY A . n 
A 1 75 GLU 75 570 570 GLU GLU A . n 
A 1 76 ILE 76 571 571 ILE ILE A . n 
A 1 77 ALA 77 572 572 ALA ALA A . n 
A 1 78 THR 78 573 573 THR THR A . n 
A 1 79 ILE 79 574 574 ILE ILE A . n 
A 1 80 LEU 80 575 575 LEU LEU A . n 
A 1 81 ALA 81 576 576 ALA ALA A . n 
A 1 82 GLY 82 577 ?   ?   ?   A . n 
A 1 83 ASP 83 578 ?   ?   ?   A . n 
B 2 1  ARG 1  1   1   ARG ARG B . n 
B 2 2  PRO 2  2   2   PRO PRO B . n 
B 2 3  SER 3  3   3   SER SER B . n 
B 2 4  VAL 4  4   4   VAL VAL B . n 
B 2 5  ILE 5  5   5   ILE ILE B . n 
B 2 6  THR 6  6   6   THR THR B . n 
B 2 7  CYS 7  7   ?   ?   ?   B . n 
B 2 8  ALA 8  8   ?   ?   ?   B . n 
# 
_pdbx_entity_instance_feature.ordinal        1 
_pdbx_entity_instance_feature.comp_id        ZN 
_pdbx_entity_instance_feature.asym_id        ? 
_pdbx_entity_instance_feature.seq_num        ? 
_pdbx_entity_instance_feature.auth_comp_id   ZN 
_pdbx_entity_instance_feature.auth_asym_id   ? 
_pdbx_entity_instance_feature.auth_seq_num   ? 
_pdbx_entity_instance_feature.feature_type   'SUBJECT OF INVESTIGATION' 
_pdbx_entity_instance_feature.details        ? 
# 
loop_
_pdbx_nonpoly_scheme.asym_id 
_pdbx_nonpoly_scheme.entity_id 
_pdbx_nonpoly_scheme.mon_id 
_pdbx_nonpoly_scheme.ndb_seq_num 
_pdbx_nonpoly_scheme.pdb_seq_num 
_pdbx_nonpoly_scheme.auth_seq_num 
_pdbx_nonpoly_scheme.pdb_mon_id 
_pdbx_nonpoly_scheme.auth_mon_id 
_pdbx_nonpoly_scheme.pdb_strand_id 
_pdbx_nonpoly_scheme.pdb_ins_code 
C 3 ZN  1   601 1   ZN  ZN  A . 
D 3 ZN  1   602 2   ZN  ZN  A . 
E 3 ZN  1   603 3   ZN  ZN  A . 
F 4 HOH 1   701 80  HOH HOH A . 
F 4 HOH 2   702 66  HOH HOH A . 
F 4 HOH 3   703 56  HOH HOH A . 
F 4 HOH 4   704 28  HOH HOH A . 
F 4 HOH 5   705 67  HOH HOH A . 
F 4 HOH 6   706 51  HOH HOH A . 
F 4 HOH 7   707 9   HOH HOH A . 
F 4 HOH 8   708 33  HOH HOH A . 
F 4 HOH 9   709 99  HOH HOH A . 
F 4 HOH 10  710 14  HOH HOH A . 
F 4 HOH 11  711 6   HOH HOH A . 
F 4 HOH 12  712 2   HOH HOH A . 
F 4 HOH 13  713 4   HOH HOH A . 
F 4 HOH 14  714 11  HOH HOH A . 
F 4 HOH 15  715 39  HOH HOH A . 
F 4 HOH 16  716 36  HOH HOH A . 
F 4 HOH 17  717 5   HOH HOH A . 
F 4 HOH 18  718 8   HOH HOH A . 
F 4 HOH 19  719 85  HOH HOH A . 
F 4 HOH 20  720 3   HOH HOH A . 
F 4 HOH 21  721 7   HOH HOH A . 
F 4 HOH 22  722 89  HOH HOH A . 
F 4 HOH 23  723 23  HOH HOH A . 
F 4 HOH 24  724 69  HOH HOH A . 
F 4 HOH 25  725 12  HOH HOH A . 
F 4 HOH 26  726 16  HOH HOH A . 
F 4 HOH 27  727 93  HOH HOH A . 
F 4 HOH 28  728 1   HOH HOH A . 
F 4 HOH 29  729 15  HOH HOH A . 
F 4 HOH 30  730 110 HOH HOH A . 
F 4 HOH 31  731 71  HOH HOH A . 
F 4 HOH 32  732 37  HOH HOH A . 
F 4 HOH 33  733 79  HOH HOH A . 
F 4 HOH 34  734 77  HOH HOH A . 
F 4 HOH 35  735 86  HOH HOH A . 
F 4 HOH 36  736 121 HOH HOH A . 
F 4 HOH 37  737 48  HOH HOH A . 
F 4 HOH 38  738 96  HOH HOH A . 
F 4 HOH 39  739 128 HOH HOH A . 
F 4 HOH 40  740 122 HOH HOH A . 
F 4 HOH 41  741 25  HOH HOH A . 
F 4 HOH 42  742 98  HOH HOH A . 
F 4 HOH 43  743 35  HOH HOH A . 
F 4 HOH 44  744 76  HOH HOH A . 
F 4 HOH 45  745 47  HOH HOH A . 
F 4 HOH 46  746 17  HOH HOH A . 
F 4 HOH 47  747 70  HOH HOH A . 
F 4 HOH 48  748 123 HOH HOH A . 
F 4 HOH 49  749 55  HOH HOH A . 
F 4 HOH 50  750 31  HOH HOH A . 
F 4 HOH 51  751 82  HOH HOH A . 
F 4 HOH 52  752 43  HOH HOH A . 
F 4 HOH 53  753 94  HOH HOH A . 
F 4 HOH 54  754 40  HOH HOH A . 
F 4 HOH 55  755 20  HOH HOH A . 
F 4 HOH 56  756 65  HOH HOH A . 
F 4 HOH 57  757 68  HOH HOH A . 
F 4 HOH 58  758 120 HOH HOH A . 
F 4 HOH 59  759 10  HOH HOH A . 
F 4 HOH 60  760 34  HOH HOH A . 
F 4 HOH 61  761 42  HOH HOH A . 
F 4 HOH 62  762 83  HOH HOH A . 
F 4 HOH 63  763 27  HOH HOH A . 
F 4 HOH 64  764 44  HOH HOH A . 
F 4 HOH 65  765 18  HOH HOH A . 
F 4 HOH 66  766 46  HOH HOH A . 
F 4 HOH 67  767 13  HOH HOH A . 
F 4 HOH 68  768 49  HOH HOH A . 
F 4 HOH 69  769 78  HOH HOH A . 
F 4 HOH 70  770 125 HOH HOH A . 
F 4 HOH 71  771 62  HOH HOH A . 
F 4 HOH 72  772 75  HOH HOH A . 
F 4 HOH 73  773 109 HOH HOH A . 
F 4 HOH 74  774 19  HOH HOH A . 
F 4 HOH 75  775 72  HOH HOH A . 
F 4 HOH 76  776 60  HOH HOH A . 
F 4 HOH 77  777 88  HOH HOH A . 
F 4 HOH 78  778 105 HOH HOH A . 
F 4 HOH 79  779 104 HOH HOH A . 
F 4 HOH 80  780 102 HOH HOH A . 
F 4 HOH 81  781 101 HOH HOH A . 
F 4 HOH 82  782 119 HOH HOH A . 
F 4 HOH 83  783 87  HOH HOH A . 
F 4 HOH 84  784 108 HOH HOH A . 
F 4 HOH 85  785 45  HOH HOH A . 
F 4 HOH 86  786 91  HOH HOH A . 
F 4 HOH 87  787 107 HOH HOH A . 
F 4 HOH 88  788 112 HOH HOH A . 
F 4 HOH 89  789 97  HOH HOH A . 
F 4 HOH 90  790 114 HOH HOH A . 
F 4 HOH 91  791 57  HOH HOH A . 
F 4 HOH 92  792 73  HOH HOH A . 
F 4 HOH 93  793 54  HOH HOH A . 
F 4 HOH 94  794 100 HOH HOH A . 
F 4 HOH 95  795 30  HOH HOH A . 
F 4 HOH 96  796 118 HOH HOH A . 
F 4 HOH 97  797 113 HOH HOH A . 
F 4 HOH 98  798 59  HOH HOH A . 
F 4 HOH 99  799 92  HOH HOH A . 
F 4 HOH 100 800 103 HOH HOH A . 
F 4 HOH 101 801 52  HOH HOH A . 
F 4 HOH 102 802 90  HOH HOH A . 
F 4 HOH 103 803 95  HOH HOH A . 
F 4 HOH 104 804 106 HOH HOH A . 
F 4 HOH 105 805 74  HOH HOH A . 
F 4 HOH 106 806 111 HOH HOH A . 
F 4 HOH 107 807 29  HOH HOH A . 
F 4 HOH 108 808 63  HOH HOH A . 
F 4 HOH 109 809 38  HOH HOH A . 
F 4 HOH 110 810 84  HOH HOH A . 
F 4 HOH 111 811 126 HOH HOH A . 
F 4 HOH 112 812 117 HOH HOH A . 
F 4 HOH 113 813 127 HOH HOH A . 
F 4 HOH 114 814 50  HOH HOH A . 
F 4 HOH 115 815 116 HOH HOH A . 
F 4 HOH 116 816 61  HOH HOH A . 
F 4 HOH 117 817 64  HOH HOH A . 
F 4 HOH 118 818 115 HOH HOH A . 
F 4 HOH 119 819 53  HOH HOH A . 
F 4 HOH 120 820 58  HOH HOH A . 
F 4 HOH 121 821 41  HOH HOH A . 
F 4 HOH 122 822 124 HOH HOH A . 
F 4 HOH 123 823 26  HOH HOH A . 
G 4 HOH 1   101 24  HOH HOH B . 
G 4 HOH 2   102 32  HOH HOH B . 
G 4 HOH 3   103 22  HOH HOH B . 
G 4 HOH 4   104 21  HOH HOH B . 
G 4 HOH 5   105 81  HOH HOH B . 
# 
loop_
_software.citation_id 
_software.classification 
_software.compiler_name 
_software.compiler_version 
_software.contact_author 
_software.contact_author_email 
_software.date 
_software.description 
_software.dependencies 
_software.hardware 
_software.language 
_software.location 
_software.mods 
_software.name 
_software.os 
_software.os_version 
_software.type 
_software.version 
_software.pdbx_ordinal 
? refinement       ? ? ? ? ? ? ? ? ? ? ? PHENIX   ? ? ? '(1.20.1_4487: ???)' 1 
? 'data scaling'   ? ? ? ? ? ? ? ? ? ? ? HKL-2000 ? ? ? .                    2 
? 'data reduction' ? ? ? ? ? ? ? ? ? ? ? HKL-2000 ? ? ? .                    3 
? phasing          ? ? ? ? ? ? ? ? ? ? ? PHENIX   ? ? ? .                    4 
# 
_cell.angle_alpha                  90.00 
_cell.angle_alpha_esd              ? 
_cell.angle_beta                   90.00 
_cell.angle_beta_esd               ? 
_cell.angle_gamma                  90.00 
_cell.angle_gamma_esd              ? 
_cell.entry_id                     8YTF 
_cell.details                      ? 
_cell.formula_units_Z              ? 
_cell.length_a                     33.372 
_cell.length_a_esd                 ? 
_cell.length_b                     43.209 
_cell.length_b_esd                 ? 
_cell.length_c                     55.761 
_cell.length_c_esd                 ? 
_cell.volume                       ? 
_cell.volume_esd                   ? 
_cell.Z_PDB                        4 
_cell.reciprocal_angle_alpha       ? 
_cell.reciprocal_angle_beta        ? 
_cell.reciprocal_angle_gamma       ? 
_cell.reciprocal_angle_alpha_esd   ? 
_cell.reciprocal_angle_beta_esd    ? 
_cell.reciprocal_angle_gamma_esd   ? 
_cell.reciprocal_length_a          ? 
_cell.reciprocal_length_b          ? 
_cell.reciprocal_length_c          ? 
_cell.reciprocal_length_a_esd      ? 
_cell.reciprocal_length_b_esd      ? 
_cell.reciprocal_length_c_esd      ? 
_cell.pdbx_unique_axis             ? 
_cell.pdbx_esd_method              ? 
# 
_symmetry.entry_id                         8YTF 
_symmetry.cell_setting                     ? 
_symmetry.Int_Tables_number                19 
_symmetry.space_group_name_Hall            ? 
_symmetry.space_group_name_H-M             'P 21 21 21' 
_symmetry.pdbx_full_space_group_name_H-M   ? 
# 
_exptl.absorpt_coefficient_mu     ? 
_exptl.absorpt_correction_T_max   ? 
_exptl.absorpt_correction_T_min   ? 
_exptl.absorpt_correction_type    ? 
_exptl.absorpt_process_details    ? 
_exptl.entry_id                   8YTF 
_exptl.crystals_number            1 
_exptl.details                    ? 
_exptl.method                     'X-RAY DIFFRACTION' 
_exptl.method_details             ? 
# 
_exptl_crystal.colour                       ? 
_exptl_crystal.density_diffrn               ? 
_exptl_crystal.density_Matthews             2.07 
_exptl_crystal.density_method               ? 
_exptl_crystal.density_percent_sol          40.56 
_exptl_crystal.description                  ? 
_exptl_crystal.F_000                        ? 
_exptl_crystal.id                           1 
_exptl_crystal.preparation                  ? 
_exptl_crystal.size_max                     ? 
_exptl_crystal.size_mid                     ? 
_exptl_crystal.size_min                     ? 
_exptl_crystal.size_rad                     ? 
_exptl_crystal.colour_lustre                ? 
_exptl_crystal.colour_modifier              ? 
_exptl_crystal.colour_primary               ? 
_exptl_crystal.density_meas                 ? 
_exptl_crystal.density_meas_esd             ? 
_exptl_crystal.density_meas_gt              ? 
_exptl_crystal.density_meas_lt              ? 
_exptl_crystal.density_meas_temp            ? 
_exptl_crystal.density_meas_temp_esd        ? 
_exptl_crystal.density_meas_temp_gt         ? 
_exptl_crystal.density_meas_temp_lt         ? 
_exptl_crystal.pdbx_crystal_image_url       ? 
_exptl_crystal.pdbx_crystal_image_format    ? 
_exptl_crystal.pdbx_mosaicity               ? 
_exptl_crystal.pdbx_mosaicity_esd           ? 
_exptl_crystal.pdbx_mosaic_method           ? 
_exptl_crystal.pdbx_mosaic_block_size       ? 
_exptl_crystal.pdbx_mosaic_block_size_esd   ? 
# 
_exptl_crystal_grow.apparatus       ? 
_exptl_crystal_grow.atmosphere      ? 
_exptl_crystal_grow.crystal_id      1 
_exptl_crystal_grow.details         ? 
_exptl_crystal_grow.method          'VAPOR DIFFUSION, HANGING DROP' 
_exptl_crystal_grow.method_ref      ? 
_exptl_crystal_grow.pH              ? 
_exptl_crystal_grow.pressure        ? 
_exptl_crystal_grow.pressure_esd    ? 
_exptl_crystal_grow.seeding         ? 
_exptl_crystal_grow.seeding_ref     ? 
_exptl_crystal_grow.temp_details    ? 
_exptl_crystal_grow.temp_esd        ? 
_exptl_crystal_grow.time            ? 
_exptl_crystal_grow.pdbx_details    '20% 2-proponal, 0.1 M MES (pH 6.0) and 20% (w/v) PEG MME 2000' 
_exptl_crystal_grow.pdbx_pH_range   ? 
_exptl_crystal_grow.temp            293 
# 
_diffrn.ambient_environment              ? 
_diffrn.ambient_temp                     100 
_diffrn.ambient_temp_details             ? 
_diffrn.ambient_temp_esd                 ? 
_diffrn.crystal_id                       1 
_diffrn.crystal_support                  ? 
_diffrn.crystal_treatment                ? 
_diffrn.details                          ? 
_diffrn.id                               1 
_diffrn.ambient_pressure                 ? 
_diffrn.ambient_pressure_esd             ? 
_diffrn.ambient_pressure_gt              ? 
_diffrn.ambient_pressure_lt              ? 
_diffrn.ambient_temp_gt                  ? 
_diffrn.ambient_temp_lt                  ? 
_diffrn.pdbx_serial_crystal_experiment   N 
# 
_diffrn_detector.details                      ? 
_diffrn_detector.detector                     PIXEL 
_diffrn_detector.diffrn_id                    1 
_diffrn_detector.type                         'DECTRIS PILATUS3 6M' 
_diffrn_detector.area_resol_mean              ? 
_diffrn_detector.dtime                        ? 
_diffrn_detector.pdbx_frames_total            ? 
_diffrn_detector.pdbx_collection_time_total   ? 
_diffrn_detector.pdbx_collection_date         2021-12-17 
_diffrn_detector.pdbx_frequency               ? 
_diffrn_detector.id                           ? 
_diffrn_detector.number_of_axes               ? 
# 
_diffrn_radiation.collimation                      ? 
_diffrn_radiation.diffrn_id                        1 
_diffrn_radiation.filter_edge                      ? 
_diffrn_radiation.inhomogeneity                    ? 
_diffrn_radiation.monochromator                    ? 
_diffrn_radiation.polarisn_norm                    ? 
_diffrn_radiation.polarisn_ratio                   ? 
_diffrn_radiation.probe                            ? 
_diffrn_radiation.type                             ? 
_diffrn_radiation.xray_symbol                      ? 
_diffrn_radiation.wavelength_id                    1 
_diffrn_radiation.pdbx_monochromatic_or_laue_m_l   M 
_diffrn_radiation.pdbx_wavelength_list             ? 
_diffrn_radiation.pdbx_wavelength                  ? 
_diffrn_radiation.pdbx_diffrn_protocol             'SINGLE WAVELENGTH' 
_diffrn_radiation.pdbx_analyzer                    ? 
_diffrn_radiation.pdbx_scattering_type             x-ray 
# 
_diffrn_radiation_wavelength.id           1 
_diffrn_radiation_wavelength.wavelength   0.9752 
_diffrn_radiation_wavelength.wt           1.0 
# 
_diffrn_source.current                     ? 
_diffrn_source.details                     ? 
_diffrn_source.diffrn_id                   1 
_diffrn_source.power                       ? 
_diffrn_source.size                        ? 
_diffrn_source.source                      SYNCHROTRON 
_diffrn_source.target                      ? 
_diffrn_source.type                        'SSRF BEAMLINE BL18U1' 
_diffrn_source.voltage                     ? 
_diffrn_source.take-off_angle              ? 
_diffrn_source.pdbx_wavelength_list        0.9752 
_diffrn_source.pdbx_wavelength             ? 
_diffrn_source.pdbx_synchrotron_beamline   BL18U1 
_diffrn_source.pdbx_synchrotron_site       SSRF 
# 
_reflns.B_iso_Wilson_estimate                          ? 
_reflns.entry_id                                       8YTF 
_reflns.data_reduction_details                         ? 
_reflns.data_reduction_method                          ? 
_reflns.d_resolution_high                              1.59 
_reflns.d_resolution_low                               50.00 
_reflns.details                                        ? 
_reflns.limit_h_max                                    ? 
_reflns.limit_h_min                                    ? 
_reflns.limit_k_max                                    ? 
_reflns.limit_k_min                                    ? 
_reflns.limit_l_max                                    ? 
_reflns.limit_l_min                                    ? 
_reflns.number_all                                     ? 
_reflns.number_obs                                     11169 
_reflns.observed_criterion                             ? 
_reflns.observed_criterion_F_max                       ? 
_reflns.observed_criterion_F_min                       ? 
_reflns.observed_criterion_I_max                       ? 
_reflns.observed_criterion_I_min                       ? 
_reflns.observed_criterion_sigma_F                     ? 
_reflns.observed_criterion_sigma_I                     ? 
_reflns.percent_possible_obs                           98.9 
_reflns.R_free_details                                 ? 
_reflns.Rmerge_F_all                                   ? 
_reflns.Rmerge_F_obs                                   ? 
_reflns.Friedel_coverage                               ? 
_reflns.number_gt                                      ? 
_reflns.threshold_expression                           ? 
_reflns.pdbx_redundancy                                12.6 
_reflns.pdbx_netI_over_av_sigmaI                       ? 
_reflns.pdbx_netI_over_sigmaI                          5.2 
_reflns.pdbx_res_netI_over_av_sigmaI_2                 ? 
_reflns.pdbx_res_netI_over_sigmaI_2                    ? 
_reflns.pdbx_chi_squared                               0.695 
_reflns.pdbx_scaling_rejects                           ? 
_reflns.pdbx_d_res_high_opt                            ? 
_reflns.pdbx_d_res_low_opt                             ? 
_reflns.pdbx_d_res_opt_method                          ? 
_reflns.phase_calculation_details                      ? 
_reflns.pdbx_Rrim_I_all                                0.088 
_reflns.pdbx_Rpim_I_all                                0.024 
_reflns.pdbx_d_opt                                     ? 
_reflns.pdbx_number_measured_all                       141058 
_reflns.pdbx_diffrn_id                                 1 
_reflns.pdbx_ordinal                                   1 
_reflns.pdbx_CC_half                                   0.998 
_reflns.pdbx_CC_star                                   1.000 
_reflns.pdbx_R_split                                   ? 
_reflns.pdbx_Rmerge_I_obs                              0.085 
_reflns.pdbx_Rmerge_I_all                              ? 
_reflns.pdbx_Rsym_value                                ? 
_reflns.pdbx_CC_split_method                           ? 
_reflns.pdbx_aniso_diffraction_limit_axis_1_ortho[1]   ? 
_reflns.pdbx_aniso_diffraction_limit_axis_1_ortho[2]   ? 
_reflns.pdbx_aniso_diffraction_limit_axis_1_ortho[3]   ? 
_reflns.pdbx_aniso_diffraction_limit_axis_2_ortho[1]   ? 
_reflns.pdbx_aniso_diffraction_limit_axis_2_ortho[2]   ? 
_reflns.pdbx_aniso_diffraction_limit_axis_2_ortho[3]   ? 
_reflns.pdbx_aniso_diffraction_limit_axis_3_ortho[1]   ? 
_reflns.pdbx_aniso_diffraction_limit_axis_3_ortho[2]   ? 
_reflns.pdbx_aniso_diffraction_limit_axis_3_ortho[3]   ? 
_reflns.pdbx_aniso_diffraction_limit_1                 ? 
_reflns.pdbx_aniso_diffraction_limit_2                 ? 
_reflns.pdbx_aniso_diffraction_limit_3                 ? 
_reflns.pdbx_aniso_B_tensor_eigenvector_1_ortho[1]     ? 
_reflns.pdbx_aniso_B_tensor_eigenvector_1_ortho[2]     ? 
_reflns.pdbx_aniso_B_tensor_eigenvector_1_ortho[3]     ? 
_reflns.pdbx_aniso_B_tensor_eigenvector_2_ortho[1]     ? 
_reflns.pdbx_aniso_B_tensor_eigenvector_2_ortho[2]     ? 
_reflns.pdbx_aniso_B_tensor_eigenvector_2_ortho[3]     ? 
_reflns.pdbx_aniso_B_tensor_eigenvector_3_ortho[1]     ? 
_reflns.pdbx_aniso_B_tensor_eigenvector_3_ortho[2]     ? 
_reflns.pdbx_aniso_B_tensor_eigenvector_3_ortho[3]     ? 
_reflns.pdbx_aniso_B_tensor_eigenvalue_1               ? 
_reflns.pdbx_aniso_B_tensor_eigenvalue_2               ? 
_reflns.pdbx_aniso_B_tensor_eigenvalue_3               ? 
_reflns.pdbx_orthogonalization_convention              ? 
_reflns.pdbx_percent_possible_ellipsoidal              ? 
_reflns.pdbx_percent_possible_spherical                ? 
_reflns.pdbx_percent_possible_ellipsoidal_anomalous    ? 
_reflns.pdbx_percent_possible_spherical_anomalous      ? 
_reflns.pdbx_redundancy_anomalous                      ? 
_reflns.pdbx_CC_half_anomalous                         ? 
_reflns.pdbx_absDiff_over_sigma_anomalous              ? 
_reflns.pdbx_percent_possible_anomalous                ? 
_reflns.pdbx_observed_signal_threshold                 ? 
_reflns.pdbx_signal_type                               ? 
_reflns.pdbx_signal_details                            ? 
_reflns.pdbx_signal_software_id                        ? 
# 
loop_
_reflns_shell.d_res_high 
_reflns_shell.d_res_low 
_reflns_shell.meanI_over_sigI_all 
_reflns_shell.meanI_over_sigI_obs 
_reflns_shell.number_measured_all 
_reflns_shell.number_measured_obs 
_reflns_shell.number_possible 
_reflns_shell.number_unique_all 
_reflns_shell.number_unique_obs 
_reflns_shell.percent_possible_obs 
_reflns_shell.Rmerge_F_all 
_reflns_shell.Rmerge_F_obs 
_reflns_shell.meanI_over_sigI_gt 
_reflns_shell.meanI_over_uI_all 
_reflns_shell.meanI_over_uI_gt 
_reflns_shell.number_measured_gt 
_reflns_shell.number_unique_gt 
_reflns_shell.percent_possible_gt 
_reflns_shell.Rmerge_F_gt 
_reflns_shell.Rmerge_I_gt 
_reflns_shell.pdbx_redundancy 
_reflns_shell.pdbx_chi_squared 
_reflns_shell.pdbx_netI_over_sigmaI_all 
_reflns_shell.pdbx_netI_over_sigmaI_obs 
_reflns_shell.pdbx_Rrim_I_all 
_reflns_shell.pdbx_Rpim_I_all 
_reflns_shell.pdbx_rejects 
_reflns_shell.pdbx_ordinal 
_reflns_shell.pdbx_diffrn_id 
_reflns_shell.pdbx_CC_half 
_reflns_shell.pdbx_CC_star 
_reflns_shell.pdbx_R_split 
_reflns_shell.percent_possible_all 
_reflns_shell.Rmerge_I_all 
_reflns_shell.Rmerge_I_obs 
_reflns_shell.pdbx_Rsym_value 
_reflns_shell.pdbx_percent_possible_ellipsoidal 
_reflns_shell.pdbx_percent_possible_spherical 
_reflns_shell.pdbx_percent_possible_ellipsoidal_anomalous 
_reflns_shell.pdbx_percent_possible_spherical_anomalous 
_reflns_shell.pdbx_redundancy_anomalous 
_reflns_shell.pdbx_CC_half_anomalous 
_reflns_shell.pdbx_absDiff_over_sigma_anomalous 
_reflns_shell.pdbx_percent_possible_anomalous 
1.59 1.62  ? ? ? ? ? ? 483 ? ? ? ? ? ? ? ? ? ? ? 12.3 0.567 ? ? 0.341 0.094 ? 1  1 0.975 0.994 ? 92.9  ? 0.327 ? ? ? ? ? ? ? ? ? 
1.62 1.65  ? ? ? ? ? ? 526 ? ? ? ? ? ? ? ? ? ? ? 12.8 0.547 ? ? 0.293 0.079 ? 2  1 0.981 0.995 ? 95.1  ? 0.282 ? ? ? ? ? ? ? ? ? 
1.65 1.68  ? ? ? ? ? ? 539 ? ? ? ? ? ? ? ? ? ? ? 12.7 0.536 ? ? 0.285 0.078 ? 3  1 0.984 0.996 ? 96.8  ? 0.274 ? ? ? ? ? ? ? ? ? 
1.68 1.71  ? ? ? ? ? ? 533 ? ? ? ? ? ? ? ? ? ? ? 12.8 0.563 ? ? 0.252 0.069 ? 4  1 0.988 0.997 ? 98.3  ? 0.242 ? ? ? ? ? ? ? ? ? 
1.71 1.75  ? ? ? ? ? ? 558 ? ? ? ? ? ? ? ? ? ? ? 13.2 0.594 ? ? 0.216 0.059 ? 5  1 0.992 0.998 ? 98.2  ? 0.208 ? ? ? ? ? ? ? ? ? 
1.75 1.79  ? ? ? ? ? ? 545 ? ? ? ? ? ? ? ? ? ? ? 12.9 0.625 ? ? 0.196 0.053 ? 6  1 0.991 0.998 ? 99.8  ? 0.189 ? ? ? ? ? ? ? ? ? 
1.79 1.84  ? ? ? ? ? ? 548 ? ? ? ? ? ? ? ? ? ? ? 13.0 0.614 ? ? 0.187 0.051 ? 7  1 0.992 0.998 ? 99.6  ? 0.180 ? ? ? ? ? ? ? ? ? 
1.84 1.89  ? ? ? ? ? ? 556 ? ? ? ? ? ? ? ? ? ? ? 12.7 0.638 ? ? 0.164 0.045 ? 8  1 0.994 0.998 ? 99.6  ? 0.157 ? ? ? ? ? ? ? ? ? 
1.89 1.94  ? ? ? ? ? ? 565 ? ? ? ? ? ? ? ? ? ? ? 12.0 0.664 ? ? 0.144 0.041 ? 9  1 0.994 0.998 ? 99.8  ? 0.138 ? ? ? ? ? ? ? ? ? 
1.94 2.00  ? ? ? ? ? ? 552 ? ? ? ? ? ? ? ? ? ? ? 11.5 0.689 ? ? 0.141 0.041 ? 10 1 0.995 0.999 ? 99.8  ? 0.135 ? ? ? ? ? ? ? ? ? 
2.00 2.07  ? ? ? ? ? ? 564 ? ? ? ? ? ? ? ? ? ? ? 13.3 0.725 ? ? 0.130 0.035 ? 11 1 0.996 0.999 ? 100.0 ? 0.125 ? ? ? ? ? ? ? ? ? 
2.07 2.16  ? ? ? ? ? ? 559 ? ? ? ? ? ? ? ? ? ? ? 13.4 0.732 ? ? 0.124 0.033 ? 12 1 0.996 0.999 ? 100.0 ? 0.120 ? ? ? ? ? ? ? ? ? 
2.16 2.26  ? ? ? ? ? ? 555 ? ? ? ? ? ? ? ? ? ? ? 13.3 0.734 ? ? 0.104 0.028 ? 13 1 0.997 0.999 ? 99.8  ? 0.100 ? ? ? ? ? ? ? ? ? 
2.26 2.38  ? ? ? ? ? ? 570 ? ? ? ? ? ? ? ? ? ? ? 13.1 0.756 ? ? 0.098 0.027 ? 14 1 0.997 0.999 ? 99.8  ? 0.094 ? ? ? ? ? ? ? ? ? 
2.38 2.52  ? ? ? ? ? ? 562 ? ? ? ? ? ? ? ? ? ? ? 12.8 0.758 ? ? 0.082 0.022 ? 15 1 0.998 0.999 ? 100.0 ? 0.079 ? ? ? ? ? ? ? ? ? 
2.52 2.72  ? ? ? ? ? ? 575 ? ? ? ? ? ? ? ? ? ? ? 12.1 0.756 ? ? 0.077 0.022 ? 16 1 0.998 0.999 ? 100.0 ? 0.074 ? ? ? ? ? ? ? ? ? 
2.72 2.99  ? ? ? ? ? ? 565 ? ? ? ? ? ? ? ? ? ? ? 11.9 0.821 ? ? 0.074 0.021 ? 17 1 0.997 0.999 ? 99.1  ? 0.071 ? ? ? ? ? ? ? ? ? 
2.99 3.43  ? ? ? ? ? ? 582 ? ? ? ? ? ? ? ? ? ? ? 13.2 0.821 ? ? 0.062 0.017 ? 18 1 0.999 1.000 ? 100.0 ? 0.060 ? ? ? ? ? ? ? ? ? 
3.43 4.32  ? ? ? ? ? ? 595 ? ? ? ? ? ? ? ? ? ? ? 12.6 0.879 ? ? 0.057 0.016 ? 19 1 0.998 1.000 ? 100.0 ? 0.054 ? ? ? ? ? ? ? ? ? 
4.32 50.00 ? ? ? ? ? ? 637 ? ? ? ? ? ? ? ? ? ? ? 11.3 0.830 ? ? 0.053 0.015 ? 20 1 0.999 1.000 ? 98.8  ? 0.051 ? ? ? ? ? ? ? ? ? 
# 
_refine.aniso_B[1][1]                            ? 
_refine.aniso_B[1][2]                            ? 
_refine.aniso_B[1][3]                            ? 
_refine.aniso_B[2][2]                            ? 
_refine.aniso_B[2][3]                            ? 
_refine.aniso_B[3][3]                            ? 
_refine.B_iso_max                                ? 
_refine.B_iso_mean                               ? 
_refine.B_iso_min                                ? 
_refine.correlation_coeff_Fo_to_Fc               ? 
_refine.correlation_coeff_Fo_to_Fc_free          ? 
_refine.details                                  ? 
_refine.diff_density_max                         ? 
_refine.diff_density_max_esd                     ? 
_refine.diff_density_min                         ? 
_refine.diff_density_min_esd                     ? 
_refine.diff_density_rms                         ? 
_refine.diff_density_rms_esd                     ? 
_refine.entry_id                                 8YTF 
_refine.pdbx_refine_id                           'X-RAY DIFFRACTION' 
_refine.ls_abs_structure_details                 ? 
_refine.ls_abs_structure_Flack                   ? 
_refine.ls_abs_structure_Flack_esd               ? 
_refine.ls_abs_structure_Rogers                  ? 
_refine.ls_abs_structure_Rogers_esd              ? 
_refine.ls_d_res_high                            1.59 
_refine.ls_d_res_low                             23.43 
_refine.ls_extinction_coef                       ? 
_refine.ls_extinction_coef_esd                   ? 
_refine.ls_extinction_expression                 ? 
_refine.ls_extinction_method                     ? 
_refine.ls_goodness_of_fit_all                   ? 
_refine.ls_goodness_of_fit_all_esd               ? 
_refine.ls_goodness_of_fit_obs                   ? 
_refine.ls_goodness_of_fit_obs_esd               ? 
_refine.ls_hydrogen_treatment                    ? 
_refine.ls_matrix_type                           ? 
_refine.ls_number_constraints                    ? 
_refine.ls_number_parameters                     ? 
_refine.ls_number_reflns_all                     ? 
_refine.ls_number_reflns_obs                     11054 
_refine.ls_number_reflns_R_free                  519 
_refine.ls_number_reflns_R_work                  ? 
_refine.ls_number_restraints                     ? 
_refine.ls_percent_reflns_obs                    98.16 
_refine.ls_percent_reflns_R_free                 4.70 
_refine.ls_R_factor_all                          ? 
_refine.ls_R_factor_obs                          0.1536 
_refine.ls_R_factor_R_free                       0.1727 
_refine.ls_R_factor_R_free_error                 ? 
_refine.ls_R_factor_R_free_error_details         ? 
_refine.ls_R_factor_R_work                       0.1527 
_refine.ls_R_Fsqd_factor_obs                     ? 
_refine.ls_R_I_factor_obs                        ? 
_refine.ls_redundancy_reflns_all                 ? 
_refine.ls_redundancy_reflns_obs                 ? 
_refine.ls_restrained_S_all                      ? 
_refine.ls_restrained_S_obs                      ? 
_refine.ls_shift_over_esd_max                    ? 
_refine.ls_shift_over_esd_mean                   ? 
_refine.ls_structure_factor_coef                 ? 
_refine.ls_weighting_details                     ? 
_refine.ls_weighting_scheme                      ? 
_refine.ls_wR_factor_all                         ? 
_refine.ls_wR_factor_obs                         ? 
_refine.ls_wR_factor_R_free                      ? 
_refine.ls_wR_factor_R_work                      ? 
_refine.occupancy_max                            ? 
_refine.occupancy_min                            ? 
_refine.solvent_model_details                    'FLAT BULK SOLVENT MODEL' 
_refine.solvent_model_param_bsol                 ? 
_refine.solvent_model_param_ksol                 ? 
_refine.pdbx_R_complete                          ? 
_refine.ls_R_factor_gt                           ? 
_refine.ls_goodness_of_fit_gt                    ? 
_refine.ls_goodness_of_fit_ref                   ? 
_refine.ls_shift_over_su_max                     ? 
_refine.ls_shift_over_su_max_lt                  ? 
_refine.ls_shift_over_su_mean                    ? 
_refine.ls_shift_over_su_mean_lt                 ? 
_refine.pdbx_ls_sigma_I                          ? 
_refine.pdbx_ls_sigma_F                          1.41 
_refine.pdbx_ls_sigma_Fsqd                       ? 
_refine.pdbx_data_cutoff_high_absF               ? 
_refine.pdbx_data_cutoff_high_rms_absF           ? 
_refine.pdbx_data_cutoff_low_absF                ? 
_refine.pdbx_isotropic_thermal_model             ? 
_refine.pdbx_ls_cross_valid_method               'FREE R-VALUE' 
_refine.pdbx_method_to_determine_struct          'MOLECULAR REPLACEMENT' 
_refine.pdbx_starting_model                      ? 
_refine.pdbx_stereochemistry_target_values       ML 
_refine.pdbx_R_Free_selection_details            ? 
_refine.pdbx_stereochem_target_val_spec_case     ? 
_refine.pdbx_overall_ESU_R                       ? 
_refine.pdbx_overall_ESU_R_Free                  ? 
_refine.pdbx_solvent_vdw_probe_radii             1.10 
_refine.pdbx_solvent_ion_probe_radii             ? 
_refine.pdbx_solvent_shrinkage_radii             0.90 
_refine.pdbx_real_space_R                        ? 
_refine.pdbx_density_correlation                 ? 
_refine.pdbx_pd_number_of_powder_patterns        ? 
_refine.pdbx_pd_number_of_points                 ? 
_refine.pdbx_pd_meas_number_of_points            ? 
_refine.pdbx_pd_proc_ls_prof_R_factor            ? 
_refine.pdbx_pd_proc_ls_prof_wR_factor           ? 
_refine.pdbx_pd_Marquardt_correlation_coeff      ? 
_refine.pdbx_pd_Fsqrd_R_factor                   ? 
_refine.pdbx_pd_ls_matrix_band_width             ? 
_refine.pdbx_overall_phase_error                 15.30 
_refine.pdbx_overall_SU_R_free_Cruickshank_DPI   ? 
_refine.pdbx_overall_SU_R_free_Blow_DPI          ? 
_refine.pdbx_overall_SU_R_Blow_DPI               ? 
_refine.pdbx_TLS_residual_ADP_flag               ? 
_refine.pdbx_diffrn_id                           1 
_refine.overall_SU_B                             ? 
_refine.overall_SU_ML                            0.08 
_refine.overall_SU_R_Cruickshank_DPI             ? 
_refine.overall_SU_R_free                        ? 
_refine.overall_FOM_free_R_set                   ? 
_refine.overall_FOM_work_R_set                   ? 
_refine.pdbx_average_fsc_overall                 ? 
_refine.pdbx_average_fsc_work                    ? 
_refine.pdbx_average_fsc_free                    ? 
# 
_refine_hist.pdbx_refine_id                   'X-RAY DIFFRACTION' 
_refine_hist.cycle_id                         LAST 
_refine_hist.pdbx_number_atoms_protein        646 
_refine_hist.pdbx_number_atoms_nucleic_acid   0 
_refine_hist.pdbx_number_atoms_ligand         3 
_refine_hist.number_atoms_solvent             128 
_refine_hist.number_atoms_total               777 
_refine_hist.d_res_high                       1.59 
_refine_hist.d_res_low                        23.43 
# 
loop_
_refine_ls_restr.pdbx_refine_id 
_refine_ls_restr.criterion 
_refine_ls_restr.dev_ideal 
_refine_ls_restr.dev_ideal_target 
_refine_ls_restr.number 
_refine_ls_restr.rejects 
_refine_ls_restr.type 
_refine_ls_restr.weight 
_refine_ls_restr.pdbx_restraint_function 
'X-RAY DIFFRACTION' ? 0.007 ? 662 ? f_bond_d           ? ? 
'X-RAY DIFFRACTION' ? 1.064 ? 900 ? f_angle_d          ? ? 
'X-RAY DIFFRACTION' ? 6.291 ? 89  ? f_dihedral_angle_d ? ? 
'X-RAY DIFFRACTION' ? 0.057 ? 102 ? f_chiral_restr     ? ? 
'X-RAY DIFFRACTION' ? 0.011 ? 117 ? f_plane_restr      ? ? 
# 
loop_
_refine_ls_shell.pdbx_refine_id 
_refine_ls_shell.d_res_high 
_refine_ls_shell.d_res_low 
_refine_ls_shell.number_reflns_all 
_refine_ls_shell.number_reflns_obs 
_refine_ls_shell.number_reflns_R_free 
_refine_ls_shell.number_reflns_R_work 
_refine_ls_shell.percent_reflns_obs 
_refine_ls_shell.percent_reflns_R_free 
_refine_ls_shell.R_factor_all 
_refine_ls_shell.R_factor_obs 
_refine_ls_shell.R_factor_R_free_error 
_refine_ls_shell.R_factor_R_work 
_refine_ls_shell.redundancy_reflns_all 
_refine_ls_shell.redundancy_reflns_obs 
_refine_ls_shell.wR_factor_all 
_refine_ls_shell.wR_factor_obs 
_refine_ls_shell.wR_factor_R_free 
_refine_ls_shell.wR_factor_R_work 
_refine_ls_shell.pdbx_R_complete 
_refine_ls_shell.pdbx_total_number_of_bins_used 
_refine_ls_shell.pdbx_phase_error 
_refine_ls_shell.pdbx_fsc_work 
_refine_ls_shell.pdbx_fsc_free 
_refine_ls_shell.R_factor_R_free 
'X-RAY DIFFRACTION' 1.59 1.75  . . 137 2448 95.00  . . . . 0.1398 . . . . . . . . . . . 0.1795 
'X-RAY DIFFRACTION' 1.75 2.01  . . 127 2620 99.00  . . . . 0.1332 . . . . . . . . . . . 0.1630 
'X-RAY DIFFRACTION' 2.01 2.53  . . 135 2661 100.00 . . . . 0.1507 . . . . . . . . . . . 0.1767 
'X-RAY DIFFRACTION' 2.53 23.43 . . 120 2806 99.00  . . . . 0.1640 . . . . . . . . . . . 0.1718 
# 
_struct.entry_id                     8YTF 
_struct.title                        'Crystal structures of human IRF2BP2 RING domain in complex with VGLL4 peptide' 
_struct.pdbx_model_details           ? 
_struct.pdbx_formula_weight          ? 
_struct.pdbx_formula_weight_method   ? 
_struct.pdbx_model_type_details      ? 
_struct.pdbx_CASP_flag               N 
# 
_struct_keywords.entry_id        8YTF 
_struct_keywords.text            'IRF2BP2, RING domain, VGLL4, TRANSCRIPTION' 
_struct_keywords.pdbx_keywords   TRANSCRIPTION 
# 
loop_
_struct_asym.id 
_struct_asym.pdbx_blank_PDB_chainid_flag 
_struct_asym.pdbx_modified 
_struct_asym.entity_id 
_struct_asym.details 
A N N 1 ? 
B N N 2 ? 
C N N 3 ? 
D N N 3 ? 
E N N 3 ? 
F N N 4 ? 
G N N 4 ? 
# 
loop_
_struct_ref.id 
_struct_ref.db_name 
_struct_ref.db_code 
_struct_ref.pdbx_db_accession 
_struct_ref.pdbx_db_isoform 
_struct_ref.entity_id 
_struct_ref.pdbx_seq_one_letter_code 
_struct_ref.pdbx_align_begin 
1 UNP I2BP2_HUMAN Q7Z5L9 ? 1 
;SLATSAPLCCTLCHERLEDTHFVQCPSVPSHKFCFPCSRQSIKQQGASGEVYCPSGEKCPLVGSNVPWAFMQGEIATILA
GD
;
497 
2 UNP VGLL4_HUMAN Q14135 ? 2 RPSVITCA                                                                              161 
# 
loop_
_struct_ref_seq.align_id 
_struct_ref_seq.ref_id 
_struct_ref_seq.pdbx_PDB_id_code 
_struct_ref_seq.pdbx_strand_id 
_struct_ref_seq.seq_align_beg 
_struct_ref_seq.pdbx_seq_align_beg_ins_code 
_struct_ref_seq.seq_align_end 
_struct_ref_seq.pdbx_seq_align_end_ins_code 
_struct_ref_seq.pdbx_db_accession 
_struct_ref_seq.db_align_beg 
_struct_ref_seq.pdbx_db_align_beg_ins_code 
_struct_ref_seq.db_align_end 
_struct_ref_seq.pdbx_db_align_end_ins_code 
_struct_ref_seq.pdbx_auth_seq_align_beg 
_struct_ref_seq.pdbx_auth_seq_align_end 
1 1 8YTF A 2 ? 83 ? Q7Z5L9 497 ? 578 ? 497 578 
2 2 8YTF B 1 ? 8  ? Q14135 161 ? 168 ? 1   8   
# 
_struct_ref_seq_dif.align_id                     1 
_struct_ref_seq_dif.pdbx_pdb_id_code             8YTF 
_struct_ref_seq_dif.mon_id                       GLY 
_struct_ref_seq_dif.pdbx_pdb_strand_id           A 
_struct_ref_seq_dif.seq_num                      1 
_struct_ref_seq_dif.pdbx_pdb_ins_code            ? 
_struct_ref_seq_dif.pdbx_seq_db_name             UNP 
_struct_ref_seq_dif.pdbx_seq_db_accession_code   Q7Z5L9 
_struct_ref_seq_dif.db_mon_id                    ? 
_struct_ref_seq_dif.pdbx_seq_db_seq_num          ? 
_struct_ref_seq_dif.details                      'expression tag' 
_struct_ref_seq_dif.pdbx_auth_seq_num            496 
_struct_ref_seq_dif.pdbx_ordinal                 1 
# 
_pdbx_struct_assembly.id                   1 
_pdbx_struct_assembly.details              author_and_software_defined_assembly 
_pdbx_struct_assembly.method_details       PISA 
_pdbx_struct_assembly.oligomeric_details   dimeric 
_pdbx_struct_assembly.oligomeric_count     2 
# 
loop_
_pdbx_struct_assembly_prop.biol_id 
_pdbx_struct_assembly_prop.type 
_pdbx_struct_assembly_prop.value 
_pdbx_struct_assembly_prop.details 
1 'ABSA (A^2)' 900  ? 
1 MORE         -32  ? 
1 'SSA (A^2)'  5450 ? 
# 
_pdbx_struct_assembly_gen.assembly_id       1 
_pdbx_struct_assembly_gen.oper_expression   1 
_pdbx_struct_assembly_gen.asym_id_list      A,B,C,D,E,F,G 
# 
_pdbx_struct_assembly_auth_evidence.id                     1 
_pdbx_struct_assembly_auth_evidence.assembly_id            1 
_pdbx_struct_assembly_auth_evidence.experimental_support   none 
_pdbx_struct_assembly_auth_evidence.details                ? 
# 
_pdbx_struct_oper_list.id                   1 
_pdbx_struct_oper_list.type                 'identity operation' 
_pdbx_struct_oper_list.name                 1_555 
_pdbx_struct_oper_list.symmetry_operation   x,y,z 
_pdbx_struct_oper_list.matrix[1][1]         1.0000000000 
_pdbx_struct_oper_list.matrix[1][2]         0.0000000000 
_pdbx_struct_oper_list.matrix[1][3]         0.0000000000 
_pdbx_struct_oper_list.vector[1]            0.0000000000 
_pdbx_struct_oper_list.matrix[2][1]         0.0000000000 
_pdbx_struct_oper_list.matrix[2][2]         1.0000000000 
_pdbx_struct_oper_list.matrix[2][3]         0.0000000000 
_pdbx_struct_oper_list.vector[2]            0.0000000000 
_pdbx_struct_oper_list.matrix[3][1]         0.0000000000 
_pdbx_struct_oper_list.matrix[3][2]         0.0000000000 
_pdbx_struct_oper_list.matrix[3][3]         1.0000000000 
_pdbx_struct_oper_list.vector[3]            0.0000000000 
# 
loop_
_struct_conf.conf_type_id 
_struct_conf.id 
_struct_conf.pdbx_PDB_helix_id 
_struct_conf.beg_label_comp_id 
_struct_conf.beg_label_asym_id 
_struct_conf.beg_label_seq_id 
_struct_conf.pdbx_beg_PDB_ins_code 
_struct_conf.end_label_comp_id 
_struct_conf.end_label_asym_id 
_struct_conf.end_label_seq_id 
_struct_conf.pdbx_end_PDB_ins_code 
_struct_conf.beg_auth_comp_id 
_struct_conf.beg_auth_asym_id 
_struct_conf.beg_auth_seq_id 
_struct_conf.end_auth_comp_id 
_struct_conf.end_auth_asym_id 
_struct_conf.end_auth_seq_id 
_struct_conf.pdbx_PDB_helix_class 
_struct_conf.details 
_struct_conf.pdbx_PDB_helix_length 
HELX_P HELX_P1 AA1 CYS A 35 ? GLY A 47 ? CYS A 530 GLY A 542 1 ? 13 
HELX_P HELX_P2 AA2 ALA A 48 ? GLY A 50 ? ALA A 543 GLY A 545 5 ? 3  
HELX_P HELX_P3 AA3 MET A 72 ? ALA A 81 ? MET A 567 ALA A 576 1 ? 10 
# 
_struct_conf_type.id          HELX_P 
_struct_conf_type.criteria    ? 
_struct_conf_type.reference   ? 
# 
loop_
_struct_conn.id 
_struct_conn.conn_type_id 
_struct_conn.pdbx_leaving_atom_flag 
_struct_conn.pdbx_PDB_id 
_struct_conn.ptnr1_label_asym_id 
_struct_conn.ptnr1_label_comp_id 
_struct_conn.ptnr1_label_seq_id 
_struct_conn.ptnr1_label_atom_id 
_struct_conn.pdbx_ptnr1_label_alt_id 
_struct_conn.pdbx_ptnr1_PDB_ins_code 
_struct_conn.pdbx_ptnr1_standard_comp_id 
_struct_conn.ptnr1_symmetry 
_struct_conn.ptnr2_label_asym_id 
_struct_conn.ptnr2_label_comp_id 
_struct_conn.ptnr2_label_seq_id 
_struct_conn.ptnr2_label_atom_id 
_struct_conn.pdbx_ptnr2_label_alt_id 
_struct_conn.pdbx_ptnr2_PDB_ins_code 
_struct_conn.ptnr1_auth_asym_id 
_struct_conn.ptnr1_auth_comp_id 
_struct_conn.ptnr1_auth_seq_id 
_struct_conn.ptnr2_auth_asym_id 
_struct_conn.ptnr2_auth_comp_id 
_struct_conn.ptnr2_auth_seq_id 
_struct_conn.ptnr2_symmetry 
_struct_conn.pdbx_ptnr3_label_atom_id 
_struct_conn.pdbx_ptnr3_label_seq_id 
_struct_conn.pdbx_ptnr3_label_comp_id 
_struct_conn.pdbx_ptnr3_label_asym_id 
_struct_conn.pdbx_ptnr3_label_alt_id 
_struct_conn.pdbx_ptnr3_PDB_ins_code 
_struct_conn.details 
_struct_conn.pdbx_dist_value 
_struct_conn.pdbx_value_order 
_struct_conn.pdbx_role 
metalc1  metalc ? ? A SER 2  N   ? ? ? 1_555 E ZN  . ZN ? ? A SER 497 A ZN  603 1_555 ? ? ? ? ? ? ? 2.036 ? ? 
metalc2  metalc ? ? A SER 2  O   ? ? ? 1_555 E ZN  . ZN ? ? A SER 497 A ZN  603 1_555 ? ? ? ? ? ? ? 2.080 ? ? 
metalc3  metalc ? ? A CYS 11 SG  ? ? ? 1_555 C ZN  . ZN ? ? A CYS 506 A ZN  601 1_555 ? ? ? ? ? ? ? 2.346 ? ? 
metalc4  metalc ? ? A CYS 14 SG  ? ? ? 1_555 C ZN  . ZN ? ? A CYS 509 A ZN  601 1_555 ? ? ? ? ? ? ? 2.335 ? ? 
metalc5  metalc ? ? A HIS 15 NE2 ? ? ? 1_555 E ZN  . ZN ? ? A HIS 510 A ZN  603 1_655 ? ? ? ? ? ? ? 2.190 ? ? 
metalc6  metalc ? ? A CYS 26 SG  ? ? ? 1_555 D ZN  . ZN ? ? A CYS 521 A ZN  602 1_555 ? ? ? ? ? ? ? 2.351 ? ? 
metalc7  metalc ? ? A HIS 32 ND1 ? ? ? 1_555 D ZN  . ZN ? ? A HIS 527 A ZN  602 1_555 ? ? ? ? ? ? ? 2.097 ? ? 
metalc8  metalc ? ? A CYS 35 SG  ? ? ? 1_555 C ZN  . ZN ? ? A CYS 530 A ZN  601 1_555 ? ? ? ? ? ? ? 2.371 ? ? 
metalc9  metalc ? ? A CYS 38 SG  ? ? ? 1_555 C ZN  . ZN ? ? A CYS 533 A ZN  601 1_555 ? ? ? ? ? ? ? 2.274 ? ? 
metalc10 metalc ? ? A CYS 54 SG  ? ? ? 1_555 D ZN  . ZN ? ? A CYS 549 A ZN  602 1_555 ? ? ? ? ? ? ? 2.353 ? ? 
metalc11 metalc ? ? A CYS 60 SG  ? ? ? 1_555 D ZN  . ZN ? ? A CYS 555 A ZN  602 1_555 ? ? ? ? ? ? ? 2.274 ? ? 
metalc12 metalc ? ? E ZN  .  ZN  ? ? ? 1_555 F HOH . O  ? ? A ZN  603 A HOH 741 1_555 ? ? ? ? ? ? ? 2.243 ? ? 
metalc13 metalc ? ? E ZN  .  ZN  ? ? ? 1_555 F HOH . O  ? ? A ZN  603 A HOH 744 1_555 ? ? ? ? ? ? ? 2.094 ? ? 
metalc14 metalc ? ? E ZN  .  ZN  ? ? ? 1_555 F HOH . O  ? ? A ZN  603 A HOH 774 1_555 ? ? ? ? ? ? ? 2.304 ? ? 
# 
_struct_conn_type.id          metalc 
_struct_conn_type.criteria    ? 
_struct_conn_type.reference   ? 
# 
loop_
_pdbx_struct_conn_angle.id 
_pdbx_struct_conn_angle.ptnr1_label_atom_id 
_pdbx_struct_conn_angle.ptnr1_label_alt_id 
_pdbx_struct_conn_angle.ptnr1_label_asym_id 
_pdbx_struct_conn_angle.ptnr1_label_comp_id 
_pdbx_struct_conn_angle.ptnr1_label_seq_id 
_pdbx_struct_conn_angle.ptnr1_auth_atom_id 
_pdbx_struct_conn_angle.ptnr1_auth_asym_id 
_pdbx_struct_conn_angle.ptnr1_auth_comp_id 
_pdbx_struct_conn_angle.ptnr1_auth_seq_id 
_pdbx_struct_conn_angle.ptnr1_PDB_ins_code 
_pdbx_struct_conn_angle.ptnr1_symmetry 
_pdbx_struct_conn_angle.ptnr2_label_atom_id 
_pdbx_struct_conn_angle.ptnr2_label_alt_id 
_pdbx_struct_conn_angle.ptnr2_label_asym_id 
_pdbx_struct_conn_angle.ptnr2_label_comp_id 
_pdbx_struct_conn_angle.ptnr2_label_seq_id 
_pdbx_struct_conn_angle.ptnr2_auth_atom_id 
_pdbx_struct_conn_angle.ptnr2_auth_asym_id 
_pdbx_struct_conn_angle.ptnr2_auth_comp_id 
_pdbx_struct_conn_angle.ptnr2_auth_seq_id 
_pdbx_struct_conn_angle.ptnr2_PDB_ins_code 
_pdbx_struct_conn_angle.ptnr2_symmetry 
_pdbx_struct_conn_angle.ptnr3_label_atom_id 
_pdbx_struct_conn_angle.ptnr3_label_alt_id 
_pdbx_struct_conn_angle.ptnr3_label_asym_id 
_pdbx_struct_conn_angle.ptnr3_label_comp_id 
_pdbx_struct_conn_angle.ptnr3_label_seq_id 
_pdbx_struct_conn_angle.ptnr3_auth_atom_id 
_pdbx_struct_conn_angle.ptnr3_auth_asym_id 
_pdbx_struct_conn_angle.ptnr3_auth_comp_id 
_pdbx_struct_conn_angle.ptnr3_auth_seq_id 
_pdbx_struct_conn_angle.ptnr3_PDB_ins_code 
_pdbx_struct_conn_angle.ptnr3_symmetry 
_pdbx_struct_conn_angle.value 
_pdbx_struct_conn_angle.value_esd 
1  N   ? A SER 2  ? A SER 497 ? 1_555 ZN ? E ZN . ? A ZN 603 ? 1_555 O   ? A SER 2  ? A SER 497 ? 1_555 87.1  ? 
2  N   ? A SER 2  ? A SER 497 ? 1_555 ZN ? E ZN . ? A ZN 603 ? 1_555 NE2 ? A HIS 15 ? A HIS 510 ? 1_555 100.2 ? 
3  O   ? A SER 2  ? A SER 497 ? 1_555 ZN ? E ZN . ? A ZN 603 ? 1_555 NE2 ? A HIS 15 ? A HIS 510 ? 1_555 15.5  ? 
4  N   ? A SER 2  ? A SER 497 ? 1_555 ZN ? E ZN . ? A ZN 603 ? 1_555 O   ? F HOH .  ? A HOH 741 ? 1_555 170.2 ? 
5  O   ? A SER 2  ? A SER 497 ? 1_555 ZN ? E ZN . ? A ZN 603 ? 1_555 O   ? F HOH .  ? A HOH 741 ? 1_555 83.3  ? 
6  NE2 ? A HIS 15 ? A HIS 510 ? 1_555 ZN ? E ZN . ? A ZN 603 ? 1_555 O   ? F HOH .  ? A HOH 741 ? 1_555 70.6  ? 
7  N   ? A SER 2  ? A SER 497 ? 1_555 ZN ? E ZN . ? A ZN 603 ? 1_555 O   ? F HOH .  ? A HOH 744 ? 1_555 94.6  ? 
8  O   ? A SER 2  ? A SER 497 ? 1_555 ZN ? E ZN . ? A ZN 603 ? 1_555 O   ? F HOH .  ? A HOH 744 ? 1_555 88.0  ? 
9  NE2 ? A HIS 15 ? A HIS 510 ? 1_555 ZN ? E ZN . ? A ZN 603 ? 1_555 O   ? F HOH .  ? A HOH 744 ? 1_555 95.1  ? 
10 O   ? F HOH .  ? A HOH 741 ? 1_555 ZN ? E ZN . ? A ZN 603 ? 1_555 O   ? F HOH .  ? A HOH 744 ? 1_555 83.4  ? 
11 N   ? A SER 2  ? A SER 497 ? 1_555 ZN ? E ZN . ? A ZN 603 ? 1_555 O   ? F HOH .  ? A HOH 774 ? 1_555 89.8  ? 
12 O   ? A SER 2  ? A SER 497 ? 1_555 ZN ? E ZN . ? A ZN 603 ? 1_555 O   ? F HOH .  ? A HOH 774 ? 1_555 86.4  ? 
13 NE2 ? A HIS 15 ? A HIS 510 ? 1_555 ZN ? E ZN . ? A ZN 603 ? 1_555 O   ? F HOH .  ? A HOH 774 ? 1_555 78.4  ? 
14 O   ? F HOH .  ? A HOH 741 ? 1_555 ZN ? E ZN . ? A ZN 603 ? 1_555 O   ? F HOH .  ? A HOH 774 ? 1_555 91.3  ? 
15 O   ? F HOH .  ? A HOH 744 ? 1_555 ZN ? E ZN . ? A ZN 603 ? 1_555 O   ? F HOH .  ? A HOH 774 ? 1_555 172.7 ? 
16 SG  ? A CYS 11 ? A CYS 506 ? 1_555 ZN ? C ZN . ? A ZN 601 ? 1_555 SG  ? A CYS 14 ? A CYS 509 ? 1_555 107.3 ? 
17 SG  ? A CYS 11 ? A CYS 506 ? 1_555 ZN ? C ZN . ? A ZN 601 ? 1_555 SG  ? A CYS 35 ? A CYS 530 ? 1_555 116.5 ? 
18 SG  ? A CYS 14 ? A CYS 509 ? 1_555 ZN ? C ZN . ? A ZN 601 ? 1_555 SG  ? A CYS 35 ? A CYS 530 ? 1_555 109.0 ? 
19 SG  ? A CYS 11 ? A CYS 506 ? 1_555 ZN ? C ZN . ? A ZN 601 ? 1_555 SG  ? A CYS 38 ? A CYS 533 ? 1_555 113.0 ? 
20 SG  ? A CYS 14 ? A CYS 509 ? 1_555 ZN ? C ZN . ? A ZN 601 ? 1_555 SG  ? A CYS 38 ? A CYS 533 ? 1_555 109.9 ? 
21 SG  ? A CYS 35 ? A CYS 530 ? 1_555 ZN ? C ZN . ? A ZN 601 ? 1_555 SG  ? A CYS 38 ? A CYS 533 ? 1_555 100.9 ? 
22 SG  ? A CYS 26 ? A CYS 521 ? 1_555 ZN ? D ZN . ? A ZN 602 ? 1_555 ND1 ? A HIS 32 ? A HIS 527 ? 1_555 118.3 ? 
23 SG  ? A CYS 26 ? A CYS 521 ? 1_555 ZN ? D ZN . ? A ZN 602 ? 1_555 SG  ? A CYS 54 ? A CYS 549 ? 1_555 111.5 ? 
24 ND1 ? A HIS 32 ? A HIS 527 ? 1_555 ZN ? D ZN . ? A ZN 602 ? 1_555 SG  ? A CYS 54 ? A CYS 549 ? 1_555 102.9 ? 
25 SG  ? A CYS 26 ? A CYS 521 ? 1_555 ZN ? D ZN . ? A ZN 602 ? 1_555 SG  ? A CYS 60 ? A CYS 555 ? 1_555 110.3 ? 
26 ND1 ? A HIS 32 ? A HIS 527 ? 1_555 ZN ? D ZN . ? A ZN 602 ? 1_555 SG  ? A CYS 60 ? A CYS 555 ? 1_555 103.9 ? 
27 SG  ? A CYS 54 ? A CYS 549 ? 1_555 ZN ? D ZN . ? A ZN 602 ? 1_555 SG  ? A CYS 60 ? A CYS 555 ? 1_555 109.3 ? 
# 
_struct_sheet.id               AA1 
_struct_sheet.type             ? 
_struct_sheet.number_strands   2 
_struct_sheet.details          ? 
# 
_struct_sheet_order.sheet_id     AA1 
_struct_sheet_order.range_id_1   1 
_struct_sheet_order.range_id_2   2 
_struct_sheet_order.offset       ? 
_struct_sheet_order.sense        anti-parallel 
# 
loop_
_struct_sheet_range.sheet_id 
_struct_sheet_range.id 
_struct_sheet_range.beg_label_comp_id 
_struct_sheet_range.beg_label_asym_id 
_struct_sheet_range.beg_label_seq_id 
_struct_sheet_range.pdbx_beg_PDB_ins_code 
_struct_sheet_range.end_label_comp_id 
_struct_sheet_range.end_label_asym_id 
_struct_sheet_range.end_label_seq_id 
_struct_sheet_range.pdbx_end_PDB_ins_code 
_struct_sheet_range.beg_auth_comp_id 
_struct_sheet_range.beg_auth_asym_id 
_struct_sheet_range.beg_auth_seq_id 
_struct_sheet_range.end_auth_comp_id 
_struct_sheet_range.end_auth_asym_id 
_struct_sheet_range.end_auth_seq_id 
AA1 1 VAL A 24 ? GLN A 25 ? VAL A 519 GLN A 520 
AA1 2 LYS A 33 ? PHE A 34 ? LYS A 528 PHE A 529 
# 
_pdbx_struct_sheet_hbond.sheet_id                AA1 
_pdbx_struct_sheet_hbond.range_id_1              1 
_pdbx_struct_sheet_hbond.range_id_2              2 
_pdbx_struct_sheet_hbond.range_1_label_atom_id   N 
_pdbx_struct_sheet_hbond.range_1_label_comp_id   VAL 
_pdbx_struct_sheet_hbond.range_1_label_asym_id   A 
_pdbx_struct_sheet_hbond.range_1_label_seq_id    24 
_pdbx_struct_sheet_hbond.range_1_PDB_ins_code    ? 
_pdbx_struct_sheet_hbond.range_1_auth_atom_id    N 
_pdbx_struct_sheet_hbond.range_1_auth_comp_id    VAL 
_pdbx_struct_sheet_hbond.range_1_auth_asym_id    A 
_pdbx_struct_sheet_hbond.range_1_auth_seq_id     519 
_pdbx_struct_sheet_hbond.range_2_label_atom_id   O 
_pdbx_struct_sheet_hbond.range_2_label_comp_id   PHE 
_pdbx_struct_sheet_hbond.range_2_label_asym_id   A 
_pdbx_struct_sheet_hbond.range_2_label_seq_id    34 
_pdbx_struct_sheet_hbond.range_2_PDB_ins_code    ? 
_pdbx_struct_sheet_hbond.range_2_auth_atom_id    O 
_pdbx_struct_sheet_hbond.range_2_auth_comp_id    PHE 
_pdbx_struct_sheet_hbond.range_2_auth_asym_id    A 
_pdbx_struct_sheet_hbond.range_2_auth_seq_id     529 
# 
_pdbx_entry_details.entry_id                   8YTF 
_pdbx_entry_details.has_ligand_of_interest     Y 
_pdbx_entry_details.compound_details           ? 
_pdbx_entry_details.source_details             ? 
_pdbx_entry_details.nonpolymer_details         ? 
_pdbx_entry_details.sequence_details           ? 
_pdbx_entry_details.has_protein_modification   N 
# 
loop_
_pdbx_validate_close_contact.id 
_pdbx_validate_close_contact.PDB_model_num 
_pdbx_validate_close_contact.auth_atom_id_1 
_pdbx_validate_close_contact.auth_asym_id_1 
_pdbx_validate_close_contact.auth_comp_id_1 
_pdbx_validate_close_contact.auth_seq_id_1 
_pdbx_validate_close_contact.PDB_ins_code_1 
_pdbx_validate_close_contact.label_alt_id_1 
_pdbx_validate_close_contact.auth_atom_id_2 
_pdbx_validate_close_contact.auth_asym_id_2 
_pdbx_validate_close_contact.auth_comp_id_2 
_pdbx_validate_close_contact.auth_seq_id_2 
_pdbx_validate_close_contact.PDB_ins_code_2 
_pdbx_validate_close_contact.label_alt_id_2 
_pdbx_validate_close_contact.dist 
1 1 O A HOH 702 ? ? O A HOH 781 ? ? 1.82 
2 1 O A HOH 780 ? ? O A HOH 815 ? ? 1.89 
3 1 O A HOH 778 ? ? O A HOH 788 ? ? 1.90 
4 1 O A HOH 795 ? ? O A HOH 808 ? ? 1.90 
5 1 O A HOH 773 ? ? O A HOH 784 ? ? 1.91 
6 1 O A HOH 781 ? ? O A HOH 815 ? ? 1.93 
7 1 O A HOH 784 ? ? O A HOH 819 ? ? 2.12 
8 1 O A HOH 751 ? ? O A HOH 798 ? ? 2.19 
# 
loop_
_pdbx_validate_symm_contact.id 
_pdbx_validate_symm_contact.PDB_model_num 
_pdbx_validate_symm_contact.auth_atom_id_1 
_pdbx_validate_symm_contact.auth_asym_id_1 
_pdbx_validate_symm_contact.auth_comp_id_1 
_pdbx_validate_symm_contact.auth_seq_id_1 
_pdbx_validate_symm_contact.PDB_ins_code_1 
_pdbx_validate_symm_contact.label_alt_id_1 
_pdbx_validate_symm_contact.site_symmetry_1 
_pdbx_validate_symm_contact.auth_atom_id_2 
_pdbx_validate_symm_contact.auth_asym_id_2 
_pdbx_validate_symm_contact.auth_comp_id_2 
_pdbx_validate_symm_contact.auth_seq_id_2 
_pdbx_validate_symm_contact.PDB_ins_code_2 
_pdbx_validate_symm_contact.label_alt_id_2 
_pdbx_validate_symm_contact.site_symmetry_2 
_pdbx_validate_symm_contact.dist 
1 1 O A HOH 751 ? ? 1_555 O A HOH 754 ? ? 3_544 1.81 
2 1 O A HOH 742 ? ? 1_555 O A HOH 796 ? ? 3_544 2.05 
# 
_pdbx_validate_torsion.id              1 
_pdbx_validate_torsion.PDB_model_num   1 
_pdbx_validate_torsion.auth_comp_id    THR 
_pdbx_validate_torsion.auth_asym_id    A 
_pdbx_validate_torsion.auth_seq_id     500 
_pdbx_validate_torsion.PDB_ins_code    ? 
_pdbx_validate_torsion.label_alt_id    ? 
_pdbx_validate_torsion.phi             -171.89 
_pdbx_validate_torsion.psi             148.30 
# 
loop_
_pdbx_unobs_or_zero_occ_residues.id 
_pdbx_unobs_or_zero_occ_residues.PDB_model_num 
_pdbx_unobs_or_zero_occ_residues.polymer_flag 
_pdbx_unobs_or_zero_occ_residues.occupancy_flag 
_pdbx_unobs_or_zero_occ_residues.auth_asym_id 
_pdbx_unobs_or_zero_occ_residues.auth_comp_id 
_pdbx_unobs_or_zero_occ_residues.auth_seq_id 
_pdbx_unobs_or_zero_occ_residues.PDB_ins_code 
_pdbx_unobs_or_zero_occ_residues.label_asym_id 
_pdbx_unobs_or_zero_occ_residues.label_comp_id 
_pdbx_unobs_or_zero_occ_residues.label_seq_id 
1 1 Y 1 A GLY 496 ? A GLY 1  
2 1 Y 1 A GLY 577 ? A GLY 82 
3 1 Y 1 A ASP 578 ? A ASP 83 
4 1 Y 1 B CYS 7   ? B CYS 7  
5 1 Y 1 B ALA 8   ? B ALA 8  
# 
loop_
_chem_comp_atom.comp_id 
_chem_comp_atom.atom_id 
_chem_comp_atom.type_symbol 
_chem_comp_atom.pdbx_aromatic_flag 
_chem_comp_atom.pdbx_stereo_config 
_chem_comp_atom.pdbx_ordinal 
ALA N    N  N N 1   
ALA CA   C  N S 2   
ALA C    C  N N 3   
ALA O    O  N N 4   
ALA CB   C  N N 5   
ALA OXT  O  N N 6   
ALA H    H  N N 7   
ALA H2   H  N N 8   
ALA HA   H  N N 9   
ALA HB1  H  N N 10  
ALA HB2  H  N N 11  
ALA HB3  H  N N 12  
ALA HXT  H  N N 13  
ARG N    N  N N 14  
ARG CA   C  N S 15  
ARG C    C  N N 16  
ARG O    O  N N 17  
ARG CB   C  N N 18  
ARG CG   C  N N 19  
ARG CD   C  N N 20  
ARG NE   N  N N 21  
ARG CZ   C  N N 22  
ARG NH1  N  N N 23  
ARG NH2  N  N N 24  
ARG OXT  O  N N 25  
ARG H    H  N N 26  
ARG H2   H  N N 27  
ARG HA   H  N N 28  
ARG HB2  H  N N 29  
ARG HB3  H  N N 30  
ARG HG2  H  N N 31  
ARG HG3  H  N N 32  
ARG HD2  H  N N 33  
ARG HD3  H  N N 34  
ARG HE   H  N N 35  
ARG HH11 H  N N 36  
ARG HH12 H  N N 37  
ARG HH21 H  N N 38  
ARG HH22 H  N N 39  
ARG HXT  H  N N 40  
ASN N    N  N N 41  
ASN CA   C  N S 42  
ASN C    C  N N 43  
ASN O    O  N N 44  
ASN CB   C  N N 45  
ASN CG   C  N N 46  
ASN OD1  O  N N 47  
ASN ND2  N  N N 48  
ASN OXT  O  N N 49  
ASN H    H  N N 50  
ASN H2   H  N N 51  
ASN HA   H  N N 52  
ASN HB2  H  N N 53  
ASN HB3  H  N N 54  
ASN HD21 H  N N 55  
ASN HD22 H  N N 56  
ASN HXT  H  N N 57  
ASP N    N  N N 58  
ASP CA   C  N S 59  
ASP C    C  N N 60  
ASP O    O  N N 61  
ASP CB   C  N N 62  
ASP CG   C  N N 63  
ASP OD1  O  N N 64  
ASP OD2  O  N N 65  
ASP OXT  O  N N 66  
ASP H    H  N N 67  
ASP H2   H  N N 68  
ASP HA   H  N N 69  
ASP HB2  H  N N 70  
ASP HB3  H  N N 71  
ASP HD2  H  N N 72  
ASP HXT  H  N N 73  
CYS N    N  N N 74  
CYS CA   C  N R 75  
CYS C    C  N N 76  
CYS O    O  N N 77  
CYS CB   C  N N 78  
CYS SG   S  N N 79  
CYS OXT  O  N N 80  
CYS H    H  N N 81  
CYS H2   H  N N 82  
CYS HA   H  N N 83  
CYS HB2  H  N N 84  
CYS HB3  H  N N 85  
CYS HG   H  N N 86  
CYS HXT  H  N N 87  
GLN N    N  N N 88  
GLN CA   C  N S 89  
GLN C    C  N N 90  
GLN O    O  N N 91  
GLN CB   C  N N 92  
GLN CG   C  N N 93  
GLN CD   C  N N 94  
GLN OE1  O  N N 95  
GLN NE2  N  N N 96  
GLN OXT  O  N N 97  
GLN H    H  N N 98  
GLN H2   H  N N 99  
GLN HA   H  N N 100 
GLN HB2  H  N N 101 
GLN HB3  H  N N 102 
GLN HG2  H  N N 103 
GLN HG3  H  N N 104 
GLN HE21 H  N N 105 
GLN HE22 H  N N 106 
GLN HXT  H  N N 107 
GLU N    N  N N 108 
GLU CA   C  N S 109 
GLU C    C  N N 110 
GLU O    O  N N 111 
GLU CB   C  N N 112 
GLU CG   C  N N 113 
GLU CD   C  N N 114 
GLU OE1  O  N N 115 
GLU OE2  O  N N 116 
GLU OXT  O  N N 117 
GLU H    H  N N 118 
GLU H2   H  N N 119 
GLU HA   H  N N 120 
GLU HB2  H  N N 121 
GLU HB3  H  N N 122 
GLU HG2  H  N N 123 
GLU HG3  H  N N 124 
GLU HE2  H  N N 125 
GLU HXT  H  N N 126 
GLY N    N  N N 127 
GLY CA   C  N N 128 
GLY C    C  N N 129 
GLY O    O  N N 130 
GLY OXT  O  N N 131 
GLY H    H  N N 132 
GLY H2   H  N N 133 
GLY HA2  H  N N 134 
GLY HA3  H  N N 135 
GLY HXT  H  N N 136 
HIS N    N  N N 137 
HIS CA   C  N S 138 
HIS C    C  N N 139 
HIS O    O  N N 140 
HIS CB   C  N N 141 
HIS CG   C  Y N 142 
HIS ND1  N  Y N 143 
HIS CD2  C  Y N 144 
HIS CE1  C  Y N 145 
HIS NE2  N  Y N 146 
HIS OXT  O  N N 147 
HIS H    H  N N 148 
HIS H2   H  N N 149 
HIS HA   H  N N 150 
HIS HB2  H  N N 151 
HIS HB3  H  N N 152 
HIS HD1  H  N N 153 
HIS HD2  H  N N 154 
HIS HE1  H  N N 155 
HIS HE2  H  N N 156 
HIS HXT  H  N N 157 
HOH O    O  N N 158 
HOH H1   H  N N 159 
HOH H2   H  N N 160 
ILE N    N  N N 161 
ILE CA   C  N S 162 
ILE C    C  N N 163 
ILE O    O  N N 164 
ILE CB   C  N S 165 
ILE CG1  C  N N 166 
ILE CG2  C  N N 167 
ILE CD1  C  N N 168 
ILE OXT  O  N N 169 
ILE H    H  N N 170 
ILE H2   H  N N 171 
ILE HA   H  N N 172 
ILE HB   H  N N 173 
ILE HG12 H  N N 174 
ILE HG13 H  N N 175 
ILE HG21 H  N N 176 
ILE HG22 H  N N 177 
ILE HG23 H  N N 178 
ILE HD11 H  N N 179 
ILE HD12 H  N N 180 
ILE HD13 H  N N 181 
ILE HXT  H  N N 182 
LEU N    N  N N 183 
LEU CA   C  N S 184 
LEU C    C  N N 185 
LEU O    O  N N 186 
LEU CB   C  N N 187 
LEU CG   C  N N 188 
LEU CD1  C  N N 189 
LEU CD2  C  N N 190 
LEU OXT  O  N N 191 
LEU H    H  N N 192 
LEU H2   H  N N 193 
LEU HA   H  N N 194 
LEU HB2  H  N N 195 
LEU HB3  H  N N 196 
LEU HG   H  N N 197 
LEU HD11 H  N N 198 
LEU HD12 H  N N 199 
LEU HD13 H  N N 200 
LEU HD21 H  N N 201 
LEU HD22 H  N N 202 
LEU HD23 H  N N 203 
LEU HXT  H  N N 204 
LYS N    N  N N 205 
LYS CA   C  N S 206 
LYS C    C  N N 207 
LYS O    O  N N 208 
LYS CB   C  N N 209 
LYS CG   C  N N 210 
LYS CD   C  N N 211 
LYS CE   C  N N 212 
LYS NZ   N  N N 213 
LYS OXT  O  N N 214 
LYS H    H  N N 215 
LYS H2   H  N N 216 
LYS HA   H  N N 217 
LYS HB2  H  N N 218 
LYS HB3  H  N N 219 
LYS HG2  H  N N 220 
LYS HG3  H  N N 221 
LYS HD2  H  N N 222 
LYS HD3  H  N N 223 
LYS HE2  H  N N 224 
LYS HE3  H  N N 225 
LYS HZ1  H  N N 226 
LYS HZ2  H  N N 227 
LYS HZ3  H  N N 228 
LYS HXT  H  N N 229 
MET N    N  N N 230 
MET CA   C  N S 231 
MET C    C  N N 232 
MET O    O  N N 233 
MET CB   C  N N 234 
MET CG   C  N N 235 
MET SD   S  N N 236 
MET CE   C  N N 237 
MET OXT  O  N N 238 
MET H    H  N N 239 
MET H2   H  N N 240 
MET HA   H  N N 241 
MET HB2  H  N N 242 
MET HB3  H  N N 243 
MET HG2  H  N N 244 
MET HG3  H  N N 245 
MET HE1  H  N N 246 
MET HE2  H  N N 247 
MET HE3  H  N N 248 
MET HXT  H  N N 249 
PHE N    N  N N 250 
PHE CA   C  N S 251 
PHE C    C  N N 252 
PHE O    O  N N 253 
PHE CB   C  N N 254 
PHE CG   C  Y N 255 
PHE CD1  C  Y N 256 
PHE CD2  C  Y N 257 
PHE CE1  C  Y N 258 
PHE CE2  C  Y N 259 
PHE CZ   C  Y N 260 
PHE OXT  O  N N 261 
PHE H    H  N N 262 
PHE H2   H  N N 263 
PHE HA   H  N N 264 
PHE HB2  H  N N 265 
PHE HB3  H  N N 266 
PHE HD1  H  N N 267 
PHE HD2  H  N N 268 
PHE HE1  H  N N 269 
PHE HE2  H  N N 270 
PHE HZ   H  N N 271 
PHE HXT  H  N N 272 
PRO N    N  N N 273 
PRO CA   C  N S 274 
PRO C    C  N N 275 
PRO O    O  N N 276 
PRO CB   C  N N 277 
PRO CG   C  N N 278 
PRO CD   C  N N 279 
PRO OXT  O  N N 280 
PRO H    H  N N 281 
PRO HA   H  N N 282 
PRO HB2  H  N N 283 
PRO HB3  H  N N 284 
PRO HG2  H  N N 285 
PRO HG3  H  N N 286 
PRO HD2  H  N N 287 
PRO HD3  H  N N 288 
PRO HXT  H  N N 289 
SER N    N  N N 290 
SER CA   C  N S 291 
SER C    C  N N 292 
SER O    O  N N 293 
SER CB   C  N N 294 
SER OG   O  N N 295 
SER OXT  O  N N 296 
SER H    H  N N 297 
SER H2   H  N N 298 
SER HA   H  N N 299 
SER HB2  H  N N 300 
SER HB3  H  N N 301 
SER HG   H  N N 302 
SER HXT  H  N N 303 
THR N    N  N N 304 
THR CA   C  N S 305 
THR C    C  N N 306 
THR O    O  N N 307 
THR CB   C  N R 308 
THR OG1  O  N N 309 
THR CG2  C  N N 310 
THR OXT  O  N N 311 
THR H    H  N N 312 
THR H2   H  N N 313 
THR HA   H  N N 314 
THR HB   H  N N 315 
THR HG1  H  N N 316 
THR HG21 H  N N 317 
THR HG22 H  N N 318 
THR HG23 H  N N 319 
THR HXT  H  N N 320 
TRP N    N  N N 321 
TRP CA   C  N S 322 
TRP C    C  N N 323 
TRP O    O  N N 324 
TRP CB   C  N N 325 
TRP CG   C  Y N 326 
TRP CD1  C  Y N 327 
TRP CD2  C  Y N 328 
TRP NE1  N  Y N 329 
TRP CE2  C  Y N 330 
TRP CE3  C  Y N 331 
TRP CZ2  C  Y N 332 
TRP CZ3  C  Y N 333 
TRP CH2  C  Y N 334 
TRP OXT  O  N N 335 
TRP H    H  N N 336 
TRP H2   H  N N 337 
TRP HA   H  N N 338 
TRP HB2  H  N N 339 
TRP HB3  H  N N 340 
TRP HD1  H  N N 341 
TRP HE1  H  N N 342 
TRP HE3  H  N N 343 
TRP HZ2  H  N N 344 
TRP HZ3  H  N N 345 
TRP HH2  H  N N 346 
TRP HXT  H  N N 347 
TYR N    N  N N 348 
TYR CA   C  N S 349 
TYR C    C  N N 350 
TYR O    O  N N 351 
TYR CB   C  N N 352 
TYR CG   C  Y N 353 
TYR CD1  C  Y N 354 
TYR CD2  C  Y N 355 
TYR CE1  C  Y N 356 
TYR CE2  C  Y N 357 
TYR CZ   C  Y N 358 
TYR OH   O  N N 359 
TYR OXT  O  N N 360 
TYR H    H  N N 361 
TYR H2   H  N N 362 
TYR HA   H  N N 363 
TYR HB2  H  N N 364 
TYR HB3  H  N N 365 
TYR HD1  H  N N 366 
TYR HD2  H  N N 367 
TYR HE1  H  N N 368 
TYR HE2  H  N N 369 
TYR HH   H  N N 370 
TYR HXT  H  N N 371 
VAL N    N  N N 372 
VAL CA   C  N S 373 
VAL C    C  N N 374 
VAL O    O  N N 375 
VAL CB   C  N N 376 
VAL CG1  C  N N 377 
VAL CG2  C  N N 378 
VAL OXT  O  N N 379 
VAL H    H  N N 380 
VAL H2   H  N N 381 
VAL HA   H  N N 382 
VAL HB   H  N N 383 
VAL HG11 H  N N 384 
VAL HG12 H  N N 385 
VAL HG13 H  N N 386 
VAL HG21 H  N N 387 
VAL HG22 H  N N 388 
VAL HG23 H  N N 389 
VAL HXT  H  N N 390 
ZN  ZN   ZN N N 391 
# 
loop_
_chem_comp_bond.comp_id 
_chem_comp_bond.atom_id_1 
_chem_comp_bond.atom_id_2 
_chem_comp_bond.value_order 
_chem_comp_bond.pdbx_aromatic_flag 
_chem_comp_bond.pdbx_stereo_config 
_chem_comp_bond.pdbx_ordinal 
ALA N   CA   sing N N 1   
ALA N   H    sing N N 2   
ALA N   H2   sing N N 3   
ALA CA  C    sing N N 4   
ALA CA  CB   sing N N 5   
ALA CA  HA   sing N N 6   
ALA C   O    doub N N 7   
ALA C   OXT  sing N N 8   
ALA CB  HB1  sing N N 9   
ALA CB  HB2  sing N N 10  
ALA CB  HB3  sing N N 11  
ALA OXT HXT  sing N N 12  
ARG N   CA   sing N N 13  
ARG N   H    sing N N 14  
ARG N   H2   sing N N 15  
ARG CA  C    sing N N 16  
ARG CA  CB   sing N N 17  
ARG CA  HA   sing N N 18  
ARG C   O    doub N N 19  
ARG C   OXT  sing N N 20  
ARG CB  CG   sing N N 21  
ARG CB  HB2  sing N N 22  
ARG CB  HB3  sing N N 23  
ARG CG  CD   sing N N 24  
ARG CG  HG2  sing N N 25  
ARG CG  HG3  sing N N 26  
ARG CD  NE   sing N N 27  
ARG CD  HD2  sing N N 28  
ARG CD  HD3  sing N N 29  
ARG NE  CZ   sing N N 30  
ARG NE  HE   sing N N 31  
ARG CZ  NH1  sing N N 32  
ARG CZ  NH2  doub N N 33  
ARG NH1 HH11 sing N N 34  
ARG NH1 HH12 sing N N 35  
ARG NH2 HH21 sing N N 36  
ARG NH2 HH22 sing N N 37  
ARG OXT HXT  sing N N 38  
ASN N   CA   sing N N 39  
ASN N   H    sing N N 40  
ASN N   H2   sing N N 41  
ASN CA  C    sing N N 42  
ASN CA  CB   sing N N 43  
ASN CA  HA   sing N N 44  
ASN C   O    doub N N 45  
ASN C   OXT  sing N N 46  
ASN CB  CG   sing N N 47  
ASN CB  HB2  sing N N 48  
ASN CB  HB3  sing N N 49  
ASN CG  OD1  doub N N 50  
ASN CG  ND2  sing N N 51  
ASN ND2 HD21 sing N N 52  
ASN ND2 HD22 sing N N 53  
ASN OXT HXT  sing N N 54  
ASP N   CA   sing N N 55  
ASP N   H    sing N N 56  
ASP N   H2   sing N N 57  
ASP CA  C    sing N N 58  
ASP CA  CB   sing N N 59  
ASP CA  HA   sing N N 60  
ASP C   O    doub N N 61  
ASP C   OXT  sing N N 62  
ASP CB  CG   sing N N 63  
ASP CB  HB2  sing N N 64  
ASP CB  HB3  sing N N 65  
ASP CG  OD1  doub N N 66  
ASP CG  OD2  sing N N 67  
ASP OD2 HD2  sing N N 68  
ASP OXT HXT  sing N N 69  
CYS N   CA   sing N N 70  
CYS N   H    sing N N 71  
CYS N   H2   sing N N 72  
CYS CA  C    sing N N 73  
CYS CA  CB   sing N N 74  
CYS CA  HA   sing N N 75  
CYS C   O    doub N N 76  
CYS C   OXT  sing N N 77  
CYS CB  SG   sing N N 78  
CYS CB  HB2  sing N N 79  
CYS CB  HB3  sing N N 80  
CYS SG  HG   sing N N 81  
CYS OXT HXT  sing N N 82  
GLN N   CA   sing N N 83  
GLN N   H    sing N N 84  
GLN N   H2   sing N N 85  
GLN CA  C    sing N N 86  
GLN CA  CB   sing N N 87  
GLN CA  HA   sing N N 88  
GLN C   O    doub N N 89  
GLN C   OXT  sing N N 90  
GLN CB  CG   sing N N 91  
GLN CB  HB2  sing N N 92  
GLN CB  HB3  sing N N 93  
GLN CG  CD   sing N N 94  
GLN CG  HG2  sing N N 95  
GLN CG  HG3  sing N N 96  
GLN CD  OE1  doub N N 97  
GLN CD  NE2  sing N N 98  
GLN NE2 HE21 sing N N 99  
GLN NE2 HE22 sing N N 100 
GLN OXT HXT  sing N N 101 
GLU N   CA   sing N N 102 
GLU N   H    sing N N 103 
GLU N   H2   sing N N 104 
GLU CA  C    sing N N 105 
GLU CA  CB   sing N N 106 
GLU CA  HA   sing N N 107 
GLU C   O    doub N N 108 
GLU C   OXT  sing N N 109 
GLU CB  CG   sing N N 110 
GLU CB  HB2  sing N N 111 
GLU CB  HB3  sing N N 112 
GLU CG  CD   sing N N 113 
GLU CG  HG2  sing N N 114 
GLU CG  HG3  sing N N 115 
GLU CD  OE1  doub N N 116 
GLU CD  OE2  sing N N 117 
GLU OE2 HE2  sing N N 118 
GLU OXT HXT  sing N N 119 
GLY N   CA   sing N N 120 
GLY N   H    sing N N 121 
GLY N   H2   sing N N 122 
GLY CA  C    sing N N 123 
GLY CA  HA2  sing N N 124 
GLY CA  HA3  sing N N 125 
GLY C   O    doub N N 126 
GLY C   OXT  sing N N 127 
GLY OXT HXT  sing N N 128 
HIS N   CA   sing N N 129 
HIS N   H    sing N N 130 
HIS N   H2   sing N N 131 
HIS CA  C    sing N N 132 
HIS CA  CB   sing N N 133 
HIS CA  HA   sing N N 134 
HIS C   O    doub N N 135 
HIS C   OXT  sing N N 136 
HIS CB  CG   sing N N 137 
HIS CB  HB2  sing N N 138 
HIS CB  HB3  sing N N 139 
HIS CG  ND1  sing Y N 140 
HIS CG  CD2  doub Y N 141 
HIS ND1 CE1  doub Y N 142 
HIS ND1 HD1  sing N N 143 
HIS CD2 NE2  sing Y N 144 
HIS CD2 HD2  sing N N 145 
HIS CE1 NE2  sing Y N 146 
HIS CE1 HE1  sing N N 147 
HIS NE2 HE2  sing N N 148 
HIS OXT HXT  sing N N 149 
HOH O   H1   sing N N 150 
HOH O   H2   sing N N 151 
ILE N   CA   sing N N 152 
ILE N   H    sing N N 153 
ILE N   H2   sing N N 154 
ILE CA  C    sing N N 155 
ILE CA  CB   sing N N 156 
ILE CA  HA   sing N N 157 
ILE C   O    doub N N 158 
ILE C   OXT  sing N N 159 
ILE CB  CG1  sing N N 160 
ILE CB  CG2  sing N N 161 
ILE CB  HB   sing N N 162 
ILE CG1 CD1  sing N N 163 
ILE CG1 HG12 sing N N 164 
ILE CG1 HG13 sing N N 165 
ILE CG2 HG21 sing N N 166 
ILE CG2 HG22 sing N N 167 
ILE CG2 HG23 sing N N 168 
ILE CD1 HD11 sing N N 169 
ILE CD1 HD12 sing N N 170 
ILE CD1 HD13 sing N N 171 
ILE OXT HXT  sing N N 172 
LEU N   CA   sing N N 173 
LEU N   H    sing N N 174 
LEU N   H2   sing N N 175 
LEU CA  C    sing N N 176 
LEU CA  CB   sing N N 177 
LEU CA  HA   sing N N 178 
LEU C   O    doub N N 179 
LEU C   OXT  sing N N 180 
LEU CB  CG   sing N N 181 
LEU CB  HB2  sing N N 182 
LEU CB  HB3  sing N N 183 
LEU CG  CD1  sing N N 184 
LEU CG  CD2  sing N N 185 
LEU CG  HG   sing N N 186 
LEU CD1 HD11 sing N N 187 
LEU CD1 HD12 sing N N 188 
LEU CD1 HD13 sing N N 189 
LEU CD2 HD21 sing N N 190 
LEU CD2 HD22 sing N N 191 
LEU CD2 HD23 sing N N 192 
LEU OXT HXT  sing N N 193 
LYS N   CA   sing N N 194 
LYS N   H    sing N N 195 
LYS N   H2   sing N N 196 
LYS CA  C    sing N N 197 
LYS CA  CB   sing N N 198 
LYS CA  HA   sing N N 199 
LYS C   O    doub N N 200 
LYS C   OXT  sing N N 201 
LYS CB  CG   sing N N 202 
LYS CB  HB2  sing N N 203 
LYS CB  HB3  sing N N 204 
LYS CG  CD   sing N N 205 
LYS CG  HG2  sing N N 206 
LYS CG  HG3  sing N N 207 
LYS CD  CE   sing N N 208 
LYS CD  HD2  sing N N 209 
LYS CD  HD3  sing N N 210 
LYS CE  NZ   sing N N 211 
LYS CE  HE2  sing N N 212 
LYS CE  HE3  sing N N 213 
LYS NZ  HZ1  sing N N 214 
LYS NZ  HZ2  sing N N 215 
LYS NZ  HZ3  sing N N 216 
LYS OXT HXT  sing N N 217 
MET N   CA   sing N N 218 
MET N   H    sing N N 219 
MET N   H2   sing N N 220 
MET CA  C    sing N N 221 
MET CA  CB   sing N N 222 
MET CA  HA   sing N N 223 
MET C   O    doub N N 224 
MET C   OXT  sing N N 225 
MET CB  CG   sing N N 226 
MET CB  HB2  sing N N 227 
MET CB  HB3  sing N N 228 
MET CG  SD   sing N N 229 
MET CG  HG2  sing N N 230 
MET CG  HG3  sing N N 231 
MET SD  CE   sing N N 232 
MET CE  HE1  sing N N 233 
MET CE  HE2  sing N N 234 
MET CE  HE3  sing N N 235 
MET OXT HXT  sing N N 236 
PHE N   CA   sing N N 237 
PHE N   H    sing N N 238 
PHE N   H2   sing N N 239 
PHE CA  C    sing N N 240 
PHE CA  CB   sing N N 241 
PHE CA  HA   sing N N 242 
PHE C   O    doub N N 243 
PHE C   OXT  sing N N 244 
PHE CB  CG   sing N N 245 
PHE CB  HB2  sing N N 246 
PHE CB  HB3  sing N N 247 
PHE CG  CD1  doub Y N 248 
PHE CG  CD2  sing Y N 249 
PHE CD1 CE1  sing Y N 250 
PHE CD1 HD1  sing N N 251 
PHE CD2 CE2  doub Y N 252 
PHE CD2 HD2  sing N N 253 
PHE CE1 CZ   doub Y N 254 
PHE CE1 HE1  sing N N 255 
PHE CE2 CZ   sing Y N 256 
PHE CE2 HE2  sing N N 257 
PHE CZ  HZ   sing N N 258 
PHE OXT HXT  sing N N 259 
PRO N   CA   sing N N 260 
PRO N   CD   sing N N 261 
PRO N   H    sing N N 262 
PRO CA  C    sing N N 263 
PRO CA  CB   sing N N 264 
PRO CA  HA   sing N N 265 
PRO C   O    doub N N 266 
PRO C   OXT  sing N N 267 
PRO CB  CG   sing N N 268 
PRO CB  HB2  sing N N 269 
PRO CB  HB3  sing N N 270 
PRO CG  CD   sing N N 271 
PRO CG  HG2  sing N N 272 
PRO CG  HG3  sing N N 273 
PRO CD  HD2  sing N N 274 
PRO CD  HD3  sing N N 275 
PRO OXT HXT  sing N N 276 
SER N   CA   sing N N 277 
SER N   H    sing N N 278 
SER N   H2   sing N N 279 
SER CA  C    sing N N 280 
SER CA  CB   sing N N 281 
SER CA  HA   sing N N 282 
SER C   O    doub N N 283 
SER C   OXT  sing N N 284 
SER CB  OG   sing N N 285 
SER CB  HB2  sing N N 286 
SER CB  HB3  sing N N 287 
SER OG  HG   sing N N 288 
SER OXT HXT  sing N N 289 
THR N   CA   sing N N 290 
THR N   H    sing N N 291 
THR N   H2   sing N N 292 
THR CA  C    sing N N 293 
THR CA  CB   sing N N 294 
THR CA  HA   sing N N 295 
THR C   O    doub N N 296 
THR C   OXT  sing N N 297 
THR CB  OG1  sing N N 298 
THR CB  CG2  sing N N 299 
THR CB  HB   sing N N 300 
THR OG1 HG1  sing N N 301 
THR CG2 HG21 sing N N 302 
THR CG2 HG22 sing N N 303 
THR CG2 HG23 sing N N 304 
THR OXT HXT  sing N N 305 
TRP N   CA   sing N N 306 
TRP N   H    sing N N 307 
TRP N   H2   sing N N 308 
TRP CA  C    sing N N 309 
TRP CA  CB   sing N N 310 
TRP CA  HA   sing N N 311 
TRP C   O    doub N N 312 
TRP C   OXT  sing N N 313 
TRP CB  CG   sing N N 314 
TRP CB  HB2  sing N N 315 
TRP CB  HB3  sing N N 316 
TRP CG  CD1  doub Y N 317 
TRP CG  CD2  sing Y N 318 
TRP CD1 NE1  sing Y N 319 
TRP CD1 HD1  sing N N 320 
TRP CD2 CE2  doub Y N 321 
TRP CD2 CE3  sing Y N 322 
TRP NE1 CE2  sing Y N 323 
TRP NE1 HE1  sing N N 324 
TRP CE2 CZ2  sing Y N 325 
TRP CE3 CZ3  doub Y N 326 
TRP CE3 HE3  sing N N 327 
TRP CZ2 CH2  doub Y N 328 
TRP CZ2 HZ2  sing N N 329 
TRP CZ3 CH2  sing Y N 330 
TRP CZ3 HZ3  sing N N 331 
TRP CH2 HH2  sing N N 332 
TRP OXT HXT  sing N N 333 
TYR N   CA   sing N N 334 
TYR N   H    sing N N 335 
TYR N   H2   sing N N 336 
TYR CA  C    sing N N 337 
TYR CA  CB   sing N N 338 
TYR CA  HA   sing N N 339 
TYR C   O    doub N N 340 
TYR C   OXT  sing N N 341 
TYR CB  CG   sing N N 342 
TYR CB  HB2  sing N N 343 
TYR CB  HB3  sing N N 344 
TYR CG  CD1  doub Y N 345 
TYR CG  CD2  sing Y N 346 
TYR CD1 CE1  sing Y N 347 
TYR CD1 HD1  sing N N 348 
TYR CD2 CE2  doub Y N 349 
TYR CD2 HD2  sing N N 350 
TYR CE1 CZ   doub Y N 351 
TYR CE1 HE1  sing N N 352 
TYR CE2 CZ   sing Y N 353 
TYR CE2 HE2  sing N N 354 
TYR CZ  OH   sing N N 355 
TYR OH  HH   sing N N 356 
TYR OXT HXT  sing N N 357 
VAL N   CA   sing N N 358 
VAL N   H    sing N N 359 
VAL N   H2   sing N N 360 
VAL CA  C    sing N N 361 
VAL CA  CB   sing N N 362 
VAL CA  HA   sing N N 363 
VAL C   O    doub N N 364 
VAL C   OXT  sing N N 365 
VAL CB  CG1  sing N N 366 
VAL CB  CG2  sing N N 367 
VAL CB  HB   sing N N 368 
VAL CG1 HG11 sing N N 369 
VAL CG1 HG12 sing N N 370 
VAL CG1 HG13 sing N N 371 
VAL CG2 HG21 sing N N 372 
VAL CG2 HG22 sing N N 373 
VAL CG2 HG23 sing N N 374 
VAL OXT HXT  sing N N 375 
# 
_pdbx_audit_support.funding_organization   'Chinese Academy of Sciences' 
_pdbx_audit_support.country                China 
_pdbx_audit_support.grant_number           XDB37030305 
_pdbx_audit_support.ordinal                1 
# 
_pdbx_initial_refinement_model.id               1 
_pdbx_initial_refinement_model.entity_id_list   ? 
_pdbx_initial_refinement_model.type             'in silico model' 
_pdbx_initial_refinement_model.source_name      AlphaFold 
_pdbx_initial_refinement_model.accession_code   ? 
_pdbx_initial_refinement_model.details          ? 
# 
_atom_sites.entry_id                    8YTF 
_atom_sites.Cartn_transf_matrix[1][1]   ? 
_atom_sites.Cartn_transf_matrix[1][2]   ? 
_atom_sites.Cartn_transf_matrix[1][3]   ? 
_atom_sites.Cartn_transf_matrix[2][1]   ? 
_atom_sites.Cartn_transf_matrix[2][2]   ? 
_atom_sites.Cartn_transf_matrix[2][3]   ? 
_atom_sites.Cartn_transf_matrix[3][1]   ? 
_atom_sites.Cartn_transf_matrix[3][2]   ? 
_atom_sites.Cartn_transf_matrix[3][3]   ? 
_atom_sites.Cartn_transf_vector[1]      ? 
_atom_sites.Cartn_transf_vector[2]      ? 
_atom_sites.Cartn_transf_vector[3]      ? 
_atom_sites.Cartn_transform_axes        ? 
_atom_sites.fract_transf_matrix[1][1]   -0.02061134 
_atom_sites.fract_transf_matrix[1][2]   -0.00993947 
_atom_sites.fract_transf_matrix[1][3]   -0.01934634 
_atom_sites.fract_transf_matrix[2][1]   0.00814092 
_atom_sites.fract_transf_matrix[2][2]   -0.02153175 
_atom_sites.fract_transf_matrix[2][3]   0.00238903 
_atom_sites.fract_transf_matrix[3][1]   -0.01138671 
_atom_sites.fract_transf_matrix[3][2]   -0.00279959 
_atom_sites.fract_transf_matrix[3][3]   0.01356958 
_atom_sites.fract_transf_vector[1]      -0.241420 
_atom_sites.fract_transf_vector[2]      0.133852 
_atom_sites.fract_transf_vector[3]      -0.226218 
_atom_sites.solution_primary            ? 
_atom_sites.solution_secondary          ? 
_atom_sites.solution_hydrogens          ? 
_atom_sites.special_details             ? 
# 
loop_
_atom_type.symbol 
C  
N  
O  
S  
ZN 
# 
loop_
_atom_site.group_PDB 
_atom_site.id 
_atom_site.type_symbol 
_atom_site.label_atom_id 
_atom_site.label_alt_id 
_atom_site.label_comp_id 
_atom_site.label_asym_id 
_atom_site.label_entity_id 
_atom_site.label_seq_id 
_atom_site.pdbx_PDB_ins_code 
_atom_site.Cartn_x 
_atom_site.Cartn_y 
_atom_site.Cartn_z 
_atom_site.occupancy 
_atom_site.B_iso_or_equiv 
_atom_site.pdbx_formal_charge 
_atom_site.auth_seq_id 
_atom_site.auth_comp_id 
_atom_site.auth_asym_id 
_atom_site.auth_atom_id 
_atom_site.pdbx_PDB_model_num 
ATOM   1   N  N   . SER A 1 2  ? 20.034  17.899  7.565   1.00 11.80 ? 497 SER A N   1 
ATOM   2   C  CA  . SER A 1 2  ? 18.691  17.715  7.015   1.00 13.06 ? 497 SER A CA  1 
ATOM   3   C  C   . SER A 1 2  ? 18.562  17.285  5.596   1.00 13.19 ? 497 SER A C   1 
ATOM   4   O  O   . SER A 1 2  ? 19.525  17.053  4.907   1.00 11.17 ? 497 SER A O   1 
ATOM   5   C  CB  . SER A 1 2  ? 17.961  18.995  7.004   1.00 23.22 ? 497 SER A CB  1 
ATOM   6   O  OG  . SER A 1 2  ? 18.688  19.914  6.183   1.00 35.17 ? 497 SER A OG  1 
ATOM   7   N  N   . LEU A 1 3  ? 17.310  17.356  5.143   1.00 13.28 ? 498 LEU A N   1 
ATOM   8   C  CA  . LEU A 1 3  ? 16.982  16.990  3.775   1.00 11.99 ? 498 LEU A CA  1 
ATOM   9   C  C   . LEU A 1 3  ? 15.764  17.768  3.306   1.00 12.16 ? 498 LEU A C   1 
ATOM   10  O  O   . LEU A 1 3  ? 14.739  17.787  3.999   1.00 12.04 ? 498 LEU A O   1 
ATOM   11  C  CB  . LEU A 1 3  ? 16.705  15.489  3.691   1.00 13.93 ? 498 LEU A CB  1 
ATOM   12  C  CG  . LEU A 1 3  ? 16.486  14.998  2.270   1.00 12.03 ? 498 LEU A CG  1 
ATOM   13  C  CD1 . LEU A 1 3  ? 17.721  15.370  1.468   1.00 27.77 ? 498 LEU A CD1 1 
ATOM   14  C  CD2 . LEU A 1 3  ? 16.185  13.454  2.200   1.00 27.57 ? 498 LEU A CD2 1 
ATOM   15  N  N   . ALA A 1 4  ? 15.870  18.389  2.126   1.00 11.71 ? 499 ALA A N   1 
ATOM   16  C  CA  . ALA A 1 4  ? 14.697  19.013  1.525   1.00 12.02 ? 499 ALA A CA  1 
ATOM   17  C  C   . ALA A 1 4  ? 13.746  17.967  0.972   1.00 14.40 ? 499 ALA A C   1 
ATOM   18  O  O   . ALA A 1 4  ? 12.525  18.158  1.020   1.00 12.21 ? 499 ALA A O   1 
ATOM   19  C  CB  . ALA A 1 4  ? 15.103  19.986  0.418   1.00 15.11 ? 499 ALA A CB  1 
ATOM   20  N  N   . THR A 1 5  ? 14.282  16.861  0.461   1.00 12.99 ? 500 THR A N   1 
ATOM   21  C  CA  . THR A 1 5  ? 13.455  15.823  -0.141  1.00 11.69 ? 500 THR A CA  1 
ATOM   22  C  C   . THR A 1 5  ? 14.324  14.612  -0.446  1.00 11.71 ? 500 THR A C   1 
ATOM   23  O  O   . THR A 1 5  ? 15.521  14.743  -0.725  1.00 13.90 ? 500 THR A O   1 
ATOM   24  C  CB  . THR A 1 5  ? 12.777  16.312  -1.432  1.00 11.92 ? 500 THR A CB  1 
ATOM   25  O  OG1 . THR A 1 5  ? 11.945  15.265  -1.946  1.00 11.96 ? 500 THR A OG1 1 
ATOM   26  C  CG2 . THR A 1 5  ? 13.815  16.702  -2.488  1.00 14.08 ? 500 THR A CG2 1 
ATOM   27  N  N   . SER A 1 6  ? 13.715  13.431  -0.365  1.00 11.42 ? 501 SER A N   1 
ATOM   28  C  CA  . SER A 1 6  ? 14.342  12.237  -0.905  1.00 12.80 ? 501 SER A CA  1 
ATOM   29  C  C   . SER A 1 6  ? 14.173  12.203  -2.421  1.00 12.19 ? 501 SER A C   1 
ATOM   30  O  O   . SER A 1 6  ? 13.427  12.993  -3.007  1.00 13.31 ? 501 SER A O   1 
ATOM   31  C  CB  . SER A 1 6  ? 13.731  10.975  -0.287  1.00 12.67 ? 501 SER A CB  1 
ATOM   32  O  OG  . SER A 1 6  ? 13.884  10.981  1.123   1.00 13.07 ? 501 SER A OG  1 
ATOM   33  N  N   . ALA A 1 7  ? 14.870  11.261  -3.053  1.00 13.37 ? 502 ALA A N   1 
ATOM   34  C  CA  . ALA A 1 7  ? 14.681  11.033  -4.482  1.00 16.15 ? 502 ALA A CA  1 
ATOM   35  C  C   . ALA A 1 7  ? 13.222  10.674  -4.775  1.00 14.07 ? 502 ALA A C   1 
ATOM   36  O  O   . ALA A 1 7  ? 12.549  10.039  -3.952  1.00 12.08 ? 502 ALA A O   1 
ATOM   37  C  CB  . ALA A 1 7  ? 15.602  9.920   -4.978  1.00 17.09 ? 502 ALA A CB  1 
ATOM   38  N  N   . PRO A 1 8  ? 12.710  11.065  -5.944  1.00 13.19 ? 503 PRO A N   1 
ATOM   39  C  CA  . PRO A 1 8  ? 11.273  10.911  -6.205  1.00 11.78 ? 503 PRO A CA  1 
ATOM   40  C  C   . PRO A 1 8  ? 10.824  9.454   -6.223  1.00 13.35 ? 503 PRO A C   1 
ATOM   41  O  O   . PRO A 1 8  ? 11.479  8.579   -6.794  1.00 11.83 ? 503 PRO A O   1 
ATOM   42  C  CB  . PRO A 1 8  ? 11.104  11.562  -7.584  1.00 13.52 ? 503 PRO A CB  1 
ATOM   43  C  CG  . PRO A 1 8  ? 12.123  12.635  -7.589  1.00 19.26 ? 503 PRO A CG  1 
ATOM   44  C  CD  . PRO A 1 8  ? 13.336  11.928  -6.960  1.00 16.09 ? 503 PRO A CD  1 
ATOM   45  N  N   . LEU A 1 9  ? 9.681   9.207   -5.588  1.00 9.96  ? 504 LEU A N   1 
ATOM   46  C  CA  . LEU A 1 9  ? 8.972   7.937   -5.653  1.00 11.69 ? 504 LEU A CA  1 
ATOM   47  C  C   . LEU A 1 9  ? 7.510   8.220   -5.959  1.00 10.19 ? 504 LEU A C   1 
ATOM   48  O  O   . LEU A 1 9  ? 6.947   9.207   -5.471  1.00 11.35 ? 504 LEU A O   1 
ATOM   49  C  CB  . LEU A 1 9  ? 9.086   7.157   -4.343  1.00 9.62  ? 504 LEU A CB  1 
ATOM   50  C  CG  . LEU A 1 9  ? 10.479  6.863   -3.794  1.00 11.03 ? 504 LEU A CG  1 
ATOM   51  C  CD1 . LEU A 1 9  ? 10.345  6.244   -2.416  1.00 12.80 ? 504 LEU A CD1 1 
ATOM   52  C  CD2 . LEU A 1 9  ? 11.227  5.943   -4.750  1.00 13.09 ? 504 LEU A CD2 1 
ATOM   53  N  N   . CYS A 1 10 ? 6.884   7.335   -6.738  1.00 10.15 ? 505 CYS A N   1 
ATOM   54  C  CA  . CYS A 1 10 ? 5.644   7.689   -7.406  1.00 10.82 ? 505 CYS A CA  1 
ATOM   55  C  C   . CYS A 1 10 ? 4.590   6.615   -7.141  1.00 11.72 ? 505 CYS A C   1 
ATOM   56  O  O   . CYS A 1 10 ? 4.915   5.423   -7.074  1.00 11.55 ? 505 CYS A O   1 
ATOM   57  C  CB  . CYS A 1 10 ? 5.942   7.800   -8.889  1.00 15.98 ? 505 CYS A CB  1 
ATOM   58  S  SG  . CYS A 1 10 ? 6.596   9.454   -9.303  1.00 17.68 ? 505 CYS A SG  1 
ATOM   59  N  N   . CYS A 1 11 ? 3.325   7.031   -6.970  1.00 8.49  ? 506 CYS A N   1 
ATOM   60  C  CA  . CYS A 1 11 ? 2.244   6.061   -6.796  1.00 9.64  ? 506 CYS A CA  1 
ATOM   61  C  C   . CYS A 1 11 ? 2.116   5.190   -8.041  1.00 10.27 ? 506 CYS A C   1 
ATOM   62  O  O   . CYS A 1 11 ? 2.093   5.687   -9.173  1.00 11.40 ? 506 CYS A O   1 
ATOM   63  C  CB  . CYS A 1 11 ? 0.910   6.761   -6.507  1.00 9.57  ? 506 CYS A CB  1 
ATOM   64  S  SG  . CYS A 1 11 ? -0.506  5.625   -6.322  1.00 8.42  ? 506 CYS A SG  1 
ATOM   65  N  N   . THR A 1 12 ? 2.025   3.878   -7.816  1.00 7.93  ? 507 THR A N   1 
ATOM   66  C  CA  . THR A 1 12 ? 1.912   2.919   -8.906  1.00 10.22 ? 507 THR A CA  1 
ATOM   67  C  C   . THR A 1 12 ? 0.686   3.186   -9.768  1.00 10.86 ? 507 THR A C   1 
ATOM   68  O  O   . THR A 1 12 ? 0.727   2.975   -10.989 1.00 11.40 ? 507 THR A O   1 
ATOM   69  C  CB  . THR A 1 12 ? 1.875   1.513   -8.298  1.00 9.90  ? 507 THR A CB  1 
ATOM   70  O  OG1 . THR A 1 12 ? 3.131   1.245   -7.673  1.00 8.97  ? 507 THR A OG1 1 
ATOM   71  C  CG2 . THR A 1 12 ? 1.593   0.432   -9.341  1.00 11.14 ? 507 THR A CG2 1 
ATOM   72  N  N   . LEU A 1 13 ? -0.401  3.669   -9.163  1.00 10.37 ? 508 LEU A N   1 
ATOM   73  C  CA  . LEU A 1 13 ? -1.673  3.778   -9.868  1.00 7.37  ? 508 LEU A CA  1 
ATOM   74  C  C   . LEU A 1 13 ? -1.962  5.180   -10.388 1.00 10.61 ? 508 LEU A C   1 
ATOM   75  O  O   . LEU A 1 13 ? -2.463  5.314   -11.502 1.00 11.09 ? 508 LEU A O   1 
ATOM   76  C  CB  . LEU A 1 13 ? -2.819  3.310   -8.955  1.00 8.68  ? 508 LEU A CB  1 
ATOM   77  C  CG  . LEU A 1 13 ? -2.620  1.894   -8.396  1.00 10.13 ? 508 LEU A CG  1 
ATOM   78  C  CD1 . LEU A 1 13 ? -3.718  1.555   -7.404  1.00 11.03 ? 508 LEU A CD1 1 
ATOM   79  C  CD2 . LEU A 1 13 ? -2.586  0.818   -9.482  1.00 10.28 ? 508 LEU A CD2 1 
ATOM   80  N  N   . CYS A 1 14 ? -1.649  6.235   -9.637  1.00 9.27  ? 509 CYS A N   1 
ATOM   81  C  CA  . CYS A 1 14 ? -1.953  7.592   -10.081 1.00 9.59  ? 509 CYS A CA  1 
ATOM   82  C  C   . CYS A 1 14 ? -0.728  8.426   -10.424 1.00 10.85 ? 509 CYS A C   1 
ATOM   83  O  O   . CYS A 1 14 ? -0.888  9.542   -10.931 1.00 10.38 ? 509 CYS A O   1 
ATOM   84  C  CB  . CYS A 1 14 ? -2.788  8.331   -9.026  1.00 9.14  ? 509 CYS A CB  1 
ATOM   85  S  SG  . CYS A 1 14 ? -1.856  8.898   -7.616  1.00 9.29  ? 509 CYS A SG  1 
ATOM   86  N  N   . HIS A 1 15 ? 0.476   7.922   -10.158 1.00 8.89  ? 510 HIS A N   1 
ATOM   87  C  CA  . HIS A 1 15 ? 1.764   8.516   -10.530 1.00 10.55 ? 510 HIS A CA  1 
ATOM   88  C  C   . HIS A 1 15 ? 2.145   9.730   -9.696  1.00 10.62 ? 510 HIS A C   1 
ATOM   89  O  O   . HIS A 1 15 ? 3.146   10.382  -10.000 1.00 12.93 ? 510 HIS A O   1 
ATOM   90  C  CB  . HIS A 1 15 ? 1.785   8.905   -12.012 1.00 12.36 ? 510 HIS A CB  1 
ATOM   91  C  CG  . HIS A 1 15 ? 1.224   7.844   -12.898 1.00 12.01 ? 510 HIS A CG  1 
ATOM   92  N  ND1 . HIS A 1 15 ? 1.700   6.551   -12.902 1.00 12.43 ? 510 HIS A ND1 1 
ATOM   93  C  CD2 . HIS A 1 15 ? 0.196   7.872   -13.778 1.00 13.95 ? 510 HIS A CD2 1 
ATOM   94  C  CE1 . HIS A 1 15 ? 1.001   5.828   -13.754 1.00 14.56 ? 510 HIS A CE1 1 
ATOM   95  N  NE2 . HIS A 1 15 ? 0.084   6.607   -14.294 1.00 13.66 ? 510 HIS A NE2 1 
ATOM   96  N  N   . GLU A 1 16 ? 1.396   10.042  -8.647  1.00 11.51 ? 511 GLU A N   1 
ATOM   97  C  CA  . GLU A 1 16 ? 1.708   11.199  -7.829  1.00 12.77 ? 511 GLU A CA  1 
ATOM   98  C  C   . GLU A 1 16 ? 2.938   10.926  -6.974  1.00 11.93 ? 511 GLU A C   1 
ATOM   99  O  O   . GLU A 1 16 ? 3.198   9.797   -6.555  1.00 11.31 ? 511 GLU A O   1 
ATOM   100 C  CB  . GLU A 1 16 ? 0.512   11.547  -6.953  1.00 16.42 ? 511 GLU A CB  1 
ATOM   101 C  CG  . GLU A 1 16 ? 0.650   12.840  -6.186  1.00 22.21 ? 511 GLU A CG  1 
ATOM   102 C  CD  . GLU A 1 16 ? -0.543  13.734  -6.429  1.00 35.18 ? 511 GLU A CD  1 
ATOM   103 O  OE1 . GLU A 1 16 ? -1.665  13.194  -6.585  1.00 33.17 ? 511 GLU A OE1 1 
ATOM   104 O  OE2 . GLU A 1 16 ? -0.361  14.970  -6.490  1.00 40.74 ? 511 GLU A OE2 1 
ATOM   105 N  N   . ARG A 1 17 ? 3.708   11.981  -6.723  1.00 11.95 ? 512 ARG A N   1 
ATOM   106 C  CA  . ARG A 1 17 ? 4.864   11.848  -5.847  1.00 13.19 ? 512 ARG A CA  1 
ATOM   107 C  C   . ARG A 1 17 ? 4.410   11.446  -4.454  1.00 11.89 ? 512 ARG A C   1 
ATOM   108 O  O   . ARG A 1 17 ? 3.442   11.999  -3.919  1.00 12.81 ? 512 ARG A O   1 
ATOM   109 C  CB  . ARG A 1 17 ? 5.633   13.165  -5.779  1.00 17.90 ? 512 ARG A CB  1 
ATOM   110 C  CG  . ARG A 1 17 ? 6.230   13.666  -7.094  1.00 23.21 ? 512 ARG A CG  1 
ATOM   111 C  CD  . ARG A 1 17 ? 7.671   13.243  -7.241  1.00 24.19 ? 512 ARG A CD  1 
ATOM   112 N  NE  . ARG A 1 17 ? 8.523   13.782  -6.180  1.00 19.43 ? 512 ARG A NE  1 
ATOM   113 C  CZ  . ARG A 1 17 ? 9.319   14.840  -6.283  1.00 19.81 ? 512 ARG A CZ  1 
ATOM   114 N  NH1 . ARG A 1 17 ? 9.352   15.585  -7.376  1.00 23.38 ? 512 ARG A NH1 1 
ATOM   115 N  NH2 . ARG A 1 17 ? 10.122  15.147  -5.267  1.00 16.08 ? 512 ARG A NH2 1 
ATOM   116 N  N   . LEU A 1 18 ? 5.098   10.474  -3.866  1.00 9.24  ? 513 LEU A N   1 
ATOM   117 C  CA  . LEU A 1 18 ? 4.790   10.098  -2.494  1.00 9.76  ? 513 LEU A CA  1 
ATOM   118 C  C   . LEU A 1 18 ? 6.015   9.849   -1.621  1.00 10.21 ? 513 LEU A C   1 
ATOM   119 O  O   . LEU A 1 18 ? 5.848   9.440   -0.472  1.00 10.11 ? 513 LEU A O   1 
ATOM   120 C  CB  . LEU A 1 18 ? 3.859   8.861   -2.470  1.00 11.07 ? 513 LEU A CB  1 
ATOM   121 C  CG  . LEU A 1 18 ? 4.098   7.679   -3.412  1.00 9.46  ? 513 LEU A CG  1 
ATOM   122 C  CD1 . LEU A 1 18 ? 5.418   6.951   -3.115  1.00 9.52  ? 513 LEU A CD1 1 
ATOM   123 C  CD2 . LEU A 1 18 ? 2.936   6.713   -3.271  1.00 10.59 ? 513 LEU A CD2 1 
ATOM   124 N  N   . GLU A 1 19 ? 7.229   10.070  -2.111  1.00 10.37 ? 514 GLU A N   1 
ATOM   125 C  CA  . GLU A 1 19 ? 8.371   9.929   -1.212  1.00 9.55  ? 514 GLU A CA  1 
ATOM   126 C  C   . GLU A 1 19 ? 8.235   10.909  -0.049  1.00 9.56  ? 514 GLU A C   1 
ATOM   127 O  O   . GLU A 1 19 ? 7.685   12.005  -0.192  1.00 10.58 ? 514 GLU A O   1 
ATOM   128 C  CB  . GLU A 1 19 ? 9.686   10.142  -1.966  1.00 10.46 ? 514 GLU A CB  1 
ATOM   129 C  CG  . GLU A 1 19 ? 10.083  11.606  -2.225  1.00 9.37  ? 514 GLU A CG  1 
ATOM   130 C  CD  . GLU A 1 19 ? 9.198   12.280  -3.259  1.00 10.88 ? 514 GLU A CD  1 
ATOM   131 O  OE1 . GLU A 1 19 ? 8.649   11.588  -4.147  1.00 9.87  ? 514 GLU A OE1 1 
ATOM   132 O  OE2 . GLU A 1 19 ? 9.034   13.513  -3.180  1.00 11.67 ? 514 GLU A OE2 1 
ATOM   133 N  N   . ASP A 1 20 ? 8.705   10.483  1.125   1.00 10.69 ? 515 ASP A N   1 
ATOM   134 C  CA  . ASP A 1 20 ? 8.613   11.284  2.354   1.00 11.36 ? 515 ASP A CA  1 
ATOM   135 C  C   . ASP A 1 20 ? 7.169   11.593  2.735   1.00 10.86 ? 515 ASP A C   1 
ATOM   136 O  O   . ASP A 1 20 ? 6.879   12.650  3.301   1.00 10.64 ? 515 ASP A O   1 
ATOM   137 C  CB  . ASP A 1 20 ? 9.407   12.596  2.257   1.00 9.25  ? 515 ASP A CB  1 
ATOM   138 C  CG  . ASP A 1 20 ? 10.777  12.422  1.634   1.00 11.05 ? 515 ASP A CG  1 
ATOM   139 O  OD1 . ASP A 1 20 ? 11.530  11.520  2.067   1.00 11.24 ? 515 ASP A OD1 1 
ATOM   140 O  OD2 . ASP A 1 20 ? 11.115  13.222  0.728   1.00 10.49 ? 515 ASP A OD2 1 
ATOM   141 N  N   . THR A 1 21 ? 6.247   10.681  2.433   1.00 9.44  ? 516 THR A N   1 
ATOM   142 C  CA  . THR A 1 21 ? 4.887   10.765  2.933   1.00 9.92  ? 516 THR A CA  1 
ATOM   143 C  C   . THR A 1 21 ? 4.513   9.435   3.570   1.00 10.80 ? 516 THR A C   1 
ATOM   144 O  O   . THR A 1 21 ? 5.240   8.444   3.467   1.00 10.08 ? 516 THR A O   1 
ATOM   145 C  CB  . THR A 1 21 ? 3.863   11.112  1.828   1.00 11.50 ? 516 THR A CB  1 
ATOM   146 O  OG1 . THR A 1 21 ? 3.663   9.984   0.954   1.00 11.79 ? 516 THR A OG1 1 
ATOM   147 C  CG2 . THR A 1 21 ? 4.320   12.304  1.001   1.00 12.04 ? 516 THR A CG2 1 
ATOM   148 N  N   . HIS A 1 22 ? 3.363   9.425   4.243   1.00 10.68 ? 517 HIS A N   1 
ATOM   149 C  CA  . HIS A 1 22 ? 2.761   8.173   4.684   1.00 10.83 ? 517 HIS A CA  1 
ATOM   150 C  C   . HIS A 1 22 ? 2.020   7.573   3.500   1.00 10.77 ? 517 HIS A C   1 
ATOM   151 O  O   . HIS A 1 22 ? 1.037   8.149   3.017   1.00 10.98 ? 517 HIS A O   1 
ATOM   152 C  CB  . HIS A 1 22 ? 1.808   8.409   5.849   1.00 12.15 ? 517 HIS A CB  1 
ATOM   153 C  CG  . HIS A 1 22 ? 2.471   8.987   7.061   1.00 12.58 ? 517 HIS A CG  1 
ATOM   154 N  ND1 . HIS A 1 22 ? 3.427   8.310   7.787   1.00 14.48 ? 517 HIS A ND1 1 
ATOM   155 C  CD2 . HIS A 1 22 ? 2.311   10.186  7.672   1.00 18.89 ? 517 HIS A CD2 1 
ATOM   156 C  CE1 . HIS A 1 22 ? 3.834   9.070   8.792   1.00 15.81 ? 517 HIS A CE1 1 
ATOM   157 N  NE2 . HIS A 1 22 ? 3.166   10.209  8.748   1.00 15.86 ? 517 HIS A NE2 1 
ATOM   158 N  N   . PHE A 1 23 ? 2.493   6.423   3.019   1.00 10.88 ? 518 PHE A N   1 
ATOM   159 C  CA  . PHE A 1 23 ? 1.832   5.739   1.909   1.00 9.92  ? 518 PHE A CA  1 
ATOM   160 C  C   . PHE A 1 23 ? 1.894   4.241   2.174   1.00 9.43  ? 518 PHE A C   1 
ATOM   161 O  O   . PHE A 1 23 ? 2.496   3.793   3.156   1.00 9.93  ? 518 PHE A O   1 
ATOM   162 C  CB  . PHE A 1 23 ? 2.464   6.127   0.562   1.00 10.14 ? 518 PHE A CB  1 
ATOM   163 C  CG  . PHE A 1 23 ? 3.921   5.736   0.415   1.00 9.18  ? 518 PHE A CG  1 
ATOM   164 C  CD1 . PHE A 1 23 ? 4.259   4.487   -0.085  1.00 10.86 ? 518 PHE A CD1 1 
ATOM   165 C  CD2 . PHE A 1 23 ? 4.950   6.616   0.753   1.00 10.96 ? 518 PHE A CD2 1 
ATOM   166 C  CE1 . PHE A 1 23 ? 5.581   4.109   -0.232  1.00 10.04 ? 518 PHE A CE1 1 
ATOM   167 C  CE2 . PHE A 1 23 ? 6.280   6.246   0.590   1.00 11.01 ? 518 PHE A CE2 1 
ATOM   168 C  CZ  . PHE A 1 23 ? 6.602   4.990   0.109   1.00 11.48 ? 518 PHE A CZ  1 
ATOM   169 N  N   . VAL A 1 24 ? 1.277   3.455   1.295   1.00 8.56  ? 519 VAL A N   1 
ATOM   170 C  CA  . VAL A 1 24 ? 1.243   2.005   1.428   1.00 8.27  ? 519 VAL A CA  1 
ATOM   171 C  C   . VAL A 1 24 ? 2.361   1.417   0.582   1.00 9.58  ? 519 VAL A C   1 
ATOM   172 O  O   . VAL A 1 24 ? 2.398   1.612   -0.642  1.00 9.17  ? 519 VAL A O   1 
ATOM   173 C  CB  . VAL A 1 24 ? -0.111  1.426   1.002   1.00 8.71  ? 519 VAL A CB  1 
ATOM   174 C  CG1 . VAL A 1 24 ? -0.029  -0.102  0.914   1.00 9.63  ? 519 VAL A CG1 1 
ATOM   175 C  CG2 . VAL A 1 24 ? -1.191  1.888   1.958   1.00 9.77  ? 519 VAL A CG2 1 
ATOM   176 N  N   . GLN A 1 25 ? 3.246   0.671   1.231   1.00 8.52  ? 520 GLN A N   1 
ATOM   177 C  CA  . GLN A 1 25 ? 4.347   -0.020  0.579   1.00 8.27  ? 520 GLN A CA  1 
ATOM   178 C  C   . GLN A 1 25 ? 4.058   -1.510  0.552   1.00 9.05  ? 520 GLN A C   1 
ATOM   179 O  O   . GLN A 1 25 ? 3.970   -2.140  1.609   1.00 10.77 ? 520 GLN A O   1 
ATOM   180 C  CB  . GLN A 1 25 ? 5.657   0.226   1.326   1.00 10.12 ? 520 GLN A CB  1 
ATOM   181 C  CG  . GLN A 1 25 ? 6.774   -0.613  0.778   1.00 9.44  ? 520 GLN A CG  1 
ATOM   182 C  CD  . GLN A 1 25 ? 7.117   -0.207  -0.642  1.00 10.90 ? 520 GLN A CD  1 
ATOM   183 O  OE1 . GLN A 1 25 ? 7.501   0.932   -0.879  1.00 11.25 ? 520 GLN A OE1 1 
ATOM   184 N  NE2 . GLN A 1 25 ? 6.983   -1.133  -1.590  1.00 10.09 ? 520 GLN A NE2 1 
ATOM   185 N  N   . CYS A 1 26 ? 3.901   -2.065  -0.644  1.00 6.97  ? 521 CYS A N   1 
ATOM   186 C  CA  . CYS A 1 26 ? 3.811   -3.511  -0.788  1.00 7.80  ? 521 CYS A CA  1 
ATOM   187 C  C   . CYS A 1 26 ? 5.064   -4.183  -0.231  1.00 8.83  ? 521 CYS A C   1 
ATOM   188 O  O   . CYS A 1 26 ? 6.180   -3.826  -0.630  1.00 9.16  ? 521 CYS A O   1 
ATOM   189 C  CB  . CYS A 1 26 ? 3.651   -3.863  -2.263  1.00 9.17  ? 521 CYS A CB  1 
ATOM   190 S  SG  . CYS A 1 26 ? 3.675   -5.614  -2.712  1.00 7.76  ? 521 CYS A SG  1 
ATOM   191 N  N   . PRO A 1 27 ? 4.921   -5.154  0.677   1.00 8.75  ? 522 PRO A N   1 
ATOM   192 C  CA  . PRO A 1 27 ? 6.108   -5.782  1.293   1.00 12.12 ? 522 PRO A CA  1 
ATOM   193 C  C   . PRO A 1 27 ? 7.070   -6.440  0.317   1.00 11.86 ? 522 PRO A C   1 
ATOM   194 O  O   . PRO A 1 27 ? 8.287   -6.424  0.550   1.00 12.49 ? 522 PRO A O   1 
ATOM   195 C  CB  . PRO A 1 27 ? 5.483   -6.833  2.222   1.00 14.08 ? 522 PRO A CB  1 
ATOM   196 C  CG  . PRO A 1 27 ? 4.137   -6.316  2.534   1.00 12.91 ? 522 PRO A CG  1 
ATOM   197 C  CD  . PRO A 1 27 ? 3.666   -5.583  1.313   1.00 9.14  ? 522 PRO A CD  1 
ATOM   198 N  N   . SER A 1 28 ? 6.566   -7.080  -0.740  1.00 11.29 ? 523 SER A N   1 
ATOM   199 C  CA  . SER A 1 28 ? 7.397   -7.942  -1.574  1.00 9.74  ? 523 SER A CA  1 
ATOM   200 C  C   . SER A 1 28 ? 7.744   -7.348  -2.936  1.00 10.87 ? 523 SER A C   1 
ATOM   201 O  O   . SER A 1 28 ? 8.561   -7.937  -3.668  1.00 11.64 ? 523 SER A O   1 
ATOM   202 C  CB  . SER A 1 28 ? 6.721   -9.307  -1.770  1.00 12.00 ? 523 SER A CB  1 
ATOM   203 O  OG  . SER A 1 28 ? 5.355   -9.167  -2.133  1.00 9.42  ? 523 SER A OG  1 
ATOM   204 N  N   . VAL A 1 29 ? 7.170   -6.205  -3.293  1.00 9.44  ? 524 VAL A N   1 
ATOM   205 C  CA  . VAL A 1 29 ? 7.480   -5.540  -4.558  1.00 10.63 ? 524 VAL A CA  1 
ATOM   206 C  C   . VAL A 1 29 ? 7.847   -4.094  -4.255  1.00 9.96  ? 524 VAL A C   1 
ATOM   207 O  O   . VAL A 1 29 ? 6.957   -3.277  -3.980  1.00 10.10 ? 524 VAL A O   1 
ATOM   208 C  CB  . VAL A 1 29 ? 6.300   -5.618  -5.540  1.00 10.63 ? 524 VAL A CB  1 
ATOM   209 C  CG1 . VAL A 1 29 ? 6.677   -4.975  -6.871  1.00 9.23  ? 524 VAL A CG1 1 
ATOM   210 C  CG2 . VAL A 1 29 ? 5.897   -7.056  -5.751  1.00 11.45 ? 524 VAL A CG2 1 
ATOM   211 N  N   . PRO A 1 30 ? 9.127   -3.734  -4.290  1.00 10.88 ? 525 PRO A N   1 
ATOM   212 C  CA  . PRO A 1 30 ? 9.499   -2.357  -3.935  1.00 10.34 ? 525 PRO A CA  1 
ATOM   213 C  C   . PRO A 1 30 ? 8.766   -1.299  -4.733  1.00 10.36 ? 525 PRO A C   1 
ATOM   214 O  O   . PRO A 1 30 ? 8.382   -0.273  -4.159  1.00 10.62 ? 525 PRO A O   1 
ATOM   215 C  CB  . PRO A 1 30 ? 11.009  -2.338  -4.191  1.00 13.37 ? 525 PRO A CB  1 
ATOM   216 C  CG  . PRO A 1 30 ? 11.427  -3.766  -3.952  1.00 13.44 ? 525 PRO A CG  1 
ATOM   217 C  CD  . PRO A 1 30 ? 10.302  -4.600  -4.491  1.00 12.55 ? 525 PRO A CD  1 
ATOM   218 N  N   . SER A 1 31 ? 8.536   -1.520  -6.031  1.00 10.77 ? 526 SER A N   1 
ATOM   219 C  CA  . SER A 1 31 ? 7.933   -0.481  -6.853  1.00 11.79 ? 526 SER A CA  1 
ATOM   220 C  C   . SER A 1 31 ? 6.433   -0.314  -6.625  1.00 11.57 ? 526 SER A C   1 
ATOM   221 O  O   . SER A 1 31 ? 5.855   0.643   -7.146  1.00 11.13 ? 526 SER A O   1 
ATOM   222 C  CB  . SER A 1 31 ? 8.182   -0.770  -8.336  1.00 13.51 ? 526 SER A CB  1 
ATOM   223 O  OG  . SER A 1 31 ? 7.535   -1.962  -8.719  1.00 15.79 ? 526 SER A OG  1 
ATOM   224 N  N   . HIS A 1 32 ? 5.789   -1.218  -5.882  1.00 8.93  ? 527 HIS A N   1 
ATOM   225 C  CA  . HIS A 1 32 ? 4.358   -1.105  -5.582  1.00 8.13  ? 527 HIS A CA  1 
ATOM   226 C  C   . HIS A 1 32 ? 4.173   -0.169  -4.400  1.00 8.29  ? 527 HIS A C   1 
ATOM   227 O  O   . HIS A 1 32 ? 4.320   -0.578  -3.244  1.00 8.99  ? 527 HIS A O   1 
ATOM   228 C  CB  . HIS A 1 32 ? 3.771   -2.467  -5.248  1.00 9.25  ? 527 HIS A CB  1 
ATOM   229 C  CG  . HIS A 1 32 ? 3.494   -3.317  -6.437  1.00 9.48  ? 527 HIS A CG  1 
ATOM   230 N  ND1 . HIS A 1 32 ? 2.972   -4.588  -6.326  1.00 7.68  ? 527 HIS A ND1 1 
ATOM   231 C  CD2 . HIS A 1 32 ? 3.661   -3.085  -7.758  1.00 9.14  ? 527 HIS A CD2 1 
ATOM   232 C  CE1 . HIS A 1 32 ? 2.839   -5.109  -7.533  1.00 8.80  ? 527 HIS A CE1 1 
ATOM   233 N  NE2 . HIS A 1 32 ? 3.241   -4.216  -8.421  1.00 9.83  ? 527 HIS A NE2 1 
ATOM   234 N  N   . LYS A 1 33 ? 3.851   1.092   -4.694  1.00 6.59  ? 528 LYS A N   1 
ATOM   235 C  CA  . LYS A 1 33 ? 3.665   2.143   -3.706  1.00 7.35  ? 528 LYS A CA  1 
ATOM   236 C  C   . LYS A 1 33 ? 2.345   2.833   -3.999  1.00 8.99  ? 528 LYS A C   1 
ATOM   237 O  O   . LYS A 1 33 ? 2.059   3.149   -5.156  1.00 10.03 ? 528 LYS A O   1 
ATOM   238 C  CB  . LYS A 1 33 ? 4.819   3.154   -3.752  1.00 9.19  ? 528 LYS A CB  1 
ATOM   239 C  CG  . LYS A 1 33 ? 6.207   2.540   -3.661  1.00 10.11 ? 528 LYS A CG  1 
ATOM   240 C  CD  . LYS A 1 33 ? 7.301   3.610   -3.780  1.00 10.75 ? 528 LYS A CD  1 
ATOM   241 C  CE  . LYS A 1 33 ? 8.678   2.983   -3.981  1.00 11.54 ? 528 LYS A CE  1 
ATOM   242 N  NZ  . LYS A 1 33 ? 9.158   2.213   -2.807  1.00 12.23 ? 528 LYS A NZ  1 
ATOM   243 N  N   . PHE A 1 34 ? 1.528   3.043   -2.972  1.00 7.73  ? 529 PHE A N   1 
ATOM   244 C  CA  . PHE A 1 34 ? 0.187   3.567   -3.201  1.00 7.86  ? 529 PHE A CA  1 
ATOM   245 C  C   . PHE A 1 34 ? -0.135  4.694   -2.238  1.00 9.69  ? 529 PHE A C   1 
ATOM   246 O  O   . PHE A 1 34 ? -0.028  4.530   -1.022  1.00 9.69  ? 529 PHE A O   1 
ATOM   247 C  CB  . PHE A 1 34 ? -0.864  2.459   -3.091  1.00 8.86  ? 529 PHE A CB  1 
ATOM   248 C  CG  . PHE A 1 34 ? -0.487  1.219   -3.840  1.00 7.30  ? 529 PHE A CG  1 
ATOM   249 C  CD1 . PHE A 1 34 ? -0.753  1.109   -5.199  1.00 8.49  ? 529 PHE A CD1 1 
ATOM   250 C  CD2 . PHE A 1 34 ? 0.182   0.181   -3.199  1.00 8.49  ? 529 PHE A CD2 1 
ATOM   251 C  CE1 . PHE A 1 34 ? -0.384  -0.028  -5.895  1.00 9.70  ? 529 PHE A CE1 1 
ATOM   252 C  CE2 . PHE A 1 34 ? 0.557   -0.957  -3.897  1.00 7.91  ? 529 PHE A CE2 1 
ATOM   253 C  CZ  . PHE A 1 34 ? 0.272   -1.057  -5.246  1.00 9.04  ? 529 PHE A CZ  1 
ATOM   254 N  N   . CYS A 1 35 ? -0.548  5.831   -2.791  1.00 9.60  ? 530 CYS A N   1 
ATOM   255 C  CA  . CYS A 1 35 ? -0.996  6.925   -1.948  1.00 9.37  ? 530 CYS A CA  1 
ATOM   256 C  C   . CYS A 1 35 ? -2.275  6.536   -1.216  1.00 9.26  ? 530 CYS A C   1 
ATOM   257 O  O   . CYS A 1 35 ? -2.954  5.567   -1.564  1.00 9.84  ? 530 CYS A O   1 
ATOM   258 C  CB  . CYS A 1 35 ? -1.205  8.187   -2.787  1.00 10.94 ? 530 CYS A CB  1 
ATOM   259 S  SG  . CYS A 1 35 ? -2.604  8.086   -3.948  1.00 10.78 ? 530 CYS A SG  1 
ATOM   260 N  N   . PHE A 1 36 ? -2.603  7.299   -0.179  1.00 10.37 ? 531 PHE A N   1 
ATOM   261 C  CA  . PHE A 1 36 ? -3.808  6.974   0.578   1.00 9.57  ? 531 PHE A CA  1 
ATOM   262 C  C   . PHE A 1 36 ? -5.081  7.089   -0.258  1.00 9.14  ? 531 PHE A C   1 
ATOM   263 O  O   . PHE A 1 36 ? -5.932  6.190   -0.143  1.00 11.00 ? 531 PHE A O   1 
ATOM   264 C  CB  . PHE A 1 36 ? -3.915  7.845   1.842   1.00 10.24 ? 531 PHE A CB  1 
ATOM   265 C  CG  . PHE A 1 36 ? -3.122  7.340   3.014   1.00 11.16 ? 531 PHE A CG  1 
ATOM   266 C  CD1 . PHE A 1 36 ? -2.138  6.369   2.864   1.00 13.35 ? 531 PHE A CD1 1 
ATOM   267 C  CD2 . PHE A 1 36 ? -3.369  7.840   4.281   1.00 12.45 ? 531 PHE A CD2 1 
ATOM   268 C  CE1 . PHE A 1 36 ? -1.414  5.919   3.960   1.00 11.63 ? 531 PHE A CE1 1 
ATOM   269 C  CE2 . PHE A 1 36 ? -2.655  7.394   5.373   1.00 12.15 ? 531 PHE A CE2 1 
ATOM   270 C  CZ  . PHE A 1 36 ? -1.678  6.435   5.221   1.00 11.44 ? 531 PHE A CZ  1 
ATOM   271 N  N   . PRO A 1 37 ? -5.280  8.120   -1.105  1.00 10.07 ? 532 PRO A N   1 
ATOM   272 C  CA  . PRO A 1 37 ? -6.494  8.129   -1.950  1.00 11.00 ? 532 PRO A CA  1 
ATOM   273 C  C   . PRO A 1 37 ? -6.649  6.889   -2.810  1.00 8.43  ? 532 PRO A C   1 
ATOM   274 O  O   . PRO A 1 37 ? -7.744  6.303   -2.864  1.00 10.43 ? 532 PRO A O   1 
ATOM   275 C  CB  . PRO A 1 37 ? -6.318  9.405   -2.785  1.00 12.03 ? 532 PRO A CB  1 
ATOM   276 C  CG  . PRO A 1 37 ? -5.540  10.293  -1.920  1.00 13.21 ? 532 PRO A CG  1 
ATOM   277 C  CD  . PRO A 1 37 ? -4.574  9.411   -1.182  1.00 11.78 ? 532 PRO A CD  1 
ATOM   278 N  N   . CYS A 1 38 ? -5.583  6.454   -3.481  1.00 9.70  ? 533 CYS A N   1 
ATOM   279 C  CA  . CYS A 1 38 ? -5.704  5.251   -4.295  1.00 9.00  ? 533 CYS A CA  1 
ATOM   280 C  C   . CYS A 1 38 ? -5.950  4.023   -3.427  1.00 9.14  ? 533 CYS A C   1 
ATOM   281 O  O   . CYS A 1 38 ? -6.690  3.112   -3.820  1.00 10.54 ? 533 CYS A O   1 
ATOM   282 C  CB  . CYS A 1 38 ? -4.451  5.070   -5.145  1.00 7.67  ? 533 CYS A CB  1 
ATOM   283 S  SG  . CYS A 1 38 ? -4.304  6.248   -6.509  1.00 9.81  ? 533 CYS A SG  1 
ATOM   284 N  N   . SER A 1 39 ? -5.311  3.970   -2.258  1.00 9.18  ? 534 SER A N   1 
ATOM   285 C  CA  . SER A 1 39 ? -5.516  2.850   -1.347  1.00 9.03  ? 534 SER A CA  1 
ATOM   286 C  C   . SER A 1 39 ? -6.953  2.795   -0.852  1.00 8.52  ? 534 SER A C   1 
ATOM   287 O  O   . SER A 1 39 ? -7.510  1.704   -0.669  1.00 10.43 ? 534 SER A O   1 
ATOM   288 C  CB  . SER A 1 39 ? -4.557  2.954   -0.163  1.00 8.82  ? 534 SER A CB  1 
ATOM   289 O  OG  . SER A 1 39 ? -3.201  2.834   -0.573  1.00 9.59  ? 534 SER A OG  1 
ATOM   290 N  N   . ARG A 1 40 ? -7.562  3.960   -0.599  1.00 10.06 ? 535 ARG A N   1 
ATOM   291 C  CA  . ARG A 1 40 ? -8.964  3.980   -0.187  1.00 10.23 ? 535 ARG A CA  1 
ATOM   292 C  C   . ARG A 1 40 ? -9.857  3.332   -1.236  1.00 10.82 ? 535 ARG A C   1 
ATOM   293 O  O   . ARG A 1 40 ? -10.777 2.577   -0.901  1.00 12.48 ? 535 ARG A O   1 
ATOM   294 C  CB  . ARG A 1 40 ? -9.427  5.414   0.074   1.00 11.56 ? 535 ARG A CB  1 
ATOM   295 C  CG  . ARG A 1 40 ? -8.866  6.040   1.321   1.00 12.65 ? 535 ARG A CG  1 
ATOM   296 C  CD  . ARG A 1 40 ? -9.038  7.554   1.304   1.00 15.09 ? 535 ARG A CD  1 
ATOM   297 N  NE  . ARG A 1 40 ? -8.280  8.119   2.409   1.00 16.41 ? 535 ARG A NE  1 
ATOM   298 C  CZ  . ARG A 1 40 ? -7.591  9.250   2.361   1.00 15.62 ? 535 ARG A CZ  1 
ATOM   299 N  NH1 . ARG A 1 40 ? -7.614  10.032  1.290   1.00 18.35 ? 535 ARG A NH1 1 
ATOM   300 N  NH2 . ARG A 1 40 ? -6.860  9.606   3.415   1.00 17.37 ? 535 ARG A NH2 1 
ATOM   301 N  N   . GLN A 1 41 ? -9.600  3.618   -2.515  1.00 10.47 ? 536 GLN A N   1 
ATOM   302 C  CA  . GLN A 1 41 ? -10.377 2.994   -3.578  1.00 10.72 ? 536 GLN A CA  1 
ATOM   303 C  C   . GLN A 1 41 ? -10.174 1.489   -3.580  1.00 10.43 ? 536 GLN A C   1 
ATOM   304 O  O   . GLN A 1 41 ? -11.127 0.729   -3.753  1.00 12.52 ? 536 GLN A O   1 
ATOM   305 C  CB  . GLN A 1 41 ? -9.977  3.573   -4.941  1.00 11.41 ? 536 GLN A CB  1 
ATOM   306 C  CG  . GLN A 1 41 ? -10.234 5.066   -5.092  1.00 11.84 ? 536 GLN A CG  1 
ATOM   307 C  CD  . GLN A 1 41 ? -11.708 5.432   -5.095  1.00 12.10 ? 536 GLN A CD  1 
ATOM   308 O  OE1 . GLN A 1 41 ? -12.587 4.560   -5.080  1.00 14.10 ? 536 GLN A OE1 1 
ATOM   309 N  NE2 . GLN A 1 41 ? -11.987 6.735   -5.085  1.00 12.00 ? 536 GLN A NE2 1 
ATOM   310 N  N   . SER A 1 42 ? -8.929  1.039   -3.414  1.00 8.90  ? 537 SER A N   1 
ATOM   311 C  CA  . SER A 1 42 ? -8.665  -0.394  -3.415  1.00 8.97  ? 537 SER A CA  1 
ATOM   312 C  C   . SER A 1 42 ? -9.352  -1.090  -2.245  1.00 9.69  ? 537 SER A C   1 
ATOM   313 O  O   . SER A 1 42 ? -9.856  -2.208  -2.384  1.00 11.32 ? 537 SER A O   1 
ATOM   314 C  CB  . SER A 1 42 ? -7.152  -0.635  -3.375  1.00 10.32 ? 537 SER A CB  1 
ATOM   315 O  OG  . SER A 1 42 ? -6.833  -1.980  -3.676  1.00 10.01 ? 537 SER A OG  1 
ATOM   316 N  N   . ILE A 1 43 ? -9.349  -0.461  -1.074  1.00 8.42  ? 538 ILE A N   1 
ATOM   317 C  CA  . ILE A 1 43 ? -10.024 -1.042  0.084   1.00 8.82  ? 538 ILE A CA  1 
ATOM   318 C  C   . ILE A 1 43 ? -11.524 -1.166  -0.166  1.00 11.27 ? 538 ILE A C   1 
ATOM   319 O  O   . ILE A 1 43 ? -12.147 -2.195  0.142   1.00 12.12 ? 538 ILE A O   1 
ATOM   320 C  CB  . ILE A 1 43 ? -9.728  -0.197  1.329   1.00 10.16 ? 538 ILE A CB  1 
ATOM   321 C  CG1 . ILE A 1 43 ? -8.276  -0.402  1.756   1.00 11.13 ? 538 ILE A CG1 1 
ATOM   322 C  CG2 . ILE A 1 43 ? -10.732 -0.486  2.442   1.00 12.54 ? 538 ILE A CG2 1 
ATOM   323 C  CD1 . ILE A 1 43 ? -7.761  0.716   2.651   1.00 11.29 ? 538 ILE A CD1 1 
ATOM   324 N  N   . LYS A 1 44 ? -12.133 -0.107  -0.701  1.00 12.67 ? 539 LYS A N   1 
ATOM   325 C  CA  . LYS A 1 44 ? -13.568 -0.162  -0.976  1.00 12.73 ? 539 LYS A CA  1 
ATOM   326 C  C   . LYS A 1 44 ? -13.892 -1.233  -2.010  1.00 12.41 ? 539 LYS A C   1 
ATOM   327 O  O   . LYS A 1 44 ? -14.828 -2.020  -1.820  1.00 14.14 ? 539 LYS A O   1 
ATOM   328 C  CB  . LYS A 1 44 ? -14.087 1.199   -1.440  1.00 14.60 ? 539 LYS A CB  1 
ATOM   329 C  CG  . LYS A 1 44 ? -14.011 2.309   -0.416  1.00 27.89 ? 539 LYS A CG  1 
ATOM   330 C  CD  . LYS A 1 44 ? -13.651 3.643   -1.070  1.00 31.90 ? 539 LYS A CD  1 
ATOM   331 C  CE  . LYS A 1 44 ? -14.884 4.309   -1.675  1.00 31.74 ? 539 LYS A CE  1 
ATOM   332 N  NZ  . LYS A 1 44 ? -14.736 5.797   -1.720  1.00 31.63 ? 539 LYS A NZ  1 
ATOM   333 N  N   . GLN A 1 45 ? -13.114 -1.306  -3.093  1.00 11.59 ? 540 GLN A N   1 
ATOM   334 C  CA  . GLN A 1 45 ? -13.450 -2.247  -4.156  1.00 14.53 ? 540 GLN A CA  1 
ATOM   335 C  C   . GLN A 1 45 ? -13.214 -3.696  -3.728  1.00 14.49 ? 540 GLN A C   1 
ATOM   336 O  O   . GLN A 1 45 ? -14.005 -4.587  -4.066  1.00 16.46 ? 540 GLN A O   1 
ATOM   337 C  CB  . GLN A 1 45 ? -12.667 -1.912  -5.420  1.00 18.39 ? 540 GLN A CB  1 
ATOM   338 C  CG  . GLN A 1 45 ? -12.765 -3.009  -6.440  1.00 23.97 ? 540 GLN A CG  1 
ATOM   339 C  CD  . GLN A 1 45 ? -14.161 -3.069  -7.060  1.00 32.08 ? 540 GLN A CD  1 
ATOM   340 O  OE1 . GLN A 1 45 ? -14.924 -2.090  -7.023  1.00 30.03 ? 540 GLN A OE1 1 
ATOM   341 N  NE2 . GLN A 1 45 ? -14.509 -4.227  -7.612  1.00 31.36 ? 540 GLN A NE2 1 
ATOM   342 N  N   . GLN A 1 46 ? -12.133 -3.957  -2.989  1.00 11.52 ? 541 GLN A N   1 
ATOM   343 C  CA  . GLN A 1 46 ? -11.818 -5.316  -2.564  1.00 10.92 ? 541 GLN A CA  1 
ATOM   344 C  C   . GLN A 1 46 ? -12.616 -5.772  -1.345  1.00 14.15 ? 541 GLN A C   1 
ATOM   345 O  O   . GLN A 1 46 ? -12.744 -6.978  -1.125  1.00 17.13 ? 541 GLN A O   1 
ATOM   346 C  CB  . GLN A 1 46 ? -10.318 -5.428  -2.238  1.00 11.38 ? 541 GLN A CB  1 
ATOM   347 C  CG  . GLN A 1 46 ? -9.389  -5.285  -3.436  1.00 12.38 ? 541 GLN A CG  1 
ATOM   348 C  CD  . GLN A 1 46 ? -7.956  -5.685  -3.099  1.00 10.83 ? 541 GLN A CD  1 
ATOM   349 O  OE1 . GLN A 1 46 ? -7.663  -6.865  -2.933  1.00 11.46 ? 541 GLN A OE1 1 
ATOM   350 N  NE2 . GLN A 1 46 ? -7.075  -4.705  -2.968  1.00 11.00 ? 541 GLN A NE2 1 
ATOM   351 N  N   . GLY A 1 47 ? -13.126 -4.836  -0.537  1.00 17.99 ? 542 GLY A N   1 
ATOM   352 C  CA  . GLY A 1 47 ? -13.683 -5.191  0.766   1.00 20.03 ? 542 GLY A CA  1 
ATOM   353 C  C   . GLY A 1 47 ? -14.742 -6.284  0.746   1.00 21.43 ? 542 GLY A C   1 
ATOM   354 O  O   . GLY A 1 47 ? -14.831 -7.081  1.686   1.00 26.12 ? 542 GLY A O   1 
ATOM   355 N  N   . ALA A 1 48 ? -15.543 -6.361  -0.320  1.00 27.64 ? 543 ALA A N   1 
ATOM   356 C  CA  . ALA A 1 48 ? -16.635 -7.333  -0.350  1.00 23.52 ? 543 ALA A CA  1 
ATOM   357 C  C   . ALA A 1 48 ? -16.148 -8.776  -0.453  1.00 23.44 ? 543 ALA A C   1 
ATOM   358 O  O   . ALA A 1 48 ? -16.914 -9.701  -0.154  1.00 27.13 ? 543 ALA A O   1 
ATOM   359 C  CB  . ALA A 1 48 ? -17.581 -7.026  -1.507  1.00 25.08 ? 543 ALA A CB  1 
ATOM   360 N  N   . SER A 1 49 ? -14.899 -8.996  -0.868  1.00 22.47 ? 544 SER A N   1 
ATOM   361 C  CA  . SER A 1 49 ? -14.361 -10.349 -0.963  1.00 22.61 ? 544 SER A CA  1 
ATOM   362 C  C   . SER A 1 49 ? -14.026 -10.934 0.400   1.00 22.66 ? 544 SER A C   1 
ATOM   363 O  O   . SER A 1 49 ? -13.939 -12.165 0.539   1.00 21.88 ? 544 SER A O   1 
ATOM   364 C  CB  . SER A 1 49 ? -13.102 -10.351 -1.840  1.00 20.07 ? 544 SER A CB  1 
ATOM   365 O  OG  . SER A 1 49 ? -11.980 -9.779  -1.162  1.00 21.07 ? 544 SER A OG  1 
ATOM   366 N  N   . GLY A 1 50 ? -13.812 -10.083 1.399   1.00 19.82 ? 545 GLY A N   1 
ATOM   367 C  CA  . GLY A 1 50 ? -13.398 -10.511 2.715   1.00 21.54 ? 545 GLY A CA  1 
ATOM   368 C  C   . GLY A 1 50 ? -11.967 -10.166 3.059   1.00 25.05 ? 545 GLY A C   1 
ATOM   369 O  O   . GLY A 1 50 ? -11.611 -10.202 4.242   1.00 23.98 ? 545 GLY A O   1 
ATOM   370 N  N   . GLU A 1 51 ? -11.131 -9.852  2.069   1.00 16.87 ? 546 GLU A N   1 
ATOM   371 C  CA  . GLU A 1 51 ? -9.749  -9.455  2.324   1.00 15.86 ? 546 GLU A CA  1 
ATOM   372 C  C   . GLU A 1 51 ? -9.318  -8.393  1.324   1.00 15.10 ? 546 GLU A C   1 
ATOM   373 O  O   . GLU A 1 51 ? -9.789  -8.362  0.182   1.00 15.66 ? 546 GLU A O   1 
ATOM   374 C  CB  . GLU A 1 51 ? -8.773  -10.639 2.232   1.00 18.35 ? 546 GLU A CB  1 
ATOM   375 C  CG  . GLU A 1 51 ? -8.969  -11.725 3.288   1.00 23.60 ? 546 GLU A CG  1 
ATOM   376 C  CD  . GLU A 1 51 ? -8.775  -11.200 4.704   1.00 32.71 ? 546 GLU A CD  1 
ATOM   377 O  OE1 . GLU A 1 51 ? -7.777  -10.475 4.949   1.00 27.87 ? 546 GLU A OE1 1 
ATOM   378 O  OE2 . GLU A 1 51 ? -9.611  -11.524 5.578   1.00 35.59 ? 546 GLU A OE2 1 
ATOM   379 N  N   . VAL A 1 52 ? -8.390  -7.536  1.746   1.00 10.96 ? 547 VAL A N   1 
ATOM   380 C  CA  . VAL A 1 52 ? -7.823  -6.516  0.875   1.00 10.04 ? 547 VAL A CA  1 
ATOM   381 C  C   . VAL A 1 52 ? -6.359  -6.860  0.642   1.00 10.50 ? 547 VAL A C   1 
ATOM   382 O  O   . VAL A 1 52 ? -5.544  -6.813  1.573   1.00 10.22 ? 547 VAL A O   1 
ATOM   383 C  CB  . VAL A 1 52 ? -7.969  -5.102  1.453   1.00 10.35 ? 547 VAL A CB  1 
ATOM   384 C  CG1 . VAL A 1 52 ? -7.547  -4.092  0.427   1.00 10.10 ? 547 VAL A CG1 1 
ATOM   385 C  CG2 . VAL A 1 52 ? -9.420  -4.834  1.884   1.00 12.81 ? 547 VAL A CG2 1 
ATOM   386 N  N   . TYR A 1 53 ? -6.024  -7.206  -0.598  1.00 9.48  ? 548 TYR A N   1 
ATOM   387 C  CA  . TYR A 1 53 ? -4.674  -7.580  -0.986  1.00 8.95  ? 548 TYR A CA  1 
ATOM   388 C  C   . TYR A 1 53 ? -3.982  -6.377  -1.620  1.00 7.47  ? 548 TYR A C   1 
ATOM   389 O  O   . TYR A 1 53 ? -4.533  -5.272  -1.651  1.00 8.70  ? 548 TYR A O   1 
ATOM   390 C  CB  . TYR A 1 53 ? -4.727  -8.768  -1.943  1.00 9.11  ? 548 TYR A CB  1 
ATOM   391 C  CG  . TYR A 1 53 ? -5.362  -9.993  -1.353  1.00 10.08 ? 548 TYR A CG  1 
ATOM   392 C  CD1 . TYR A 1 53 ? -5.152  -10.329 -0.044  1.00 11.49 ? 548 TYR A CD1 1 
ATOM   393 C  CD2 . TYR A 1 53 ? -6.183  -10.817 -2.115  1.00 11.41 ? 548 TYR A CD2 1 
ATOM   394 C  CE1 . TYR A 1 53 ? -5.743  -11.419 0.478   1.00 11.45 ? 548 TYR A CE1 1 
ATOM   395 C  CE2 . TYR A 1 53 ? -6.770  -11.962 -1.568  1.00 12.60 ? 548 TYR A CE2 1 
ATOM   396 C  CZ  . TYR A 1 53 ? -6.526  -12.263 -0.267  1.00 10.56 ? 548 TYR A CZ  1 
ATOM   397 O  OH  . TYR A 1 53 ? -7.083  -13.398 0.329   1.00 12.92 ? 548 TYR A OH  1 
ATOM   398 N  N   . CYS A 1 54 ? -2.774  -6.590  -2.152  1.00 7.90  ? 549 CYS A N   1 
ATOM   399 C  CA  . CYS A 1 54 ? -2.011  -5.492  -2.732  1.00 7.24  ? 549 CYS A CA  1 
ATOM   400 C  C   . CYS A 1 54 ? -2.865  -4.739  -3.755  1.00 8.49  ? 549 CYS A C   1 
ATOM   401 O  O   . CYS A 1 54 ? -3.496  -5.367  -4.618  1.00 8.04  ? 549 CYS A O   1 
ATOM   402 C  CB  . CYS A 1 54 ? -0.739  -5.999  -3.411  1.00 7.80  ? 549 CYS A CB  1 
ATOM   403 S  SG  . CYS A 1 54 ? 0.214   -4.645  -4.198  1.00 8.58  ? 549 CYS A SG  1 
ATOM   404 N  N   . PRO A 1 55 ? -2.904  -3.406  -3.705  1.00 7.94  ? 550 PRO A N   1 
ATOM   405 C  CA  . PRO A 1 55 ? -3.723  -2.660  -4.674  1.00 9.79  ? 550 PRO A CA  1 
ATOM   406 C  C   . PRO A 1 55 ? -3.333  -2.859  -6.135  1.00 9.90  ? 550 PRO A C   1 
ATOM   407 O  O   . PRO A 1 55 ? -4.140  -2.508  -7.012  1.00 10.00 ? 550 PRO A O   1 
ATOM   408 C  CB  . PRO A 1 55 ? -3.526  -1.203  -4.240  1.00 7.23  ? 550 PRO A CB  1 
ATOM   409 C  CG  . PRO A 1 55 ? -3.348  -1.317  -2.760  1.00 8.25  ? 550 PRO A CG  1 
ATOM   410 C  CD  . PRO A 1 55 ? -2.443  -2.545  -2.603  1.00 8.04  ? 550 PRO A CD  1 
ATOM   411 N  N   . SER A 1 56 ? -2.155  -3.425  -6.428  1.00 8.71  ? 551 SER A N   1 
ATOM   412 C  CA  . SER A 1 56 ? -1.812  -3.750  -7.808  1.00 8.08  ? 551 SER A CA  1 
ATOM   413 C  C   . SER A 1 56 ? -2.729  -4.808  -8.389  1.00 9.83  ? 551 SER A C   1 
ATOM   414 O  O   . SER A 1 56 ? -2.776  -4.962  -9.613  1.00 11.57 ? 551 SER A O   1 
ATOM   415 C  CB  . SER A 1 56 ? -0.393  -4.294  -7.903  1.00 9.52  ? 551 SER A CB  1 
ATOM   416 O  OG  . SER A 1 56 ? -0.304  -5.510  -7.166  1.00 9.45  ? 551 SER A OG  1 
ATOM   417 N  N   . GLY A 1 57 ? -3.420  -5.566  -7.541  1.00 9.45  ? 552 GLY A N   1 
ATOM   418 C  CA  . GLY A 1 57 ? -4.186  -6.706  -7.985  1.00 11.28 ? 552 GLY A CA  1 
ATOM   419 C  C   . GLY A 1 57 ? -3.384  -7.960  -8.252  1.00 10.51 ? 552 GLY A C   1 
ATOM   420 O  O   . GLY A 1 57 ? -3.972  -8.971  -8.658  1.00 12.86 ? 552 GLY A O   1 
ATOM   421 N  N   . GLU A 1 58 ? -2.069  -7.933  -8.046  1.00 9.48  ? 553 GLU A N   1 
ATOM   422 C  CA  . GLU A 1 58 ? -1.222  -9.075  -8.360  1.00 9.06  ? 553 GLU A CA  1 
ATOM   423 C  C   . GLU A 1 58 ? -1.080  -10.060 -7.207  1.00 9.96  ? 553 GLU A C   1 
ATOM   424 O  O   . GLU A 1 58 ? -0.359  -11.053 -7.354  1.00 10.23 ? 553 GLU A O   1 
ATOM   425 C  CB  . GLU A 1 58 ? 0.155   -8.584  -8.812  1.00 9.15  ? 553 GLU A CB  1 
ATOM   426 C  CG  . GLU A 1 58 ? 0.034   -7.724  -10.053 1.00 10.69 ? 553 GLU A CG  1 
ATOM   427 C  CD  . GLU A 1 58 ? 1.323   -7.077  -10.502 1.00 14.67 ? 553 GLU A CD  1 
ATOM   428 O  OE1 . GLU A 1 58 ? 2.394   -7.372  -9.933  1.00 13.15 ? 553 GLU A OE1 1 
ATOM   429 O  OE2 . GLU A 1 58 ? 1.250   -6.280  -11.467 1.00 15.99 ? 553 GLU A OE2 1 
ATOM   430 N  N   . LYS A 1 59 ? -1.768  -9.833  -6.090  1.00 8.36  ? 554 LYS A N   1 
ATOM   431 C  CA  . LYS A 1 59 ? -1.754  -10.754 -4.947  1.00 10.01 ? 554 LYS A CA  1 
ATOM   432 C  C   . LYS A 1 59 ? -0.331  -11.067 -4.489  1.00 9.37  ? 554 LYS A C   1 
ATOM   433 O  O   . LYS A 1 59 ? 0.040   -12.214 -4.225  1.00 10.03 ? 554 LYS A O   1 
ATOM   434 C  CB  . LYS A 1 59 ? -2.540  -12.021 -5.268  1.00 12.18 ? 554 LYS A CB  1 
ATOM   435 C  CG  . LYS A 1 59 ? -3.966  -11.667 -5.634  1.00 16.98 ? 554 LYS A CG  1 
ATOM   436 C  CD  . LYS A 1 59 ? -4.805  -12.878 -5.903  1.00 19.38 ? 554 LYS A CD  1 
ATOM   437 C  CE  . LYS A 1 59 ? -5.910  -12.538 -6.872  1.00 23.96 ? 554 LYS A CE  1 
ATOM   438 N  NZ  . LYS A 1 59 ? -7.026  -13.494 -6.731  1.00 26.91 ? 554 LYS A NZ  1 
ATOM   439 N  N   . CYS A 1 60 ? 0.456   -10.002 -4.350  1.00 8.46  ? 555 CYS A N   1 
ATOM   440 C  CA  . CYS A 1 60 ? 1.851   -10.125 -3.968  1.00 9.45  ? 555 CYS A CA  1 
ATOM   441 C  C   . CYS A 1 60 ? 1.978   -10.809 -2.610  1.00 10.09 ? 555 CYS A C   1 
ATOM   442 O  O   . CYS A 1 60 ? 1.153   -10.584 -1.717  1.00 9.46  ? 555 CYS A O   1 
ATOM   443 C  CB  . CYS A 1 60 ? 2.499   -8.737  -3.924  1.00 8.71  ? 555 CYS A CB  1 
ATOM   444 S  SG  . CYS A 1 60 ? 2.007   -7.753  -5.366  1.00 9.73  ? 555 CYS A SG  1 
ATOM   445 N  N   . PRO A 1 61 ? 2.987   -11.648 -2.422  1.00 10.47 ? 556 PRO A N   1 
ATOM   446 C  CA  . PRO A 1 61 ? 3.087   -12.419 -1.185  1.00 9.06  ? 556 PRO A CA  1 
ATOM   447 C  C   . PRO A 1 61 ? 3.557   -11.586 -0.010  1.00 10.91 ? 556 PRO A C   1 
ATOM   448 O  O   . PRO A 1 61 ? 4.270   -10.589 -0.154  1.00 11.15 ? 556 PRO A O   1 
ATOM   449 C  CB  . PRO A 1 61 ? 4.133   -13.493 -1.521  1.00 12.37 ? 556 PRO A CB  1 
ATOM   450 C  CG  . PRO A 1 61 ? 5.001   -12.835 -2.562  1.00 11.88 ? 556 PRO A CG  1 
ATOM   451 C  CD  . PRO A 1 61 ? 4.035   -12.004 -3.393  1.00 11.55 ? 556 PRO A CD  1 
ATOM   452 N  N   . LEU A 1 62 ? 3.112   -12.013 1.164   1.00 9.13  ? 557 LEU A N   1 
ATOM   453 C  CA  . LEU A 1 62 ? 3.812   -11.724 2.402   1.00 10.80 ? 557 LEU A CA  1 
ATOM   454 C  C   . LEU A 1 62 ? 5.246   -12.225 2.281   1.00 11.27 ? 557 LEU A C   1 
ATOM   455 O  O   . LEU A 1 62 ? 5.477   -13.353 1.832   1.00 13.28 ? 557 LEU A O   1 
ATOM   456 C  CB  . LEU A 1 62 ? 3.090   -12.436 3.544   1.00 15.59 ? 557 LEU A CB  1 
ATOM   457 C  CG  . LEU A 1 62 ? 3.178   -12.018 4.995   1.00 16.02 ? 557 LEU A CG  1 
ATOM   458 C  CD1 . LEU A 1 62 ? 2.690   -10.585 5.187   1.00 13.90 ? 557 LEU A CD1 1 
ATOM   459 C  CD2 . LEU A 1 62 ? 2.350   -12.993 5.797   1.00 13.66 ? 557 LEU A CD2 1 
ATOM   460 N  N   . VAL A 1 63 ? 6.212   -11.383 2.668   1.00 11.60 ? 558 VAL A N   1 
ATOM   461 C  CA  . VAL A 1 63 ? 7.611   -11.783 2.548   1.00 10.80 ? 558 VAL A CA  1 
ATOM   462 C  C   . VAL A 1 63 ? 7.837   -13.062 3.343   1.00 10.82 ? 558 VAL A C   1 
ATOM   463 O  O   . VAL A 1 63 ? 7.381   -13.190 4.487   1.00 12.17 ? 558 VAL A O   1 
ATOM   464 C  CB  . VAL A 1 63 ? 8.540   -10.657 3.017   1.00 9.78  ? 558 VAL A CB  1 
ATOM   465 C  CG1 . VAL A 1 63 ? 9.955   -11.199 3.218   1.00 12.06 ? 558 VAL A CG1 1 
ATOM   466 C  CG2 . VAL A 1 63 ? 8.536   -9.535  2.007   1.00 12.09 ? 558 VAL A CG2 1 
ATOM   467 N  N   . GLY A 1 64 ? 8.512   -14.034 2.716   1.00 13.31 ? 559 GLY A N   1 
ATOM   468 C  CA  . GLY A 1 64 ? 8.811   -15.307 3.337   1.00 15.17 ? 559 GLY A CA  1 
ATOM   469 C  C   . GLY A 1 64 ? 7.712   -16.337 3.244   1.00 15.40 ? 559 GLY A C   1 
ATOM   470 O  O   . GLY A 1 64 ? 7.878   -17.450 3.756   1.00 16.37 ? 559 GLY A O   1 
ATOM   471 N  N   . SER A 1 65 ? 6.591   -16.006 2.618   1.00 13.93 ? 560 SER A N   1 
ATOM   472 C  CA  . SER A 1 65 ? 5.447   -16.890 2.613   1.00 12.19 ? 560 SER A CA  1 
ATOM   473 C  C   . SER A 1 65 ? 5.012   -17.110 1.171   1.00 13.49 ? 560 SER A C   1 
ATOM   474 O  O   . SER A 1 65 ? 5.557   -16.523 0.232   1.00 13.51 ? 560 SER A O   1 
ATOM   475 C  CB  . SER A 1 65 ? 4.315   -16.308 3.458   1.00 16.33 ? 560 SER A CB  1 
ATOM   476 O  OG  . SER A 1 65 ? 3.056   -16.766 3.028   1.00 25.49 ? 560 SER A OG  1 
ATOM   477 N  N   . ASN A 1 66 ? 4.020   -17.976 1.002   1.00 11.82 ? 561 ASN A N   1 
ATOM   478 C  CA  . ASN A 1 66 ? 3.431   -18.198 -0.309  1.00 11.42 ? 561 ASN A CA  1 
ATOM   479 C  C   . ASN A 1 66 ? 1.988   -17.720 -0.382  1.00 11.80 ? 561 ASN A C   1 
ATOM   480 O  O   . ASN A 1 66 ? 1.251   -18.141 -1.278  1.00 13.72 ? 561 ASN A O   1 
ATOM   481 C  CB  . ASN A 1 66 ? 3.508   -19.674 -0.694  1.00 11.68 ? 561 ASN A CB  1 
ATOM   482 C  CG  . ASN A 1 66 ? 2.667   -20.545 0.197   1.00 13.51 ? 561 ASN A CG  1 
ATOM   483 O  OD1 . ASN A 1 66 ? 2.336   -20.166 1.323   1.00 14.35 ? 561 ASN A OD1 1 
ATOM   484 N  ND2 . ASN A 1 66 ? 2.320   -21.732 -0.291  1.00 12.06 ? 561 ASN A ND2 1 
ATOM   485 N  N   . VAL A 1 67 ? 1.564   -16.858 0.536   1.00 11.63 ? 562 VAL A N   1 
ATOM   486 C  CA  . VAL A 1 67 ? 0.191   -16.363 0.477   1.00 11.02 ? 562 VAL A CA  1 
ATOM   487 C  C   . VAL A 1 67 ? 0.210   -14.848 0.336   1.00 11.40 ? 562 VAL A C   1 
ATOM   488 O  O   . VAL A 1 67 ? 1.145   -14.185 0.815   1.00 13.61 ? 562 VAL A O   1 
ATOM   489 C  CB  . VAL A 1 67 ? -0.633  -16.785 1.703   1.00 13.13 ? 562 VAL A CB  1 
ATOM   490 C  CG1 . VAL A 1 67 ? -0.671  -18.299 1.828   1.00 13.34 ? 562 VAL A CG1 1 
ATOM   491 C  CG2 . VAL A 1 67 ? -0.084  -16.134 2.969   1.00 15.72 ? 562 VAL A CG2 1 
ATOM   492 N  N   . PRO A 1 68 ? -0.781  -14.271 -0.333  1.00 9.42  ? 563 PRO A N   1 
ATOM   493 C  CA  . PRO A 1 68 ? -0.801  -12.814 -0.514  1.00 9.27  ? 563 PRO A CA  1 
ATOM   494 C  C   . PRO A 1 68 ? -0.879  -12.084 0.824   1.00 9.14  ? 563 PRO A C   1 
ATOM   495 O  O   . PRO A 1 68 ? -1.558  -12.524 1.754   1.00 10.73 ? 563 PRO A O   1 
ATOM   496 C  CB  . PRO A 1 68 ? -2.056  -12.569 -1.362  1.00 11.00 ? 563 PRO A CB  1 
ATOM   497 C  CG  . PRO A 1 68 ? -2.773  -13.880 -1.460  1.00 13.44 ? 563 PRO A CG  1 
ATOM   498 C  CD  . PRO A 1 68 ? -1.874  -14.971 -1.047  1.00 9.58  ? 563 PRO A CD  1 
ATOM   499 N  N   . TRP A 1 69 ? -0.166  -10.963 0.926   1.00 8.35  ? 564 TRP A N   1 
ATOM   500 C  CA  . TRP A 1 69 ? -0.328  -10.118 2.103   1.00 8.15  ? 564 TRP A CA  1 
ATOM   501 C  C   . TRP A 1 69 ? -1.667  -9.391  2.058   1.00 9.47  ? 564 TRP A C   1 
ATOM   502 O  O   . TRP A 1 69 ? -2.176  -9.041  0.991   1.00 9.98  ? 564 TRP A O   1 
ATOM   503 C  CB  . TRP A 1 69 ? 0.821   -9.116  2.222   1.00 8.47  ? 564 TRP A CB  1 
ATOM   504 C  CG  . TRP A 1 69 ? 0.851   -8.026  1.186   1.00 6.56  ? 564 TRP A CG  1 
ATOM   505 C  CD1 . TRP A 1 69 ? 1.541   -8.035  0.007   1.00 7.67  ? 564 TRP A CD1 1 
ATOM   506 C  CD2 . TRP A 1 69 ? 0.215   -6.748  1.268   1.00 7.61  ? 564 TRP A CD2 1 
ATOM   507 N  NE1 . TRP A 1 69 ? 1.356   -6.848  -0.664  1.00 7.89  ? 564 TRP A NE1 1 
ATOM   508 C  CE2 . TRP A 1 69 ? 0.547   -6.039  0.099   1.00 7.73  ? 564 TRP A CE2 1 
ATOM   509 C  CE3 . TRP A 1 69 ? -0.609  -6.134  2.224   1.00 7.76  ? 564 TRP A CE3 1 
ATOM   510 C  CZ2 . TRP A 1 69 ? 0.084   -4.737  -0.146  1.00 7.91  ? 564 TRP A CZ2 1 
ATOM   511 C  CZ3 . TRP A 1 69 ? -1.068  -4.842  1.987   1.00 8.20  ? 564 TRP A CZ3 1 
ATOM   512 C  CH2 . TRP A 1 69 ? -0.728  -4.162  0.800   1.00 8.87  ? 564 TRP A CH2 1 
ATOM   513 N  N   . ALA A 1 70 ? -2.251  -9.185  3.241   1.00 9.59  ? 565 ALA A N   1 
ATOM   514 C  CA  . ALA A 1 70 ? -3.521  -8.490  3.368   1.00 8.96  ? 565 ALA A CA  1 
ATOM   515 C  C   . ALA A 1 70 ? -3.403  -7.345  4.359   1.00 8.04  ? 565 ALA A C   1 
ATOM   516 O  O   . ALA A 1 70 ? -2.588  -7.387  5.290   1.00 10.74 ? 565 ALA A O   1 
ATOM   517 C  CB  . ALA A 1 70 ? -4.650  -9.439  3.810   1.00 10.83 ? 565 ALA A CB  1 
ATOM   518 N  N   . PHE A 1 71 ? -4.213  -6.309  4.137   1.00 8.96  ? 566 PHE A N   1 
ATOM   519 C  CA  . PHE A 1 71 ? -4.252  -5.186  5.069   1.00 9.60  ? 566 PHE A CA  1 
ATOM   520 C  C   . PHE A 1 71 ? -4.759  -5.637  6.435   1.00 9.29  ? 566 PHE A C   1 
ATOM   521 O  O   . PHE A 1 71 ? -5.619  -6.513  6.550   1.00 12.14 ? 566 PHE A O   1 
ATOM   522 C  CB  . PHE A 1 71 ? -5.171  -4.076  4.565   1.00 10.65 ? 566 PHE A CB  1 
ATOM   523 C  CG  . PHE A 1 71 ? -4.584  -3.218  3.484   1.00 10.68 ? 566 PHE A CG  1 
ATOM   524 C  CD1 . PHE A 1 71 ? -4.693  -3.596  2.157   1.00 9.40  ? 566 PHE A CD1 1 
ATOM   525 C  CD2 . PHE A 1 71 ? -3.961  -2.015  3.781   1.00 12.07 ? 566 PHE A CD2 1 
ATOM   526 C  CE1 . PHE A 1 71 ? -4.179  -2.800  1.147   1.00 9.40  ? 566 PHE A CE1 1 
ATOM   527 C  CE2 . PHE A 1 71 ? -3.451  -1.212  2.775   1.00 11.69 ? 566 PHE A CE2 1 
ATOM   528 C  CZ  . PHE A 1 71 ? -3.563  -1.614  1.449   1.00 10.93 ? 566 PHE A CZ  1 
ATOM   529 N  N   . MET A 1 72 ? -4.235  -4.994  7.472   1.00 11.54 ? 567 MET A N   1 
ATOM   530 C  CA  . MET A 1 72 ? -4.755  -5.114  8.821   1.00 14.63 ? 567 MET A CA  1 
ATOM   531 C  C   . MET A 1 72 ? -5.873  -4.094  9.005   1.00 13.45 ? 567 MET A C   1 
ATOM   532 O  O   . MET A 1 72 ? -5.867  -3.021  8.395   1.00 12.92 ? 567 MET A O   1 
ATOM   533 C  CB  . MET A 1 72 ? -3.634  -4.838  9.816   1.00 13.62 ? 567 MET A CB  1 
ATOM   534 C  CG  . MET A 1 72 ? -2.668  -5.982  10.022  1.00 17.37 ? 567 MET A CG  1 
ATOM   535 S  SD  . MET A 1 72 ? -1.187  -5.344  10.856  1.00 23.47 ? 567 MET A SD  1 
ATOM   536 C  CE  . MET A 1 72 ? 0.004   -6.641  10.527  1.00 19.62 ? 567 MET A CE  1 
ATOM   537 N  N   . GLN A 1 73 ? -6.844  -4.445  9.848   1.00 12.96 ? 568 GLN A N   1 
ATOM   538 C  CA  . GLN A 1 73 ? -7.909  -3.519  10.230  1.00 12.78 ? 568 GLN A CA  1 
ATOM   539 C  C   . GLN A 1 73 ? -7.374  -2.155  10.672  1.00 12.27 ? 568 GLN A C   1 
ATOM   540 O  O   . GLN A 1 73 ? -7.926  -1.109  10.309  1.00 12.21 ? 568 GLN A O   1 
ATOM   541 C  CB  . GLN A 1 73 ? -8.713  -4.174  11.348  1.00 19.27 ? 568 GLN A CB  1 
ATOM   542 C  CG  . GLN A 1 73 ? -9.935  -3.486  11.832  1.00 21.28 ? 568 GLN A CG  1 
ATOM   543 C  CD  . GLN A 1 73 ? -10.578 -4.320  12.942  1.00 23.18 ? 568 GLN A CD  1 
ATOM   544 O  OE1 . GLN A 1 73 ? -11.705 -4.789  12.810  1.00 21.96 ? 568 GLN A OE1 1 
ATOM   545 N  NE2 . GLN A 1 73 ? -9.823  -4.563  14.014  1.00 31.46 ? 568 GLN A NE2 1 
ATOM   546 N  N   . GLY A 1 74 ? -6.326  -2.144  11.497  1.00 13.57 ? 569 GLY A N   1 
ATOM   547 C  CA  . GLY A 1 74 ? -5.793  -0.871  11.957  1.00 11.98 ? 569 GLY A CA  1 
ATOM   548 C  C   . GLY A 1 74 ? -5.254  -0.017  10.826  1.00 14.00 ? 569 GLY A C   1 
ATOM   549 O  O   . GLY A 1 74 ? -5.341  1.217   10.870  1.00 13.37 ? 569 GLY A O   1 
ATOM   550 N  N   . GLU A 1 75 ? -4.699  -0.658  9.797   1.00 11.58 ? 570 GLU A N   1 
ATOM   551 C  CA  . GLU A 1 75 ? -4.207  0.083   8.642   1.00 10.47 ? 570 GLU A CA  1 
ATOM   552 C  C   . GLU A 1 75 ? -5.350  0.663   7.827   1.00 9.30  ? 570 GLU A C   1 
ATOM   553 O  O   . GLU A 1 75 ? -5.275  1.813   7.370   1.00 10.71 ? 570 GLU A O   1 
ATOM   554 C  CB  . GLU A 1 75 ? -3.326  -0.819  7.774   1.00 9.87  ? 570 GLU A CB  1 
ATOM   555 C  CG  . GLU A 1 75 ? -2.060  -1.216  8.487   1.00 10.40 ? 570 GLU A CG  1 
ATOM   556 C  CD  . GLU A 1 75 ? -1.353  -2.393  7.869   1.00 12.09 ? 570 GLU A CD  1 
ATOM   557 O  OE1 . GLU A 1 75 ? -2.022  -3.290  7.311   1.00 11.81 ? 570 GLU A OE1 1 
ATOM   558 O  OE2 . GLU A 1 75 ? -0.110  -2.414  7.958   1.00 11.10 ? 570 GLU A OE2 1 
ATOM   559 N  N   . ILE A 1 76 ? -6.407  -0.127  7.612   1.00 10.02 ? 571 ILE A N   1 
ATOM   560 C  CA  . ILE A 1 76 ? -7.594  0.403   6.956   1.00 10.15 ? 571 ILE A CA  1 
ATOM   561 C  C   . ILE A 1 76 ? -8.116  1.627   7.702   1.00 10.95 ? 571 ILE A C   1 
ATOM   562 O  O   . ILE A 1 76 ? -8.466  2.646   7.094   1.00 11.53 ? 571 ILE A O   1 
ATOM   563 C  CB  . ILE A 1 76 ? -8.654  -0.706  6.833   1.00 11.50 ? 571 ILE A CB  1 
ATOM   564 C  CG1 . ILE A 1 76 ? -8.190  -1.739  5.808   1.00 15.70 ? 571 ILE A CG1 1 
ATOM   565 C  CG2 . ILE A 1 76 ? -9.991  -0.138  6.445   1.00 10.50 ? 571 ILE A CG2 1 
ATOM   566 C  CD1 . ILE A 1 76 ? -9.084  -2.956  5.740   1.00 15.48 ? 571 ILE A CD1 1 
ATOM   567 N  N   . ALA A 1 77 ? -8.130  1.567   9.036   1.00 10.85 ? 572 ALA A N   1 
ATOM   568 C  CA  . ALA A 1 77 ? -8.604  2.697   9.829   1.00 12.22 ? 572 ALA A CA  1 
ATOM   569 C  C   . ALA A 1 77 ? -7.750  3.941   9.602   1.00 12.48 ? 572 ALA A C   1 
ATOM   570 O  O   . ALA A 1 77 ? -8.279  5.045   9.431   1.00 11.71 ? 572 ALA A O   1 
ATOM   571 C  CB  . ALA A 1 77 ? -8.618  2.317   11.311  1.00 9.94  ? 572 ALA A CB  1 
ATOM   572 N  N   . THR A 1 78 ? -6.421  3.780   9.607   1.00 10.68 ? 573 THR A N   1 
ATOM   573 C  CA  . THR A 1 78 ? -5.530  4.912   9.354   1.00 11.30 ? 573 THR A CA  1 
ATOM   574 C  C   . THR A 1 78 ? -5.748  5.498   7.971   1.00 12.39 ? 573 THR A C   1 
ATOM   575 O  O   . THR A 1 78 ? -5.742  6.725   7.795   1.00 13.36 ? 573 THR A O   1 
ATOM   576 C  CB  . THR A 1 78 ? -4.085  4.465   9.506   1.00 12.19 ? 573 THR A CB  1 
ATOM   577 O  OG1 . THR A 1 78 ? -3.875  4.036   10.854  1.00 13.83 ? 573 THR A OG1 1 
ATOM   578 C  CG2 . THR A 1 78 ? -3.120  5.596   9.151   1.00 13.60 ? 573 THR A CG2 1 
ATOM   579 N  N   . ILE A 1 79 ? -5.935  4.629   6.978   1.00 11.25 ? 574 ILE A N   1 
ATOM   580 C  CA  . ILE A 1 79 ? -6.054  5.078   5.597   1.00 12.19 ? 574 ILE A CA  1 
ATOM   581 C  C   . ILE A 1 79 ? -7.382  5.788   5.365   1.00 13.54 ? 574 ILE A C   1 
ATOM   582 O  O   . ILE A 1 79 ? -7.443  6.782   4.631   1.00 13.15 ? 574 ILE A O   1 
ATOM   583 C  CB  . ILE A 1 79 ? -5.848  3.884   4.644   1.00 11.60 ? 574 ILE A CB  1 
ATOM   584 C  CG1 . ILE A 1 79 ? -4.393  3.416   4.732   1.00 10.39 ? 574 ILE A CG1 1 
ATOM   585 C  CG2 . ILE A 1 79 ? -6.230  4.228   3.205   1.00 11.10 ? 574 ILE A CG2 1 
ATOM   586 C  CD1 . ILE A 1 79 ? -4.142  2.058   4.121   1.00 11.87 ? 574 ILE A CD1 1 
ATOM   587 N  N   . LEU A 1 80 ? -8.458  5.317   6.000   1.00 14.50 ? 575 LEU A N   1 
ATOM   588 C  CA  . LEU A 1 80 ? -9.750  5.950   5.767   1.00 18.47 ? 575 LEU A CA  1 
ATOM   589 C  C   . LEU A 1 80 ? -9.980  7.188   6.622   1.00 20.17 ? 575 LEU A C   1 
ATOM   590 O  O   . LEU A 1 80 ? -10.928 7.931   6.345   1.00 25.43 ? 575 LEU A O   1 
ATOM   591 C  CB  . LEU A 1 80 ? -10.906 4.972   6.003   1.00 22.24 ? 575 LEU A CB  1 
ATOM   592 C  CG  . LEU A 1 80 ? -10.961 3.708   5.147   1.00 20.86 ? 575 LEU A CG  1 
ATOM   593 C  CD1 . LEU A 1 80 ? -11.913 2.680   5.766   1.00 22.95 ? 575 LEU A CD1 1 
ATOM   594 C  CD2 . LEU A 1 80 ? -11.313 4.015   3.704   1.00 22.51 ? 575 LEU A CD2 1 
ATOM   595 N  N   . ALA A 1 81 ? -9.151  7.431   7.631   1.00 16.71 ? 576 ALA A N   1 
ATOM   596 C  CA  . ALA A 1 81 ? -9.313  8.585   8.518   1.00 20.47 ? 576 ALA A CA  1 
ATOM   597 C  C   . ALA A 1 81 ? -9.322  9.911   7.752   1.00 25.77 ? 576 ALA A C   1 
ATOM   598 O  O   . ALA A 1 81 ? -8.450  10.164  6.917   1.00 27.46 ? 576 ALA A O   1 
ATOM   599 C  CB  . ALA A 1 81 ? -8.218  8.589   9.565   1.00 20.62 ? 576 ALA A CB  1 
ATOM   600 N  N   . ARG B 2 1  ? 4.305   -9.107  10.035  1.00 11.55 ? 1   ARG B N   1 
ATOM   601 C  CA  . ARG B 2 1  ? 5.029   -8.091  9.284   1.00 11.24 ? 1   ARG B CA  1 
ATOM   602 C  C   . ARG B 2 1  ? 4.919   -6.754  9.984   1.00 10.54 ? 1   ARG B C   1 
ATOM   603 O  O   . ARG B 2 1  ? 3.978   -6.537  10.757  1.00 12.61 ? 1   ARG B O   1 
ATOM   604 C  CB  . ARG B 2 1  ? 4.453   -7.979  7.865   1.00 9.64  ? 1   ARG B CB  1 
ATOM   605 C  CG  . ARG B 2 1  ? 2.944   -7.730  7.850   1.00 11.11 ? 1   ARG B CG  1 
ATOM   606 C  CD  . ARG B 2 1  ? 2.509   -7.247  6.490   1.00 10.63 ? 1   ARG B CD  1 
ATOM   607 N  NE  . ARG B 2 1  ? 1.071   -6.981  6.445   1.00 10.70 ? 1   ARG B NE  1 
ATOM   608 C  CZ  . ARG B 2 1  ? 0.505   -5.854  6.861   1.00 12.17 ? 1   ARG B CZ  1 
ATOM   609 N  NH1 . ARG B 2 1  ? 1.225   -4.858  7.356   1.00 11.23 ? 1   ARG B NH1 1 
ATOM   610 N  NH2 . ARG B 2 1  ? -0.820  -5.726  6.788   1.00 10.37 ? 1   ARG B NH2 1 
ATOM   611 N  N   . PRO B 2 2  ? 5.863   -5.853  9.727   1.00 12.18 ? 2   PRO B N   1 
ATOM   612 C  CA  . PRO B 2 2  ? 5.636   -4.449  10.073  1.00 12.44 ? 2   PRO B CA  1 
ATOM   613 C  C   . PRO B 2 2  ? 4.458   -3.909  9.282   1.00 12.02 ? 2   PRO B C   1 
ATOM   614 O  O   . PRO B 2 2  ? 3.973   -4.529  8.330   1.00 11.81 ? 2   PRO B O   1 
ATOM   615 C  CB  . PRO B 2 2  ? 6.937   -3.745  9.678   1.00 17.10 ? 2   PRO B CB  1 
ATOM   616 C  CG  . PRO B 2 2  ? 7.629   -4.660  8.753   1.00 20.46 ? 2   PRO B CG  1 
ATOM   617 C  CD  . PRO B 2 2  ? 7.082   -6.050  8.925   1.00 15.57 ? 2   PRO B CD  1 
ATOM   618 N  N   . SER B 2 3  ? 4.011   -2.715  9.660   1.00 11.06 ? 3   SER B N   1 
ATOM   619 C  CA  . SER B 2 3  ? 2.924   -2.075  8.932   1.00 10.17 ? 3   SER B CA  1 
ATOM   620 C  C   . SER B 2 3  ? 3.339   -1.808  7.491   1.00 10.90 ? 3   SER B C   1 
ATOM   621 O  O   . SER B 2 3  ? 4.512   -1.565  7.197   1.00 12.44 ? 3   SER B O   1 
ATOM   622 C  CB  . SER B 2 3  ? 2.536   -0.760  9.609   1.00 12.20 ? 3   SER B CB  1 
ATOM   623 O  OG  . SER B 2 3  ? 1.476   -0.130  8.903   1.00 12.15 ? 3   SER B OG  1 
ATOM   624 N  N   . VAL B 2 4  ? 2.365   -1.873  6.576   1.00 9.18  ? 4   VAL B N   1 
ATOM   625 C  CA  . VAL B 2 4  ? 2.648   -1.432  5.213   1.00 9.84  ? 4   VAL B CA  1 
ATOM   626 C  C   . VAL B 2 4  ? 2.607   0.080   5.085   1.00 10.41 ? 4   VAL B C   1 
ATOM   627 O  O   . VAL B 2 4  ? 2.965   0.613   4.027   1.00 11.15 ? 4   VAL B O   1 
ATOM   628 C  CB  . VAL B 2 4  ? 1.675   -2.031  4.180   1.00 9.30  ? 4   VAL B CB  1 
ATOM   629 C  CG1 . VAL B 2 4  ? 1.834   -3.540  4.109   1.00 10.80 ? 4   VAL B CG1 1 
ATOM   630 C  CG2 . VAL B 2 4  ? 0.245   -1.651  4.500   1.00 10.38 ? 4   VAL B CG2 1 
ATOM   631 N  N   . ILE B 2 5  ? 2.197   0.800   6.128   1.00 10.23 ? 5   ILE B N   1 
ATOM   632 C  CA  . ILE B 2 5  ? 2.111   2.255   6.058   1.00 11.12 ? 5   ILE B CA  1 
ATOM   633 C  C   . ILE B 2 5  ? 3.460   2.837   6.464   1.00 9.79  ? 5   ILE B C   1 
ATOM   634 O  O   . ILE B 2 5  ? 3.969   2.569   7.560   1.00 12.04 ? 5   ILE B O   1 
ATOM   635 C  CB  . ILE B 2 5  ? 0.973   2.797   6.935   1.00 11.44 ? 5   ILE B CB  1 
ATOM   636 C  CG1 . ILE B 2 5  ? -0.360  2.187   6.484   1.00 11.14 ? 5   ILE B CG1 1 
ATOM   637 C  CG2 . ILE B 2 5  ? 0.943   4.333   6.888   1.00 14.68 ? 5   ILE B CG2 1 
ATOM   638 C  CD1 . ILE B 2 5  ? -1.544  2.694   7.264   1.00 13.42 ? 5   ILE B CD1 1 
ATOM   639 N  N   . THR B 2 6  ? 4.043   3.608   5.561   1.00 10.18 ? 6   THR B N   1 
ATOM   640 C  CA  . THR B 2 6  ? 5.350   4.213   5.768   1.00 9.40  ? 6   THR B CA  1 
ATOM   641 C  C   . THR B 2 6  ? 5.230   5.418   6.691   1.00 13.18 ? 6   THR B C   1 
ATOM   642 O  O   . THR B 2 6  ? 6.246   5.976   7.114   1.00 16.15 ? 6   THR B O   1 
ATOM   643 C  CB  . THR B 2 6  ? 5.960   4.641   4.443   1.00 12.80 ? 6   THR B CB  1 
ATOM   644 O  OG1 . THR B 2 6  ? 5.109   5.631   3.854   1.00 12.13 ? 6   THR B OG1 1 
ATOM   645 C  CG2 . THR B 2 6  ? 6.060   3.457   3.500   1.00 13.90 ? 6   THR B CG2 1 
HETATM 646 ZN ZN  . ZN  C 3 .  ? -2.263  7.164   -6.105  1.00 10.00 ? 601 ZN  A ZN  1 
HETATM 647 ZN ZN  . ZN  D 3 .  ? 2.310   -5.624  -4.626  1.00 9.10  ? 602 ZN  A ZN  1 
HETATM 648 ZN ZN  . ZN  E 3 .  ? 21.253  17.376  6.020   1.00 15.53 ? 603 ZN  A ZN  1 
HETATM 649 O  O   . HOH F 4 .  ? -2.556  13.219  -8.714  1.00 27.03 ? 701 HOH A O   1 
HETATM 650 O  O   . HOH F 4 .  ? -12.887 7.313   -1.314  1.00 28.15 ? 702 HOH A O   1 
HETATM 651 O  O   . HOH F 4 .  ? -14.465 -6.675  4.065   1.00 24.29 ? 703 HOH A O   1 
HETATM 652 O  O   . HOH F 4 .  ? -6.246  9.177   6.192   1.00 20.30 ? 704 HOH A O   1 
HETATM 653 O  O   . HOH F 4 .  ? -0.820  -5.347  -12.707 1.00 29.46 ? 705 HOH A O   1 
HETATM 654 O  O   . HOH F 4 .  ? 9.691   -18.199 5.486   1.00 25.94 ? 706 HOH A O   1 
HETATM 655 O  O   . HOH F 4 .  ? -6.633  -1.692  -6.277  1.00 17.13 ? 707 HOH A O   1 
HETATM 656 O  O   . HOH F 4 .  ? 13.551  8.173   -2.393  1.00 15.12 ? 708 HOH A O   1 
HETATM 657 O  O   . HOH F 4 .  ? -16.555 6.429   -3.531  1.00 31.33 ? 709 HOH A O   1 
HETATM 658 O  O   . HOH F 4 .  ? 3.040   -4.320  -11.314 1.00 18.53 ? 710 HOH A O   1 
HETATM 659 O  O   . HOH F 4 .  ? 3.658   -8.707  -8.002  1.00 13.62 ? 711 HOH A O   1 
HETATM 660 O  O   . HOH F 4 .  ? 7.960   14.761  4.545   1.00 10.80 ? 712 HOH A O   1 
HETATM 661 O  O   . HOH F 4 .  ? 14.444  8.443   1.801   1.00 20.17 ? 713 HOH A O   1 
HETATM 662 O  O   . HOH F 4 .  ? 5.684   -2.842  3.555   1.00 12.65 ? 714 HOH A O   1 
HETATM 663 O  O   . HOH F 4 .  ? 0.954   -21.352 3.322   1.00 27.00 ? 715 HOH A O   1 
HETATM 664 O  O   . HOH F 4 .  ? 3.709   5.538   -11.400 1.00 15.23 ? 716 HOH A O   1 
HETATM 665 O  O   . HOH F 4 .  ? -9.833  8.043   -2.663  1.00 12.28 ? 717 HOH A O   1 
HETATM 666 O  O   . HOH F 4 .  ? 6.460   3.255   -7.661  1.00 15.01 ? 718 HOH A O   1 
HETATM 667 O  O   . HOH F 4 .  ? -6.556  -9.814  -8.906  1.00 29.40 ? 719 HOH A O   1 
HETATM 668 O  O   . HOH F 4 .  ? -3.675  -8.091  -5.181  1.00 9.79  ? 720 HOH A O   1 
HETATM 669 O  O   . HOH F 4 .  ? 11.451  9.769   4.175   1.00 13.52 ? 721 HOH A O   1 
HETATM 670 O  O   . HOH F 4 .  ? 2.974   2.240   -12.400 1.00 28.20 ? 722 HOH A O   1 
HETATM 671 O  O   . HOH F 4 .  ? 13.952  7.434   -7.194  1.00 17.59 ? 723 HOH A O   1 
HETATM 672 O  O   . HOH F 4 .  ? 10.052  -8.134  -5.982  1.00 24.90 ? 724 HOH A O   1 
HETATM 673 O  O   . HOH F 4 .  ? -0.591  8.917   0.835   1.00 13.78 ? 725 HOH A O   1 
HETATM 674 O  O   . HOH F 4 .  ? -7.211  -7.097  10.646  1.00 21.13 ? 726 HOH A O   1 
HETATM 675 O  O   . HOH F 4 .  ? 11.777  1.378   -3.387  1.00 26.77 ? 727 HOH A O   1 
HETATM 676 O  O   . HOH F 4 .  ? -1.329  -9.087  -1.692  1.00 8.67  ? 728 HOH A O   1 
HETATM 677 O  O   . HOH F 4 .  ? 1.189   10.306  -0.376  1.00 18.11 ? 729 HOH A O   1 
HETATM 678 O  O   . HOH F 4 .  ? 4.872   -6.996  -11.249 1.00 28.17 ? 730 HOH A O   1 
HETATM 679 O  O   . HOH F 4 .  ? -4.487  8.941   9.032   1.00 28.99 ? 731 HOH A O   1 
HETATM 680 O  O   . HOH F 4 .  ? -16.549 -1.913  0.429   1.00 23.33 ? 732 HOH A O   1 
HETATM 681 O  O   . HOH F 4 .  ? -13.149 1.833   -5.639  1.00 22.66 ? 733 HOH A O   1 
HETATM 682 O  O   . HOH F 4 .  ? 7.642   7.653   4.785   1.00 22.02 ? 734 HOH A O   1 
HETATM 683 O  O   . HOH F 4 .  ? -3.636  -9.839  -11.361 1.00 24.30 ? 735 HOH A O   1 
HETATM 684 O  O   . HOH F 4 .  ? -7.160  -8.105  8.360   1.00 45.47 ? 736 HOH A O   1 
HETATM 685 O  O   . HOH F 4 .  ? -0.157  -15.059 -4.447  1.00 20.75 ? 737 HOH A O   1 
HETATM 686 O  O   . HOH F 4 .  ? -3.230  -6.621  -11.904 1.00 34.92 ? 738 HOH A O   1 
HETATM 687 O  O   . HOH F 4 .  ? -15.447 4.534   -5.273  1.00 38.11 ? 739 HOH A O   1 
HETATM 688 O  O   . HOH F 4 .  ? -4.685  11.462  3.167   1.00 34.29 ? 740 HOH A O   1 
HETATM 689 O  O   . HOH F 4 .  ? 22.276  16.806  4.108   1.00 22.58 ? 741 HOH A O   1 
HETATM 690 O  O   . HOH F 4 .  ? -0.987  11.897  -4.106  1.00 38.06 ? 742 HOH A O   1 
HETATM 691 O  O   . HOH F 4 .  ? -0.584  2.653   -13.534 1.00 19.72 ? 743 HOH A O   1 
HETATM 692 O  O   . HOH F 4 .  ? 21.329  19.303  5.205   1.00 18.37 ? 744 HOH A O   1 
HETATM 693 O  O   . HOH F 4 .  ? 3.014   12.448  10.557  1.00 26.51 ? 745 HOH A O   1 
HETATM 694 O  O   . HOH F 4 .  ? -9.653  -8.972  -2.867  1.00 19.84 ? 746 HOH A O   1 
HETATM 695 O  O   . HOH F 4 .  ? 5.148   -1.329  -10.240 1.00 22.31 ? 747 HOH A O   1 
HETATM 696 O  O   . HOH F 4 .  ? -6.129  12.519  1.545   1.00 36.90 ? 748 HOH A O   1 
HETATM 697 O  O   . HOH F 4 .  ? 8.177   -15.524 -0.544  1.00 27.11 ? 749 HOH A O   1 
HETATM 698 O  O   . HOH F 4 .  ? -7.670  -7.240  4.614   1.00 17.53 ? 750 HOH A O   1 
HETATM 699 O  O   . HOH F 4 .  ? -7.356  2.141   -6.488  1.00 29.49 ? 751 HOH A O   1 
HETATM 700 O  O   . HOH F 4 .  ? 4.799   1.137   -10.063 1.00 19.94 ? 752 HOH A O   1 
HETATM 701 O  O   . HOH F 4 .  ? -11.645 -6.766  10.663  1.00 34.46 ? 753 HOH A O   1 
HETATM 702 O  O   . HOH F 4 .  ? 1.717   -16.213 -3.421  1.00 24.71 ? 754 HOH A O   1 
HETATM 703 O  O   . HOH F 4 .  ? 6.163   13.356  -2.297  1.00 17.82 ? 755 HOH A O   1 
HETATM 704 O  O   . HOH F 4 .  ? 9.183   2.154   1.190   1.00 23.76 ? 756 HOH A O   1 
HETATM 705 O  O   . HOH F 4 .  ? 11.105  17.811  -8.144  1.00 30.15 ? 757 HOH A O   1 
HETATM 706 O  O   . HOH F 4 .  ? -5.399  5.283   13.033  1.00 36.07 ? 758 HOH A O   1 
HETATM 707 O  O   . HOH F 4 .  ? 10.000  3.639   -0.379  1.00 18.20 ? 759 HOH A O   1 
HETATM 708 O  O   . HOH F 4 .  ? 9.539   -13.375 0.039   1.00 21.76 ? 760 HOH A O   1 
HETATM 709 O  O   . HOH F 4 .  ? 1.855   11.926  4.623   1.00 20.10 ? 761 HOH A O   1 
HETATM 710 O  O   . HOH F 4 .  ? 17.347  17.038  -1.088  1.00 25.97 ? 762 HOH A O   1 
HETATM 711 O  O   . HOH F 4 .  ? 9.927   -3.499  -7.905  1.00 18.54 ? 763 HOH A O   1 
HETATM 712 O  O   . HOH F 4 .  ? 13.779  14.639  -5.440  1.00 22.72 ? 764 HOH A O   1 
HETATM 713 O  O   . HOH F 4 .  ? 9.991   7.809   1.264   1.00 18.39 ? 765 HOH A O   1 
HETATM 714 O  O   . HOH F 4 .  ? 16.841  9.690   -1.479  1.00 23.78 ? 766 HOH A O   1 
HETATM 715 O  O   . HOH F 4 .  ? -6.498  -8.341  -5.241  1.00 14.20 ? 767 HOH A O   1 
HETATM 716 O  O   . HOH F 4 .  ? -1.895  1.816   11.003  1.00 21.88 ? 768 HOH A O   1 
HETATM 717 O  O   . HOH F 4 .  ? -5.104  2.629   13.486  1.00 22.35 ? 769 HOH A O   1 
HETATM 718 O  O   . HOH F 4 .  ? 9.041   -4.291  -9.843  1.00 37.30 ? 770 HOH A O   1 
HETATM 719 O  O   . HOH F 4 .  ? -11.157 5.660   9.984   1.00 23.91 ? 771 HOH A O   1 
HETATM 720 O  O   . HOH F 4 .  ? -9.647  10.177  -0.912  1.00 17.69 ? 772 HOH A O   1 
HETATM 721 O  O   . HOH F 4 .  ? 8.651   5.910   -8.701  1.00 20.98 ? 773 HOH A O   1 
HETATM 722 O  O   . HOH F 4 .  ? 21.087  15.166  6.650   1.00 17.76 ? 774 HOH A O   1 
HETATM 723 O  O   . HOH F 4 .  ? 18.459  18.536  0.598   1.00 28.77 ? 775 HOH A O   1 
HETATM 724 O  O   . HOH F 4 .  ? 10.867  -6.189  -0.985  1.00 27.43 ? 776 HOH A O   1 
HETATM 725 O  O   . HOH F 4 .  ? 7.128   16.514  -9.190  1.00 32.60 ? 777 HOH A O   1 
HETATM 726 O  O   . HOH F 4 .  ? 9.189   -3.707  -0.831  1.00 31.32 ? 778 HOH A O   1 
HETATM 727 O  O   . HOH F 4 .  ? -0.733  10.487  3.739   1.00 33.61 ? 779 HOH A O   1 
HETATM 728 O  O   . HOH F 4 .  ? -12.770 7.670   3.955   1.00 35.20 ? 780 HOH A O   1 
HETATM 729 O  O   . HOH F 4 .  ? -12.799 6.903   0.459   1.00 40.11 ? 781 HOH A O   1 
HETATM 730 O  O   . HOH F 4 .  ? 20.955  16.664  2.122   1.00 34.95 ? 782 HOH A O   1 
HETATM 731 O  O   . HOH F 4 .  ? 10.432  -19.362 3.645   1.00 35.54 ? 783 HOH A O   1 
HETATM 732 O  O   . HOH F 4 .  ? 8.771   4.775   -7.174  1.00 21.41 ? 784 HOH A O   1 
HETATM 733 O  O   . HOH F 4 .  ? 5.102   10.597  11.289  1.00 28.87 ? 785 HOH A O   1 
HETATM 734 O  O   . HOH F 4 .  ? 6.123   -17.312 -2.852  1.00 30.71 ? 786 HOH A O   1 
HETATM 735 O  O   . HOH F 4 .  ? 0.035   -23.504 1.213   1.00 21.00 ? 787 HOH A O   1 
HETATM 736 O  O   . HOH F 4 .  ? 9.366   -3.302  1.016   1.00 33.40 ? 788 HOH A O   1 
HETATM 737 O  O   . HOH F 4 .  ? 3.975   4.533   -14.318 1.00 29.36 ? 789 HOH A O   1 
HETATM 738 O  O   . HOH F 4 .  ? -11.219 10.207  3.844   1.00 36.78 ? 790 HOH A O   1 
HETATM 739 O  O   . HOH F 4 .  ? -12.762 9.183   8.995   1.00 25.71 ? 791 HOH A O   1 
HETATM 740 O  O   . HOH F 4 .  ? 5.726   -17.884 6.471   1.00 25.89 ? 792 HOH A O   1 
HETATM 741 O  O   . HOH F 4 .  ? 19.991  13.486  4.784   1.00 26.90 ? 793 HOH A O   1 
HETATM 742 O  O   . HOH F 4 .  ? 20.544  14.340  2.748   1.00 36.08 ? 794 HOH A O   1 
HETATM 743 O  O   . HOH F 4 .  ? 5.576   16.038  3.343   1.00 16.56 ? 795 HOH A O   1 
HETATM 744 O  O   . HOH F 4 .  ? -8.112  -14.238 -10.161 1.00 41.22 ? 796 HOH A O   1 
HETATM 745 O  O   . HOH F 4 .  ? -4.843  15.066  -6.798  1.00 35.89 ? 797 HOH A O   1 
HETATM 746 O  O   . HOH F 4 .  ? -8.395  0.293   -7.016  1.00 23.50 ? 798 HOH A O   1 
HETATM 747 O  O   . HOH F 4 .  ? 9.135   18.323  -9.930  1.00 29.71 ? 799 HOH A O   1 
HETATM 748 O  O   . HOH F 4 .  ? -2.415  -0.400  12.778  1.00 32.67 ? 800 HOH A O   1 
HETATM 749 O  O   . HOH F 4 .  ? -14.015 -7.490  11.519  1.00 34.71 ? 801 HOH A O   1 
HETATM 750 O  O   . HOH F 4 .  ? 11.323  1.004   -6.456  1.00 29.49 ? 802 HOH A O   1 
HETATM 751 O  O   . HOH F 4 .  ? 18.249  12.777  -3.872  1.00 34.24 ? 803 HOH A O   1 
HETATM 752 O  O   . HOH F 4 .  ? 16.520  8.257   0.325   1.00 38.77 ? 804 HOH A O   1 
HETATM 753 O  O   . HOH F 4 .  ? 0.383   7.057   9.852   1.00 32.17 ? 805 HOH A O   1 
HETATM 754 O  O   . HOH F 4 .  ? 0.744   9.786   -16.439 1.00 37.66 ? 806 HOH A O   1 
HETATM 755 O  O   . HOH F 4 .  ? 12.548  7.402   0.223   1.00 16.63 ? 807 HOH A O   1 
HETATM 756 O  O   . HOH F 4 .  ? 3.901   15.264  3.803   1.00 28.93 ? 808 HOH A O   1 
HETATM 757 O  O   . HOH F 4 .  ? 9.474   -15.861 7.112   1.00 25.58 ? 809 HOH A O   1 
HETATM 758 O  O   . HOH F 4 .  ? 6.957   2.907   -10.462 1.00 22.50 ? 810 HOH A O   1 
HETATM 759 O  O   . HOH F 4 .  ? -4.427  11.318  6.343   1.00 41.04 ? 811 HOH A O   1 
HETATM 760 O  O   . HOH F 4 .  ? 0.746   13.217  6.937   1.00 39.00 ? 812 HOH A O   1 
HETATM 761 O  O   . HOH F 4 .  ? -2.901  11.212  1.497   1.00 32.59 ? 813 HOH A O   1 
HETATM 762 O  O   . HOH F 4 .  ? 14.797  6.430   -4.443  1.00 22.92 ? 814 HOH A O   1 
HETATM 763 O  O   . HOH F 4 .  ? -12.362 6.790   2.338   1.00 39.97 ? 815 HOH A O   1 
HETATM 764 O  O   . HOH F 4 .  ? 3.152   -2.329  -12.286 1.00 35.87 ? 816 HOH A O   1 
HETATM 765 O  O   . HOH F 4 .  ? 0.697   13.100  0.145   1.00 33.28 ? 817 HOH A O   1 
HETATM 766 O  O   . HOH F 4 .  ? 13.625  3.234   -2.525  1.00 41.97 ? 818 HOH A O   1 
HETATM 767 O  O   . HOH F 4 .  ? 9.718   3.043   -7.939  1.00 27.03 ? 819 HOH A O   1 
HETATM 768 O  O   . HOH F 4 .  ? -1.287  8.847   8.480   1.00 31.99 ? 820 HOH A O   1 
HETATM 769 O  O   . HOH F 4 .  ? 10.073  -6.315  -8.162  1.00 31.11 ? 821 HOH A O   1 
HETATM 770 O  O   . HOH F 4 .  ? -1.588  10.804  6.119   1.00 35.92 ? 822 HOH A O   1 
HETATM 771 O  O   . HOH F 4 .  ? 12.487  4.689   0.089   1.00 22.93 ? 823 HOH A O   1 
HETATM 772 O  O   . HOH G 4 .  ? 8.715   4.805   7.316   1.00 22.97 ? 101 HOH B O   1 
HETATM 773 O  O   . HOH G 4 .  ? 6.291   7.231   9.550   1.00 21.35 ? 102 HOH B O   1 
HETATM 774 O  O   . HOH G 4 .  ? 5.086   -4.598  5.703   1.00 13.83 ? 103 HOH B O   1 
HETATM 775 O  O   . HOH G 4 .  ? 5.184   -1.399  11.965  1.00 18.40 ? 104 HOH B O   1 
HETATM 776 O  O   . HOH G 4 .  ? 0.317   1.861   10.912  1.00 31.62 ? 105 HOH B O   1 
# 
